data_7MMS
#
_entry.id   7MMS
#
_cell.length_a   77.354
_cell.length_b   104.787
_cell.length_c   137.412
_cell.angle_alpha   90.000
_cell.angle_beta   100.290
_cell.angle_gamma   90.000
#
_symmetry.space_group_name_H-M   'P 1 21 1'
#
loop_
_entity.id
_entity.type
_entity.pdbx_description
1 polymer 'Ribonucleoside-diphosphate reductase'
2 polymer 'Protein NrdI'
3 non-polymer 'COPPER (I) ION'
4 non-polymer GLYCEROL
5 non-polymer 'CALCIUM ION'
6 non-polymer 1-DEOXY-1-(7,8-DIMETHYL-2,4-DIOXO-3,4-DIHYDRO-2H-BENZO[G]PTERIDIN-1-ID-10(5H)-YL)-5-O-PHOSPHONATO-D-RIBITOL
7 water water
#
loop_
_entity_poly.entity_id
_entity_poly.type
_entity_poly.pdbx_seq_one_letter_code
_entity_poly.pdbx_strand_id
1 'polypeptide(L)'
;SNILEMTKNYYDRSVSPVEYAYFDQSQNMRAINWNKIVDEKDLEVWNRVTQNFWLPENIPVSNDLPSWNELDDDWQQLIT
RTFTGLTLLDTVQSSIGDVAQIKNSLTEQEQVIYANFAFMVGVHARSYGTIFSTLCTSEQIEEAHEWVVDNEALQARPKA
LIPFYTADDPLKSKIAAALMPGFLLYGGFYLPFYLSARGKLPNTSDIIRLILRDKVIHNFYSGYKYQLKVAKLSPEKQAE
MKQFVFDLLDKMIGLEKTYLHQLYDGFGLADEAIRFSLYNAGKFLQNLGYESPFTKEETRIAPEVFAQLSARADENHDFF
SGSGSSYIIGTSEETLDEDWDF
;
A,B,C,D
2 'polypeptide(L)'
;SNILEMKELIVYFSTQSNNTHRFVQKLDAESIRIPIDEEERIKVDEDYVLIVPTYSGGKVTDAGQVDAHGAVPKQVIHFL
NDPDNRKHCLGVISSGNTNFGDSFAIAGPVISYKLKVPLLYQFELIGTKEDVEEVNRIISETFNADQ
;
E,G,F,H
#
# COMPACT_ATOMS: atom_id res chain seq x y z
N ASN A 9 11.12 -25.23 -8.65
CA ASN A 9 12.18 -24.23 -8.31
C ASN A 9 11.63 -23.29 -7.22
N TYR A 10 12.31 -23.24 -6.06
CA TYR A 10 11.92 -22.43 -4.87
C TYR A 10 11.66 -20.98 -5.29
N TYR A 11 12.48 -20.45 -6.22
CA TYR A 11 12.50 -19.02 -6.63
C TYR A 11 11.15 -18.63 -7.25
N ASP A 12 10.57 -19.52 -8.06
CA ASP A 12 9.34 -19.23 -8.85
C ASP A 12 8.08 -19.36 -7.97
N ARG A 13 8.21 -19.92 -6.76
CA ARG A 13 7.06 -20.13 -5.82
C ARG A 13 7.34 -19.41 -4.50
N SER A 14 8.15 -18.35 -4.53
CA SER A 14 8.46 -17.50 -3.36
C SER A 14 8.69 -16.05 -3.84
N VAL A 15 8.64 -15.09 -2.91
CA VAL A 15 8.84 -13.65 -3.18
C VAL A 15 9.99 -13.15 -2.31
N SER A 16 10.68 -12.08 -2.73
CA SER A 16 11.66 -11.36 -1.89
C SER A 16 10.89 -10.69 -0.74
N PRO A 17 11.51 -10.52 0.45
CA PRO A 17 10.85 -9.83 1.56
C PRO A 17 10.16 -8.51 1.19
N VAL A 18 10.78 -7.68 0.35
CA VAL A 18 10.25 -6.31 0.02
C VAL A 18 9.00 -6.46 -0.85
N GLU A 19 8.95 -7.51 -1.70
CA GLU A 19 7.74 -7.87 -2.49
C GLU A 19 6.64 -8.30 -1.52
N TYR A 20 6.96 -9.18 -0.57
CA TYR A 20 6.05 -9.66 0.50
C TYR A 20 5.48 -8.45 1.27
N ALA A 21 6.36 -7.58 1.75
CA ALA A 21 6.04 -6.41 2.61
C ALA A 21 4.96 -5.53 1.95
N TYR A 22 5.13 -5.17 0.67
CA TYR A 22 4.38 -4.07 0.02
C TYR A 22 3.38 -4.56 -1.03
N PHE A 23 3.55 -5.76 -1.61
CA PHE A 23 2.82 -6.15 -2.84
C PHE A 23 2.11 -7.50 -2.73
N ASP A 24 2.67 -8.51 -2.05
CA ASP A 24 2.14 -9.90 -2.14
C ASP A 24 2.50 -10.71 -0.88
N GLN A 25 1.56 -10.80 0.07
CA GLN A 25 1.71 -11.59 1.33
C GLN A 25 1.17 -13.02 1.15
N SER A 26 0.86 -13.44 -0.08
CA SER A 26 0.23 -14.76 -0.39
C SER A 26 1.28 -15.87 -0.53
N GLN A 27 2.57 -15.52 -0.53
CA GLN A 27 3.70 -16.47 -0.74
C GLN A 27 4.73 -16.32 0.39
N ASN A 28 5.51 -17.37 0.65
CA ASN A 28 6.61 -17.36 1.65
C ASN A 28 7.81 -16.61 1.05
N MET A 29 8.70 -16.12 1.91
CA MET A 29 9.84 -15.25 1.51
C MET A 29 11.06 -16.12 1.21
N ARG A 30 11.85 -15.72 0.21
CA ARG A 30 13.17 -16.30 -0.11
C ARG A 30 14.27 -15.32 0.31
N ALA A 31 15.32 -15.85 0.93
CA ALA A 31 16.61 -15.13 1.16
C ALA A 31 17.21 -14.75 -0.19
N ILE A 32 17.95 -13.65 -0.25
CA ILE A 32 18.73 -13.25 -1.46
C ILE A 32 19.69 -14.39 -1.80
N ASN A 33 19.81 -14.70 -3.08
CA ASN A 33 20.75 -15.73 -3.62
C ASN A 33 21.82 -15.00 -4.46
N TRP A 34 23.02 -14.85 -3.89
CA TRP A 34 24.22 -14.25 -4.54
C TRP A 34 25.03 -15.34 -5.27
N ASN A 35 24.59 -16.60 -5.21
CA ASN A 35 25.29 -17.77 -5.80
C ASN A 35 24.70 -18.10 -7.16
N LYS A 36 23.38 -17.92 -7.32
CA LYS A 36 22.64 -18.07 -8.61
C LYS A 36 22.02 -16.71 -8.95
N ILE A 37 22.67 -15.96 -9.84
CA ILE A 37 22.40 -14.51 -10.12
C ILE A 37 21.61 -14.41 -11.43
N VAL A 38 20.44 -13.76 -11.40
CA VAL A 38 19.53 -13.57 -12.57
C VAL A 38 20.22 -12.69 -13.61
N ASP A 39 20.85 -11.59 -13.18
CA ASP A 39 21.45 -10.58 -14.10
C ASP A 39 22.89 -10.27 -13.65
N GLU A 40 23.86 -10.73 -14.44
CA GLU A 40 25.32 -10.50 -14.19
C GLU A 40 25.62 -9.00 -14.13
N LYS A 41 24.85 -8.16 -14.83
CA LYS A 41 25.02 -6.68 -14.82
C LYS A 41 24.92 -6.16 -13.38
N ASP A 42 24.04 -6.75 -12.55
CA ASP A 42 23.88 -6.41 -11.11
C ASP A 42 25.20 -6.66 -10.37
N LEU A 43 25.87 -7.79 -10.60
CA LEU A 43 27.15 -8.13 -9.94
C LEU A 43 28.23 -7.12 -10.37
N GLU A 44 28.30 -6.85 -11.68
CA GLU A 44 29.15 -5.81 -12.32
C GLU A 44 29.03 -4.51 -11.51
N VAL A 45 27.81 -4.00 -11.35
CA VAL A 45 27.53 -2.67 -10.74
C VAL A 45 27.84 -2.74 -9.23
N TRP A 46 27.39 -3.79 -8.54
CA TRP A 46 27.63 -3.98 -7.09
C TRP A 46 29.14 -3.93 -6.81
N ASN A 47 29.92 -4.72 -7.55
CA ASN A 47 31.39 -4.82 -7.35
C ASN A 47 32.03 -3.43 -7.52
N ARG A 48 31.63 -2.66 -8.52
CA ARG A 48 32.26 -1.35 -8.83
C ARG A 48 31.92 -0.33 -7.74
N VAL A 49 30.64 -0.18 -7.37
CA VAL A 49 30.20 0.89 -6.43
C VAL A 49 30.77 0.58 -5.03
N THR A 50 30.82 -0.69 -4.61
CA THR A 50 31.38 -1.11 -3.30
C THR A 50 32.91 -0.95 -3.31
N GLN A 51 33.58 -1.32 -4.41
CA GLN A 51 35.05 -1.16 -4.58
C GLN A 51 35.39 0.35 -4.64
N ASN A 52 34.44 1.20 -5.06
CA ASN A 52 34.66 2.66 -5.21
C ASN A 52 34.26 3.42 -3.95
N PHE A 53 33.99 2.72 -2.84
CA PHE A 53 33.65 3.35 -1.54
C PHE A 53 34.71 4.40 -1.20
N TRP A 54 34.27 5.57 -0.75
CA TRP A 54 35.16 6.70 -0.31
C TRP A 54 34.43 7.55 0.73
N LEU A 55 35.20 8.31 1.51
CA LEU A 55 34.69 9.30 2.49
C LEU A 55 35.43 10.62 2.28
N PRO A 56 34.75 11.77 2.45
CA PRO A 56 35.35 13.07 2.17
C PRO A 56 36.59 13.38 3.02
N GLU A 57 36.74 12.72 4.18
CA GLU A 57 37.94 12.82 5.06
C GLU A 57 39.19 12.32 4.34
N ASN A 58 39.04 11.47 3.31
CA ASN A 58 40.14 10.91 2.49
C ASN A 58 40.86 12.02 1.70
N ILE A 59 40.22 13.19 1.52
CA ILE A 59 40.72 14.29 0.64
C ILE A 59 41.17 15.45 1.54
N PRO A 60 42.42 15.95 1.36
CA PRO A 60 42.92 17.08 2.15
C PRO A 60 42.45 18.43 1.58
N VAL A 61 41.23 18.84 1.96
CA VAL A 61 40.58 20.08 1.44
C VAL A 61 41.26 21.32 2.04
N SER A 62 41.93 21.17 3.19
CA SER A 62 42.70 22.25 3.87
C SER A 62 43.72 22.88 2.90
N ASN A 63 44.20 22.12 1.90
CA ASN A 63 45.18 22.61 0.89
C ASN A 63 44.49 23.55 -0.11
N ASP A 64 43.16 23.71 -0.06
CA ASP A 64 42.40 24.67 -0.91
C ASP A 64 42.36 26.06 -0.26
N LEU A 65 42.71 26.18 1.02
CA LEU A 65 42.60 27.45 1.80
C LEU A 65 43.29 28.59 1.06
N PRO A 66 44.55 28.44 0.57
CA PRO A 66 45.23 29.52 -0.16
C PRO A 66 44.42 30.09 -1.35
N SER A 67 43.92 29.23 -2.24
CA SER A 67 43.16 29.63 -3.45
C SER A 67 41.78 30.18 -3.05
N TRP A 68 41.19 29.63 -1.99
CA TRP A 68 39.88 30.06 -1.42
C TRP A 68 39.97 31.51 -0.92
N ASN A 69 41.04 31.85 -0.20
CA ASN A 69 41.23 33.16 0.46
C ASN A 69 41.46 34.26 -0.59
N GLU A 70 41.89 33.89 -1.81
CA GLU A 70 42.08 34.82 -2.95
C GLU A 70 40.74 35.22 -3.57
N LEU A 71 39.68 34.42 -3.34
CA LEU A 71 38.30 34.71 -3.84
C LEU A 71 37.66 35.78 -2.96
N ASP A 72 36.91 36.71 -3.56
CA ASP A 72 36.17 37.78 -2.83
C ASP A 72 34.91 37.17 -2.20
N ASP A 73 34.21 37.96 -1.38
CA ASP A 73 33.02 37.54 -0.60
C ASP A 73 31.90 37.08 -1.55
N ASP A 74 31.80 37.66 -2.74
CA ASP A 74 30.75 37.33 -3.75
C ASP A 74 30.96 35.90 -4.26
N TRP A 75 32.20 35.56 -4.65
CA TRP A 75 32.58 34.23 -5.21
C TRP A 75 32.49 33.15 -4.12
N GLN A 76 32.92 33.46 -2.90
CA GLN A 76 32.83 32.55 -1.72
C GLN A 76 31.35 32.24 -1.44
N GLN A 77 30.49 33.26 -1.50
CA GLN A 77 29.01 33.15 -1.29
C GLN A 77 28.40 32.28 -2.40
N LEU A 78 28.77 32.54 -3.66
CA LEU A 78 28.30 31.77 -4.84
C LEU A 78 28.58 30.28 -4.62
N ILE A 79 29.81 29.93 -4.20
CA ILE A 79 30.26 28.52 -4.00
C ILE A 79 29.43 27.89 -2.88
N THR A 80 29.28 28.59 -1.74
CA THR A 80 28.55 28.08 -0.54
C THR A 80 27.09 27.83 -0.92
N ARG A 81 26.47 28.77 -1.63
CA ARG A 81 25.06 28.68 -2.11
C ARG A 81 24.91 27.51 -3.09
N THR A 82 25.80 27.44 -4.09
CA THR A 82 25.76 26.39 -5.14
C THR A 82 25.81 25.01 -4.47
N PHE A 83 26.77 24.81 -3.58
CA PHE A 83 27.05 23.51 -2.92
C PHE A 83 25.93 23.17 -1.92
N THR A 84 25.32 24.16 -1.25
CA THR A 84 24.17 23.92 -0.33
C THR A 84 22.96 23.51 -1.18
N GLY A 85 22.79 24.10 -2.35
CA GLY A 85 21.77 23.69 -3.35
C GLY A 85 21.95 22.25 -3.77
N LEU A 86 23.18 21.82 -4.04
CA LEU A 86 23.51 20.42 -4.44
C LEU A 86 23.28 19.49 -3.25
N THR A 87 23.63 19.93 -2.03
CA THR A 87 23.37 19.20 -0.76
C THR A 87 21.88 18.88 -0.66
N LEU A 88 21.01 19.85 -0.95
CA LEU A 88 19.53 19.64 -0.92
C LEU A 88 19.16 18.47 -1.85
N LEU A 89 19.62 18.51 -3.10
CA LEU A 89 19.25 17.51 -4.14
C LEU A 89 19.75 16.12 -3.71
N ASP A 90 20.97 16.05 -3.15
CA ASP A 90 21.53 14.77 -2.61
C ASP A 90 20.70 14.30 -1.41
N THR A 91 20.24 15.21 -0.54
CA THR A 91 19.40 14.88 0.63
C THR A 91 18.08 14.26 0.12
N VAL A 92 17.48 14.86 -0.91
CA VAL A 92 16.24 14.35 -1.56
C VAL A 92 16.50 12.91 -2.03
N GLN A 93 17.58 12.69 -2.77
CA GLN A 93 17.86 11.41 -3.47
C GLN A 93 18.24 10.31 -2.46
N SER A 94 18.99 10.66 -1.41
CA SER A 94 19.40 9.72 -0.33
C SER A 94 18.18 9.29 0.51
N SER A 95 17.37 10.26 0.95
CA SER A 95 16.30 10.04 1.98
C SER A 95 14.99 9.56 1.34
N ILE A 96 14.77 9.81 0.04
CA ILE A 96 13.49 9.49 -0.67
C ILE A 96 13.76 8.66 -1.92
N GLY A 97 14.53 9.21 -2.87
CA GLY A 97 14.58 8.75 -4.27
C GLY A 97 15.12 7.34 -4.41
N ASP A 98 16.33 7.09 -3.92
CA ASP A 98 17.02 5.79 -4.10
C ASP A 98 16.34 4.72 -3.25
N VAL A 99 15.92 5.02 -2.02
CA VAL A 99 15.27 4.01 -1.14
C VAL A 99 13.90 3.62 -1.73
N ALA A 100 13.19 4.56 -2.37
CA ALA A 100 11.89 4.31 -3.06
C ALA A 100 12.07 3.26 -4.16
N GLN A 101 13.25 3.18 -4.78
CA GLN A 101 13.52 2.25 -5.91
C GLN A 101 13.57 0.79 -5.44
N ILE A 102 13.89 0.55 -4.16
CA ILE A 102 14.20 -0.82 -3.64
C ILE A 102 12.99 -1.74 -3.91
N LYS A 103 11.78 -1.31 -3.56
CA LYS A 103 10.57 -2.17 -3.63
C LYS A 103 10.14 -2.40 -5.08
N ASN A 104 10.63 -1.61 -6.03
CA ASN A 104 10.27 -1.68 -7.47
C ASN A 104 11.33 -2.46 -8.27
N SER A 105 12.23 -3.19 -7.58
CA SER A 105 13.39 -3.88 -8.17
C SER A 105 12.96 -5.08 -9.02
N LEU A 106 13.66 -5.32 -10.14
CA LEU A 106 13.47 -6.49 -11.03
C LEU A 106 14.19 -7.70 -10.44
N THR A 107 15.30 -7.48 -9.71
CA THR A 107 16.16 -8.56 -9.16
C THR A 107 16.43 -8.34 -7.68
N GLU A 108 16.88 -9.39 -6.99
CA GLU A 108 17.24 -9.36 -5.55
C GLU A 108 18.42 -8.40 -5.34
N GLN A 109 19.46 -8.51 -6.17
CA GLN A 109 20.73 -7.74 -6.03
C GLN A 109 20.43 -6.24 -6.19
N GLU A 110 19.52 -5.90 -7.10
CA GLU A 110 19.08 -4.50 -7.37
C GLU A 110 18.62 -3.83 -6.08
N GLN A 111 17.92 -4.56 -5.21
CA GLN A 111 17.42 -4.07 -3.89
C GLN A 111 18.59 -3.57 -3.04
N VAL A 112 19.71 -4.32 -3.04
CA VAL A 112 20.90 -4.03 -2.18
C VAL A 112 21.70 -2.89 -2.84
N ILE A 113 21.79 -2.89 -4.17
CA ILE A 113 22.49 -1.83 -4.94
C ILE A 113 21.84 -0.47 -4.65
N TYR A 114 20.51 -0.40 -4.61
CA TYR A 114 19.81 0.89 -4.34
C TYR A 114 20.03 1.33 -2.88
N ALA A 115 20.22 0.38 -1.94
CA ALA A 115 20.59 0.69 -0.55
C ALA A 115 21.99 1.31 -0.53
N ASN A 116 22.91 0.79 -1.35
CA ASN A 116 24.27 1.38 -1.50
C ASN A 116 24.16 2.79 -2.09
N PHE A 117 23.34 2.97 -3.14
CA PHE A 117 23.12 4.28 -3.81
C PHE A 117 22.67 5.32 -2.77
N ALA A 118 21.64 4.99 -1.98
CA ALA A 118 21.06 5.88 -0.95
C ALA A 118 22.16 6.30 0.05
N PHE A 119 22.95 5.34 0.52
CA PHE A 119 24.09 5.59 1.45
C PHE A 119 25.12 6.52 0.77
N MET A 120 25.56 6.20 -0.44
CA MET A 120 26.68 6.94 -1.10
C MET A 120 26.22 8.35 -1.50
N VAL A 121 24.96 8.56 -1.87
CA VAL A 121 24.43 9.94 -2.16
C VAL A 121 24.40 10.72 -0.83
N GLY A 122 24.15 10.03 0.28
CA GLY A 122 24.31 10.57 1.66
C GLY A 122 25.73 11.05 1.90
N VAL A 123 26.73 10.28 1.46
CA VAL A 123 28.18 10.64 1.55
C VAL A 123 28.45 11.86 0.66
N HIS A 124 27.82 11.95 -0.51
CA HIS A 124 27.94 13.13 -1.42
C HIS A 124 27.49 14.39 -0.67
N ALA A 125 26.27 14.36 -0.11
CA ALA A 125 25.69 15.48 0.67
C ALA A 125 26.64 15.86 1.80
N ARG A 126 27.17 14.86 2.51
CA ARG A 126 28.08 15.03 3.68
C ARG A 126 29.39 15.71 3.24
N SER A 127 29.87 15.42 2.04
N SER A 127 29.89 15.40 2.04
CA SER A 127 31.18 15.90 1.50
CA SER A 127 31.16 15.89 1.48
C SER A 127 31.19 17.42 1.40
C SER A 127 31.18 17.42 1.41
N TYR A 128 30.04 18.04 1.06
CA TYR A 128 29.90 19.53 0.99
C TYR A 128 30.08 20.12 2.39
N GLY A 129 29.51 19.47 3.41
CA GLY A 129 29.71 19.80 4.84
C GLY A 129 31.18 19.81 5.21
N THR A 130 31.95 18.83 4.72
CA THR A 130 33.41 18.70 4.98
C THR A 130 34.14 19.91 4.38
N ILE A 131 33.77 20.31 3.16
CA ILE A 131 34.37 21.49 2.46
C ILE A 131 34.06 22.75 3.28
N PHE A 132 32.81 22.93 3.68
CA PHE A 132 32.29 24.12 4.42
C PHE A 132 33.02 24.24 5.77
N SER A 133 33.24 23.10 6.45
CA SER A 133 33.95 23.01 7.75
C SER A 133 35.36 23.58 7.61
N THR A 134 36.02 23.35 6.47
CA THR A 134 37.43 23.74 6.18
C THR A 134 37.49 25.21 5.73
N LEU A 135 36.59 25.64 4.85
CA LEU A 135 36.75 26.91 4.07
C LEU A 135 35.84 28.03 4.60
N CYS A 136 34.61 27.72 4.99
CA CYS A 136 33.53 28.73 5.22
C CYS A 136 33.43 29.13 6.69
N THR A 137 32.95 30.35 6.94
CA THR A 137 32.56 30.86 8.28
C THR A 137 31.16 30.31 8.61
N SER A 138 30.77 30.30 9.89
CA SER A 138 29.42 29.91 10.38
C SER A 138 28.36 30.79 9.72
N GLU A 139 28.68 32.07 9.47
CA GLU A 139 27.79 33.08 8.84
C GLU A 139 27.55 32.68 7.38
N GLN A 140 28.61 32.35 6.64
CA GLN A 140 28.53 31.92 5.21
C GLN A 140 27.66 30.67 5.11
N ILE A 141 27.85 29.70 6.03
CA ILE A 141 27.11 28.41 6.06
C ILE A 141 25.62 28.70 6.31
N GLU A 142 25.31 29.46 7.37
CA GLU A 142 23.91 29.78 7.78
C GLU A 142 23.20 30.56 6.66
N GLU A 143 23.88 31.53 6.04
CA GLU A 143 23.34 32.38 4.94
C GLU A 143 22.93 31.50 3.77
N ALA A 144 23.79 30.53 3.38
CA ALA A 144 23.55 29.60 2.26
C ALA A 144 22.30 28.77 2.53
N HIS A 145 22.11 28.28 3.76
CA HIS A 145 20.94 27.49 4.18
C HIS A 145 19.66 28.32 4.06
N GLU A 146 19.68 29.56 4.58
CA GLU A 146 18.57 30.55 4.47
C GLU A 146 18.21 30.75 3.00
N TRP A 147 19.23 31.00 2.16
CA TRP A 147 19.09 31.27 0.71
C TRP A 147 18.41 30.10 0.01
N VAL A 148 18.80 28.86 0.34
CA VAL A 148 18.26 27.62 -0.30
C VAL A 148 16.77 27.49 0.08
N VAL A 149 16.44 27.66 1.35
CA VAL A 149 15.04 27.54 1.88
C VAL A 149 14.14 28.56 1.16
N ASP A 150 14.64 29.78 0.93
CA ASP A 150 13.83 30.94 0.45
C ASP A 150 13.86 31.09 -1.07
N ASN A 151 14.72 30.34 -1.77
CA ASN A 151 14.86 30.42 -3.25
C ASN A 151 13.81 29.50 -3.90
N GLU A 152 12.71 30.08 -4.41
CA GLU A 152 11.55 29.30 -4.97
C GLU A 152 11.98 28.57 -6.25
N ALA A 153 12.83 29.20 -7.08
CA ALA A 153 13.35 28.61 -8.34
C ALA A 153 14.17 27.35 -8.04
N LEU A 154 14.98 27.38 -6.96
CA LEU A 154 15.77 26.21 -6.48
C LEU A 154 14.79 25.11 -6.03
N GLN A 155 13.86 25.45 -5.14
CA GLN A 155 12.89 24.53 -4.50
C GLN A 155 12.02 23.83 -5.55
N ALA A 156 11.66 24.54 -6.62
CA ALA A 156 10.74 24.06 -7.69
C ALA A 156 11.23 22.72 -8.26
N ARG A 157 12.55 22.55 -8.37
CA ARG A 157 13.19 21.39 -9.05
C ARG A 157 12.93 20.10 -8.28
N PRO A 158 13.34 19.98 -6.99
CA PRO A 158 13.01 18.78 -6.21
C PRO A 158 11.50 18.60 -6.01
N LYS A 159 10.76 19.70 -5.88
CA LYS A 159 9.27 19.68 -5.70
C LYS A 159 8.63 19.00 -6.93
N ALA A 160 9.23 19.12 -8.12
CA ALA A 160 8.74 18.52 -9.38
C ALA A 160 8.99 17.01 -9.42
N LEU A 161 10.03 16.49 -8.76
CA LEU A 161 10.46 15.07 -8.84
C LEU A 161 9.88 14.22 -7.71
N ILE A 162 9.80 14.77 -6.49
CA ILE A 162 9.43 14.02 -5.24
C ILE A 162 8.09 13.30 -5.44
N PRO A 163 7.05 13.93 -6.03
CA PRO A 163 5.76 13.24 -6.24
C PRO A 163 5.86 11.90 -6.99
N PHE A 164 6.78 11.76 -7.93
CA PHE A 164 7.00 10.51 -8.70
C PHE A 164 7.52 9.42 -7.76
N TYR A 165 8.35 9.78 -6.78
CA TYR A 165 8.93 8.84 -5.79
C TYR A 165 7.84 8.32 -4.84
N THR A 166 6.88 9.16 -4.46
CA THR A 166 5.84 8.85 -3.45
C THR A 166 4.58 8.28 -4.12
N ALA A 167 4.42 8.46 -5.43
CA ALA A 167 3.29 7.92 -6.24
C ALA A 167 3.55 6.43 -6.53
N ASP A 168 2.57 5.75 -7.13
N ASP A 168 2.57 5.76 -7.14
CA ASP A 168 2.55 4.27 -7.29
CA ASP A 168 2.55 4.27 -7.29
C ASP A 168 2.81 3.87 -8.75
C ASP A 168 2.85 3.86 -8.73
N ASP A 169 3.42 4.74 -9.56
CA ASP A 169 3.88 4.40 -10.94
C ASP A 169 5.39 4.17 -10.91
N PRO A 170 5.85 2.90 -10.87
CA PRO A 170 7.28 2.62 -10.70
C PRO A 170 8.16 3.12 -11.84
N LEU A 171 7.64 3.18 -13.07
CA LEU A 171 8.41 3.64 -14.26
C LEU A 171 8.72 5.13 -14.14
N LYS A 172 7.73 5.94 -13.73
CA LYS A 172 7.89 7.40 -13.54
C LYS A 172 8.85 7.65 -12.37
N SER A 173 8.73 6.88 -11.29
CA SER A 173 9.69 6.88 -10.15
C SER A 173 11.10 6.62 -10.65
N LYS A 174 11.27 5.64 -11.54
CA LYS A 174 12.57 5.22 -12.10
C LYS A 174 13.17 6.34 -12.95
N ILE A 175 12.36 6.99 -13.79
CA ILE A 175 12.79 8.13 -14.66
C ILE A 175 13.31 9.26 -13.77
N ALA A 176 12.57 9.61 -12.72
CA ALA A 176 12.95 10.64 -11.72
C ALA A 176 14.29 10.25 -11.06
N ALA A 177 14.45 8.98 -10.69
CA ALA A 177 15.66 8.45 -10.01
C ALA A 177 16.87 8.54 -10.96
N ALA A 178 16.66 8.43 -12.27
CA ALA A 178 17.70 8.55 -13.31
C ALA A 178 18.01 10.02 -13.58
N LEU A 179 17.00 10.88 -13.58
CA LEU A 179 17.11 12.32 -13.95
C LEU A 179 17.97 13.06 -12.91
N MET A 180 17.88 12.67 -11.63
CA MET A 180 18.60 13.37 -10.52
C MET A 180 20.10 13.23 -10.73
N PRO A 181 20.72 12.02 -10.70
CA PRO A 181 22.14 11.86 -10.99
C PRO A 181 22.55 12.13 -12.45
N GLY A 182 21.59 12.04 -13.39
CA GLY A 182 21.85 12.15 -14.84
C GLY A 182 21.91 13.58 -15.35
N PHE A 183 21.28 14.55 -14.65
CA PHE A 183 21.04 15.91 -15.20
C PHE A 183 21.11 17.01 -14.14
N LEU A 184 20.35 16.88 -13.04
CA LEU A 184 19.84 18.05 -12.27
C LEU A 184 20.96 18.78 -11.52
N LEU A 185 22.11 18.15 -11.25
CA LEU A 185 23.21 18.73 -10.43
C LEU A 185 24.33 19.31 -11.31
N TYR A 186 24.32 19.06 -12.63
CA TYR A 186 25.49 19.36 -13.50
C TYR A 186 25.65 20.87 -13.70
N GLY A 187 24.54 21.63 -13.71
CA GLY A 187 24.55 23.10 -13.71
C GLY A 187 25.37 23.66 -12.55
N GLY A 188 25.31 22.99 -11.40
CA GLY A 188 26.08 23.31 -10.18
C GLY A 188 27.51 22.79 -10.25
N PHE A 189 27.70 21.57 -10.77
CA PHE A 189 29.04 20.92 -10.91
C PHE A 189 29.91 21.71 -11.88
N TYR A 190 29.33 22.53 -12.76
CA TYR A 190 30.07 23.42 -13.69
C TYR A 190 31.04 24.32 -12.90
N LEU A 191 30.59 24.87 -11.76
CA LEU A 191 31.31 25.90 -10.97
C LEU A 191 32.68 25.37 -10.50
N PRO A 192 32.77 24.24 -9.75
CA PRO A 192 34.07 23.74 -9.30
C PRO A 192 35.06 23.48 -10.44
N PHE A 193 34.60 22.99 -11.59
CA PHE A 193 35.46 22.69 -12.78
C PHE A 193 35.91 24.01 -13.43
N TYR A 194 35.03 25.00 -13.50
CA TYR A 194 35.36 26.38 -13.95
C TYR A 194 36.51 26.93 -13.09
N LEU A 195 36.41 26.76 -11.77
CA LEU A 195 37.41 27.29 -10.79
C LEU A 195 38.72 26.51 -10.88
N SER A 196 38.68 25.18 -10.94
CA SER A 196 39.89 24.31 -10.95
C SER A 196 40.62 24.44 -12.30
N ALA A 197 39.93 24.90 -13.35
CA ALA A 197 40.53 25.26 -14.66
C ALA A 197 41.41 26.51 -14.49
N ARG A 198 41.18 27.31 -13.44
CA ARG A 198 41.96 28.52 -13.10
C ARG A 198 42.84 28.26 -11.87
N GLY A 199 43.04 26.99 -11.51
CA GLY A 199 43.90 26.55 -10.40
C GLY A 199 43.32 26.85 -9.03
N LYS A 200 42.01 27.10 -8.94
CA LYS A 200 41.30 27.45 -7.68
C LYS A 200 40.54 26.23 -7.15
N LEU A 201 40.62 25.99 -5.85
CA LEU A 201 39.97 24.86 -5.12
C LEU A 201 40.22 23.54 -5.84
N PRO A 202 41.50 23.17 -6.12
CA PRO A 202 41.79 21.91 -6.80
C PRO A 202 41.37 20.64 -6.04
N ASN A 203 41.48 20.65 -4.71
CA ASN A 203 41.13 19.50 -3.83
C ASN A 203 39.62 19.30 -3.77
N THR A 204 38.85 20.40 -3.75
CA THR A 204 37.37 20.40 -3.84
C THR A 204 36.97 19.68 -5.14
N SER A 205 37.68 19.93 -6.24
CA SER A 205 37.42 19.31 -7.57
C SER A 205 37.65 17.80 -7.52
N ASP A 206 38.57 17.33 -6.68
CA ASP A 206 38.82 15.87 -6.47
C ASP A 206 37.58 15.24 -5.82
N ILE A 207 36.95 15.91 -4.85
CA ILE A 207 35.70 15.43 -4.20
C ILE A 207 34.60 15.35 -5.26
N ILE A 208 34.46 16.39 -6.09
CA ILE A 208 33.43 16.43 -7.18
C ILE A 208 33.65 15.24 -8.12
N ARG A 209 34.90 14.92 -8.47
CA ARG A 209 35.24 13.82 -9.42
C ARG A 209 34.85 12.47 -8.79
N LEU A 210 35.06 12.29 -7.48
CA LEU A 210 34.65 11.06 -6.76
C LEU A 210 33.11 10.97 -6.76
N ILE A 211 32.43 12.09 -6.55
CA ILE A 211 30.93 12.17 -6.60
C ILE A 211 30.46 11.74 -7.99
N LEU A 212 31.05 12.28 -9.07
CA LEU A 212 30.62 11.99 -10.47
C LEU A 212 30.87 10.51 -10.80
N ARG A 213 31.96 9.92 -10.29
CA ARG A 213 32.29 8.49 -10.51
C ARG A 213 31.15 7.61 -9.97
N ASP A 214 30.44 8.06 -8.93
CA ASP A 214 29.24 7.36 -8.39
C ASP A 214 28.02 7.69 -9.24
N LYS A 215 27.74 8.98 -9.48
CA LYS A 215 26.49 9.45 -10.13
C LYS A 215 26.38 8.90 -11.55
N VAL A 216 27.49 8.76 -12.28
CA VAL A 216 27.51 8.18 -13.66
C VAL A 216 26.95 6.75 -13.61
N ILE A 217 27.33 5.96 -12.60
CA ILE A 217 26.86 4.55 -12.44
C ILE A 217 25.38 4.56 -12.01
N HIS A 218 25.00 5.46 -11.10
CA HIS A 218 23.60 5.61 -10.61
C HIS A 218 22.68 5.87 -11.80
N ASN A 219 23.03 6.82 -12.67
CA ASN A 219 22.23 7.19 -13.87
C ASN A 219 22.16 5.99 -14.83
N PHE A 220 23.31 5.35 -15.10
CA PHE A 220 23.41 4.17 -15.98
C PHE A 220 22.45 3.08 -15.50
N TYR A 221 22.52 2.74 -14.21
CA TYR A 221 21.83 1.59 -13.60
C TYR A 221 20.31 1.81 -13.66
N SER A 222 19.85 2.99 -13.21
CA SER A 222 18.41 3.39 -13.23
C SER A 222 17.89 3.37 -14.68
N GLY A 223 18.68 3.89 -15.62
CA GLY A 223 18.35 3.90 -17.06
C GLY A 223 18.30 2.49 -17.65
N TYR A 224 19.21 1.61 -17.22
CA TYR A 224 19.29 0.18 -17.65
C TYR A 224 18.02 -0.56 -17.19
N LYS A 225 17.62 -0.37 -15.94
CA LYS A 225 16.44 -1.05 -15.32
C LYS A 225 15.15 -0.47 -15.92
N TYR A 226 15.12 0.83 -16.21
CA TYR A 226 14.00 1.50 -16.90
C TYR A 226 13.73 0.79 -18.24
N GLN A 227 14.79 0.59 -19.03
CA GLN A 227 14.72 0.03 -20.41
C GLN A 227 14.20 -1.42 -20.37
N LEU A 228 14.64 -2.21 -19.39
CA LEU A 228 14.23 -3.63 -19.24
C LEU A 228 12.71 -3.71 -19.01
N LYS A 229 12.15 -2.80 -18.19
CA LYS A 229 10.70 -2.78 -17.87
C LYS A 229 9.89 -2.32 -19.09
N VAL A 230 10.26 -1.19 -19.71
CA VAL A 230 9.47 -0.56 -20.82
C VAL A 230 9.48 -1.48 -22.05
N ALA A 231 10.55 -2.27 -22.24
CA ALA A 231 10.71 -3.22 -23.36
C ALA A 231 9.57 -4.25 -23.37
N LYS A 232 8.96 -4.52 -22.21
CA LYS A 232 7.89 -5.54 -22.02
C LYS A 232 6.51 -4.94 -22.33
N LEU A 233 6.40 -3.61 -22.38
CA LEU A 233 5.12 -2.89 -22.64
C LEU A 233 4.82 -2.91 -24.14
N SER A 234 3.55 -2.67 -24.51
CA SER A 234 3.07 -2.58 -25.91
C SER A 234 3.74 -1.40 -26.60
N PRO A 235 3.90 -1.42 -27.94
CA PRO A 235 4.42 -0.28 -28.69
C PRO A 235 3.73 1.05 -28.36
N GLU A 236 2.40 1.02 -28.13
CA GLU A 236 1.58 2.20 -27.76
C GLU A 236 2.06 2.76 -26.41
N LYS A 237 2.22 1.89 -25.40
CA LYS A 237 2.60 2.28 -24.02
C LYS A 237 4.06 2.75 -23.98
N GLN A 238 4.92 2.17 -24.83
CA GLN A 238 6.35 2.58 -24.98
C GLN A 238 6.42 4.01 -25.51
N ALA A 239 5.59 4.34 -26.52
CA ALA A 239 5.47 5.69 -27.11
C ALA A 239 4.94 6.67 -26.06
N GLU A 240 3.98 6.21 -25.24
CA GLU A 240 3.39 6.95 -24.09
C GLU A 240 4.50 7.34 -23.10
N MET A 241 5.37 6.39 -22.75
CA MET A 241 6.45 6.59 -21.75
C MET A 241 7.52 7.52 -22.34
N LYS A 242 7.90 7.33 -23.61
CA LYS A 242 8.86 8.20 -24.32
C LYS A 242 8.35 9.64 -24.28
N GLN A 243 7.06 9.85 -24.60
CA GLN A 243 6.37 11.16 -24.56
C GLN A 243 6.55 11.77 -23.16
N PHE A 244 6.29 10.99 -22.11
CA PHE A 244 6.38 11.44 -20.69
C PHE A 244 7.81 11.89 -20.36
N VAL A 245 8.82 11.15 -20.83
CA VAL A 245 10.27 11.42 -20.56
C VAL A 245 10.63 12.79 -21.13
N PHE A 246 10.32 13.04 -22.40
CA PHE A 246 10.64 14.32 -23.10
C PHE A 246 9.86 15.48 -22.47
N ASP A 247 8.59 15.25 -22.11
N ASP A 247 8.60 15.25 -22.11
CA ASP A 247 7.72 16.26 -21.47
CA ASP A 247 7.70 16.24 -21.47
C ASP A 247 8.29 16.65 -20.10
C ASP A 247 8.28 16.64 -20.10
N LEU A 248 8.70 15.65 -19.30
CA LEU A 248 9.30 15.88 -17.96
C LEU A 248 10.66 16.57 -18.11
N LEU A 249 11.50 16.12 -19.03
CA LEU A 249 12.85 16.70 -19.26
C LEU A 249 12.70 18.16 -19.71
N ASP A 250 11.73 18.45 -20.58
CA ASP A 250 11.38 19.84 -21.01
C ASP A 250 11.09 20.69 -19.78
N LYS A 251 10.23 20.21 -18.88
CA LYS A 251 9.83 20.91 -17.63
C LYS A 251 11.09 21.16 -16.77
N MET A 252 11.90 20.11 -16.55
CA MET A 252 13.07 20.16 -15.64
C MET A 252 14.14 21.10 -16.24
N ILE A 253 14.37 21.04 -17.55
CA ILE A 253 15.33 21.96 -18.25
C ILE A 253 14.88 23.41 -18.03
N GLY A 254 13.57 23.67 -18.15
CA GLY A 254 12.97 25.00 -17.91
C GLY A 254 13.22 25.48 -16.48
N LEU A 255 12.98 24.62 -15.50
CA LEU A 255 13.16 24.94 -14.06
C LEU A 255 14.65 25.17 -13.75
N GLU A 256 15.54 24.35 -14.34
CA GLU A 256 17.01 24.42 -14.14
C GLU A 256 17.56 25.74 -14.71
N LYS A 257 17.16 26.10 -15.93
CA LYS A 257 17.60 27.36 -16.60
C LYS A 257 17.21 28.56 -15.73
N THR A 258 15.95 28.64 -15.30
CA THR A 258 15.43 29.71 -14.41
C THR A 258 16.32 29.82 -13.17
N TYR A 259 16.61 28.69 -12.52
CA TYR A 259 17.41 28.62 -11.28
C TYR A 259 18.84 29.11 -11.56
N LEU A 260 19.47 28.60 -12.62
CA LEU A 260 20.91 28.87 -12.93
C LEU A 260 21.11 30.35 -13.27
N HIS A 261 20.15 30.99 -13.95
CA HIS A 261 20.20 32.44 -14.27
C HIS A 261 20.13 33.27 -12.98
N GLN A 262 19.46 32.78 -11.93
CA GLN A 262 19.40 33.42 -10.60
C GLN A 262 20.69 33.12 -9.82
N LEU A 263 21.12 31.85 -9.79
CA LEU A 263 22.34 31.42 -9.05
C LEU A 263 23.56 32.21 -9.52
N TYR A 264 23.78 32.29 -10.84
CA TYR A 264 25.00 32.84 -11.48
C TYR A 264 24.81 34.31 -11.86
N ASP A 265 23.75 34.96 -11.37
CA ASP A 265 23.42 36.38 -11.69
C ASP A 265 24.60 37.26 -11.29
N GLY A 266 25.18 37.98 -12.26
CA GLY A 266 26.29 38.94 -12.06
C GLY A 266 27.66 38.31 -12.21
N PHE A 267 27.74 36.99 -12.44
CA PHE A 267 29.01 36.22 -12.57
C PHE A 267 29.27 35.83 -14.03
N GLY A 268 28.22 35.81 -14.86
CA GLY A 268 28.32 35.52 -16.31
C GLY A 268 28.61 34.06 -16.62
N LEU A 269 28.26 33.14 -15.71
CA LEU A 269 28.53 31.68 -15.87
C LEU A 269 27.27 30.91 -16.30
N ALA A 270 26.09 31.55 -16.30
CA ALA A 270 24.78 30.89 -16.53
C ALA A 270 24.78 30.18 -17.88
N ASP A 271 25.26 30.84 -18.93
CA ASP A 271 25.21 30.36 -20.34
C ASP A 271 26.00 29.04 -20.47
N GLU A 272 27.26 29.04 -20.02
CA GLU A 272 28.17 27.85 -20.08
C GLU A 272 27.61 26.73 -19.16
N ALA A 273 27.12 27.09 -17.97
CA ALA A 273 26.54 26.16 -16.98
C ALA A 273 25.33 25.43 -17.59
N ILE A 274 24.50 26.17 -18.35
CA ILE A 274 23.28 25.63 -19.02
C ILE A 274 23.70 24.68 -20.16
N ARG A 275 24.75 25.03 -20.91
CA ARG A 275 25.28 24.19 -22.01
C ARG A 275 25.81 22.87 -21.45
N PHE A 276 26.54 22.92 -20.34
CA PHE A 276 27.04 21.72 -19.61
C PHE A 276 25.85 20.88 -19.12
N SER A 277 24.81 21.56 -18.62
CA SER A 277 23.54 20.95 -18.18
C SER A 277 22.91 20.16 -19.34
N LEU A 278 22.82 20.77 -20.53
CA LEU A 278 22.15 20.19 -21.72
C LEU A 278 23.00 19.02 -22.26
N TYR A 279 24.32 19.12 -22.19
CA TYR A 279 25.27 18.01 -22.52
C TYR A 279 24.86 16.77 -21.72
N ASN A 280 24.62 16.96 -20.42
CA ASN A 280 24.28 15.87 -19.47
C ASN A 280 22.83 15.44 -19.67
N ALA A 281 21.94 16.37 -20.04
CA ALA A 281 20.54 16.06 -20.43
C ALA A 281 20.56 15.08 -21.61
N GLY A 282 21.48 15.29 -22.56
CA GLY A 282 21.69 14.40 -23.73
C GLY A 282 22.09 13.00 -23.31
N LYS A 283 22.99 12.89 -22.33
CA LYS A 283 23.51 11.59 -21.82
C LYS A 283 22.42 10.89 -21.01
N PHE A 284 21.61 11.63 -20.26
CA PHE A 284 20.43 11.11 -19.52
C PHE A 284 19.49 10.39 -20.50
N LEU A 285 19.15 11.04 -21.62
CA LEU A 285 18.26 10.47 -22.66
C LEU A 285 18.87 9.17 -23.20
N GLN A 286 20.18 9.18 -23.50
CA GLN A 286 20.91 8.02 -24.06
C GLN A 286 20.88 6.85 -23.05
N ASN A 287 21.03 7.14 -21.75
CA ASN A 287 21.01 6.12 -20.66
C ASN A 287 19.60 5.52 -20.53
N LEU A 288 18.57 6.17 -21.08
CA LEU A 288 17.16 5.67 -21.14
C LEU A 288 16.88 5.01 -22.49
N GLY A 289 17.85 5.03 -23.40
CA GLY A 289 17.79 4.37 -24.73
C GLY A 289 17.18 5.28 -25.79
N TYR A 290 17.08 6.59 -25.53
CA TYR A 290 16.55 7.60 -26.49
C TYR A 290 17.70 8.42 -27.07
N GLU A 291 17.61 8.76 -28.35
CA GLU A 291 18.62 9.58 -29.07
C GLU A 291 18.62 10.99 -28.44
N SER A 292 19.80 11.59 -28.30
CA SER A 292 19.96 13.01 -27.87
C SER A 292 19.62 13.91 -29.06
N PRO A 293 18.66 14.86 -28.91
CA PRO A 293 18.35 15.82 -29.97
C PRO A 293 19.22 17.08 -29.94
N PHE A 294 20.09 17.20 -28.92
CA PHE A 294 20.90 18.42 -28.66
C PHE A 294 22.09 18.45 -29.63
N THR A 295 22.37 19.63 -30.18
CA THR A 295 23.48 19.89 -31.12
C THR A 295 24.79 19.98 -30.33
N LYS A 296 25.88 19.44 -30.88
CA LYS A 296 27.25 19.55 -30.30
C LYS A 296 27.56 21.02 -29.96
N GLU A 297 26.94 21.95 -30.70
CA GLU A 297 27.05 23.42 -30.50
C GLU A 297 26.26 23.85 -29.26
N GLU A 298 25.02 23.35 -29.09
CA GLU A 298 24.12 23.64 -27.94
C GLU A 298 24.76 23.19 -26.61
N THR A 299 25.65 22.20 -26.66
CA THR A 299 26.18 21.45 -25.47
C THR A 299 27.68 21.74 -25.28
N ARG A 300 28.29 22.53 -26.16
CA ARG A 300 29.75 22.87 -26.13
C ARG A 300 30.04 23.73 -24.90
N ILE A 301 31.06 23.36 -24.11
CA ILE A 301 31.70 24.25 -23.10
C ILE A 301 33.17 24.44 -23.46
N ALA A 302 33.83 25.42 -22.84
CA ALA A 302 35.24 25.78 -23.07
C ALA A 302 36.11 24.55 -22.83
N PRO A 303 37.07 24.22 -23.72
CA PRO A 303 37.93 23.05 -23.57
C PRO A 303 38.67 22.96 -22.22
N GLU A 304 39.13 24.10 -21.68
CA GLU A 304 39.91 24.17 -20.42
C GLU A 304 39.03 23.70 -19.24
N VAL A 305 37.72 23.96 -19.30
CA VAL A 305 36.75 23.54 -18.25
C VAL A 305 36.44 22.05 -18.43
N PHE A 306 36.21 21.60 -19.67
CA PHE A 306 35.89 20.19 -20.01
C PHE A 306 37.06 19.29 -19.62
N ALA A 307 38.30 19.78 -19.77
CA ALA A 307 39.55 19.08 -19.42
C ALA A 307 39.57 18.72 -17.93
N GLN A 308 38.92 19.53 -17.09
CA GLN A 308 38.81 19.29 -15.62
C GLN A 308 37.88 18.10 -15.35
N LEU A 309 36.86 17.91 -16.20
CA LEU A 309 35.95 16.73 -16.14
C LEU A 309 36.70 15.49 -16.64
N SER A 310 37.28 15.54 -17.85
CA SER A 310 38.08 14.44 -18.45
C SER A 310 39.19 14.99 -19.35
N ALA A 311 40.45 14.70 -18.99
CA ALA A 311 41.67 15.00 -19.79
C ALA A 311 41.73 14.08 -21.03
N ARG A 312 41.02 12.94 -20.99
CA ARG A 312 40.98 11.94 -22.09
C ARG A 312 40.04 12.41 -23.22
N ALA A 313 39.21 13.43 -22.97
CA ALA A 313 38.24 14.00 -23.93
C ALA A 313 38.98 14.51 -25.18
N ASP A 314 40.18 15.06 -25.01
CA ASP A 314 41.03 15.62 -26.09
C ASP A 314 41.32 14.54 -27.13
N LEU A 336 47.92 -4.44 -15.53
CA LEU A 336 46.88 -5.04 -16.41
C LEU A 336 46.64 -6.50 -16.00
N ASP A 337 45.46 -7.04 -16.35
CA ASP A 337 45.04 -8.43 -16.05
C ASP A 337 46.03 -9.41 -16.70
N GLU A 338 46.33 -10.52 -16.01
CA GLU A 338 47.36 -11.51 -16.43
C GLU A 338 46.82 -12.41 -17.55
N ASP A 339 45.56 -12.22 -17.97
CA ASP A 339 44.90 -13.00 -19.05
C ASP A 339 45.38 -12.54 -20.43
N TRP A 340 46.00 -11.36 -20.53
CA TRP A 340 46.72 -10.91 -21.76
C TRP A 340 47.79 -11.96 -22.11
N ASP A 341 47.75 -12.52 -23.32
CA ASP A 341 48.60 -13.65 -23.77
C ASP A 341 49.81 -13.15 -24.57
N PHE A 342 49.89 -11.84 -24.85
CA PHE A 342 50.98 -11.19 -25.61
C PHE A 342 51.31 -9.83 -25.00
N ASN B 9 15.19 31.53 12.62
CA ASN B 9 16.24 30.63 12.04
C ASN B 9 15.63 29.82 10.90
N TYR B 10 16.36 29.66 9.79
CA TYR B 10 15.94 28.89 8.58
C TYR B 10 15.41 27.52 9.00
N TYR B 11 16.07 26.87 9.97
CA TYR B 11 15.83 25.47 10.39
C TYR B 11 14.40 25.30 10.93
N ASP B 12 13.89 26.31 11.65
CA ASP B 12 12.61 26.25 12.40
C ASP B 12 11.43 26.60 11.48
N ARG B 13 11.70 27.11 10.27
CA ARG B 13 10.65 27.45 9.27
C ARG B 13 10.92 26.69 7.96
N SER B 14 11.52 25.50 8.05
CA SER B 14 11.73 24.57 6.92
C SER B 14 11.69 23.13 7.44
N VAL B 15 11.56 22.15 6.53
CA VAL B 15 11.53 20.70 6.86
C VAL B 15 12.56 19.98 6.00
N SER B 16 13.06 18.83 6.47
CA SER B 16 13.88 17.90 5.66
C SER B 16 13.04 17.42 4.47
N PRO B 17 13.65 17.13 3.31
CA PRO B 17 12.91 16.57 2.17
C PRO B 17 11.99 15.39 2.50
N VAL B 18 12.43 14.45 3.35
CA VAL B 18 11.64 13.23 3.67
C VAL B 18 10.39 13.63 4.45
N GLU B 19 10.47 14.69 5.26
CA GLU B 19 9.29 15.26 5.99
C GLU B 19 8.34 15.92 4.97
N TYR B 20 8.89 16.66 4.00
CA TYR B 20 8.11 17.28 2.88
C TYR B 20 7.39 16.17 2.10
N ALA B 21 8.10 15.09 1.77
CA ALA B 21 7.65 14.00 0.88
C ALA B 21 6.44 13.28 1.47
N TYR B 22 6.43 12.98 2.78
CA TYR B 22 5.50 12.00 3.40
C TYR B 22 4.53 12.65 4.39
N PHE B 23 4.78 13.87 4.88
CA PHE B 23 4.05 14.44 6.04
C PHE B 23 3.47 15.82 5.75
N ASP B 24 4.27 16.76 5.22
CA ASP B 24 3.85 18.19 5.10
C ASP B 24 4.48 18.83 3.84
N GLN B 25 3.72 18.93 2.76
CA GLN B 25 4.15 19.52 1.45
C GLN B 25 3.88 21.03 1.43
N SER B 26 3.68 21.68 2.59
CA SER B 26 3.27 23.10 2.72
C SER B 26 4.50 24.01 2.88
N GLN B 27 5.50 23.59 3.67
CA GLN B 27 6.73 24.38 3.94
C GLN B 27 7.80 24.04 2.90
N ASN B 28 8.87 24.84 2.83
CA ASN B 28 10.03 24.64 1.92
C ASN B 28 11.05 23.73 2.59
N MET B 29 11.96 23.17 1.80
CA MET B 29 12.90 22.10 2.23
C MET B 29 14.27 22.69 2.56
N ARG B 30 14.91 22.19 3.61
CA ARG B 30 16.30 22.55 3.98
C ARG B 30 17.23 21.39 3.59
N ALA B 31 18.40 21.72 3.03
CA ALA B 31 19.55 20.82 2.84
C ALA B 31 20.02 20.35 4.22
N ILE B 32 20.52 19.11 4.32
CA ILE B 32 21.14 18.61 5.58
C ILE B 32 22.26 19.59 5.96
N ASN B 33 22.37 19.90 7.25
CA ASN B 33 23.43 20.76 7.81
C ASN B 33 24.34 19.88 8.68
N TRP B 34 25.52 19.54 8.16
CA TRP B 34 26.57 18.75 8.86
C TRP B 34 27.48 19.67 9.68
N ASN B 35 27.28 20.99 9.59
CA ASN B 35 28.16 22.00 10.24
C ASN B 35 27.54 22.47 11.57
N LYS B 36 26.22 22.34 11.72
CA LYS B 36 25.49 22.63 12.99
C LYS B 36 24.68 21.39 13.37
N ILE B 37 25.29 20.47 14.10
CA ILE B 37 24.74 19.13 14.46
C ILE B 37 23.83 19.27 15.69
N VAL B 38 22.58 18.83 15.58
CA VAL B 38 21.58 18.85 16.68
C VAL B 38 22.02 17.86 17.77
N ASP B 39 22.47 16.66 17.38
CA ASP B 39 22.85 15.58 18.34
C ASP B 39 24.23 15.03 17.99
N GLU B 40 25.23 15.31 18.84
CA GLU B 40 26.64 14.85 18.68
C GLU B 40 26.70 13.32 18.60
N LYS B 41 25.75 12.61 19.24
CA LYS B 41 25.68 11.13 19.20
C LYS B 41 25.55 10.64 17.76
N ASP B 42 24.86 11.39 16.88
CA ASP B 42 24.70 11.03 15.45
C ASP B 42 26.06 11.03 14.76
N LEU B 43 26.88 12.05 15.01
CA LEU B 43 28.22 12.21 14.40
C LEU B 43 29.13 11.08 14.87
N GLU B 44 29.09 10.76 16.17
CA GLU B 44 29.81 9.63 16.82
C GLU B 44 29.47 8.32 16.09
N VAL B 45 28.18 8.06 15.85
CA VAL B 45 27.68 6.79 15.23
C VAL B 45 28.08 6.77 13.76
N TRP B 46 27.81 7.85 13.02
CA TRP B 46 28.16 8.01 11.59
C TRP B 46 29.65 7.71 11.37
N ASN B 47 30.51 8.34 12.17
CA ASN B 47 31.99 8.21 12.05
C ASN B 47 32.37 6.74 12.23
N ARG B 48 31.81 6.06 13.23
CA ARG B 48 32.17 4.66 13.57
C ARG B 48 31.70 3.71 12.45
N VAL B 49 30.43 3.78 12.03
CA VAL B 49 29.89 2.79 11.04
C VAL B 49 30.61 2.97 9.70
N THR B 50 30.89 4.20 9.28
CA THR B 50 31.57 4.49 7.98
C THR B 50 33.04 4.08 8.07
N GLN B 51 33.71 4.34 9.20
CA GLN B 51 35.13 3.94 9.40
C GLN B 51 35.23 2.42 9.49
N ASN B 52 34.15 1.73 9.89
CA ASN B 52 34.11 0.25 10.04
C ASN B 52 33.65 -0.42 8.73
N PHE B 53 33.55 0.31 7.62
CA PHE B 53 33.20 -0.26 6.30
C PHE B 53 34.09 -1.47 6.02
N TRP B 54 33.49 -2.57 5.56
CA TRP B 54 34.18 -3.83 5.20
C TRP B 54 33.37 -4.56 4.11
N LEU B 55 34.04 -5.44 3.36
CA LEU B 55 33.41 -6.35 2.37
C LEU B 55 33.89 -7.77 2.63
N PRO B 56 33.03 -8.79 2.43
CA PRO B 56 33.39 -10.19 2.70
C PRO B 56 34.55 -10.72 1.83
N GLU B 57 34.79 -10.12 0.65
CA GLU B 57 35.88 -10.50 -0.28
C GLU B 57 37.25 -10.42 0.42
N ASN B 58 37.37 -9.55 1.42
CA ASN B 58 38.67 -9.20 2.06
C ASN B 58 38.99 -10.18 3.21
N ILE B 59 38.09 -11.13 3.49
CA ILE B 59 38.33 -12.25 4.46
C ILE B 59 38.64 -13.52 3.66
N PRO B 60 39.77 -14.20 3.93
CA PRO B 60 40.14 -15.42 3.19
C PRO B 60 39.39 -16.65 3.70
N VAL B 61 38.17 -16.86 3.20
CA VAL B 61 37.25 -17.96 3.65
C VAL B 61 37.81 -19.33 3.20
N SER B 62 38.57 -19.38 2.10
CA SER B 62 39.12 -20.62 1.50
C SER B 62 40.00 -21.38 2.49
N ASN B 63 40.54 -20.71 3.52
CA ASN B 63 41.36 -21.33 4.60
C ASN B 63 40.46 -22.15 5.55
N ASP B 64 39.13 -22.09 5.40
CA ASP B 64 38.16 -22.90 6.19
C ASP B 64 37.92 -24.27 5.52
N LEU B 65 38.32 -24.44 4.25
CA LEU B 65 38.03 -25.66 3.45
C LEU B 65 38.51 -26.92 4.20
N PRO B 66 39.76 -26.98 4.71
CA PRO B 66 40.22 -28.14 5.47
C PRO B 66 39.25 -28.57 6.59
N SER B 67 38.86 -27.65 7.48
CA SER B 67 37.96 -27.92 8.64
C SER B 67 36.53 -28.20 8.14
N TRP B 68 36.09 -27.53 7.08
CA TRP B 68 34.76 -27.72 6.44
C TRP B 68 34.65 -29.16 5.91
N ASN B 69 35.69 -29.63 5.21
CA ASN B 69 35.74 -30.98 4.58
C ASN B 69 35.73 -32.08 5.65
N GLU B 70 36.13 -31.76 6.88
CA GLU B 70 36.11 -32.72 8.03
C GLU B 70 34.69 -32.93 8.53
N LEU B 71 33.82 -31.93 8.40
CA LEU B 71 32.40 -31.99 8.87
C LEU B 71 31.61 -32.94 7.96
N ASP B 72 30.70 -33.74 8.54
CA ASP B 72 29.82 -34.66 7.79
C ASP B 72 28.73 -33.85 7.10
N ASP B 73 27.95 -34.49 6.22
CA ASP B 73 26.91 -33.84 5.38
C ASP B 73 25.82 -33.22 6.27
N ASP B 74 25.50 -33.86 7.40
CA ASP B 74 24.51 -33.37 8.41
C ASP B 74 24.90 -31.96 8.87
N TRP B 75 26.15 -31.78 9.30
CA TRP B 75 26.67 -30.51 9.85
C TRP B 75 26.79 -29.45 8.75
N GLN B 76 27.31 -29.83 7.57
CA GLN B 76 27.42 -28.93 6.39
C GLN B 76 26.03 -28.40 6.01
N GLN B 77 25.02 -29.27 6.04
CA GLN B 77 23.61 -28.92 5.74
C GLN B 77 23.08 -27.95 6.81
N LEU B 78 23.38 -28.21 8.08
CA LEU B 78 22.92 -27.35 9.21
C LEU B 78 23.45 -25.93 9.01
N ILE B 79 24.75 -25.81 8.67
CA ILE B 79 25.46 -24.51 8.49
C ILE B 79 24.81 -23.75 7.33
N THR B 80 24.68 -24.39 6.17
CA THR B 80 24.10 -23.78 4.94
C THR B 80 22.67 -23.31 5.25
N ARG B 81 21.89 -24.15 5.95
CA ARG B 81 20.48 -23.84 6.35
C ARG B 81 20.46 -22.65 7.32
N THR B 82 21.23 -22.72 8.41
CA THR B 82 21.30 -21.68 9.47
C THR B 82 21.63 -20.32 8.81
N PHE B 83 22.67 -20.30 7.96
CA PHE B 83 23.22 -19.08 7.31
C PHE B 83 22.25 -18.54 6.26
N THR B 84 21.52 -19.41 5.55
CA THR B 84 20.48 -18.98 4.58
C THR B 84 19.31 -18.35 5.35
N GLY B 85 18.97 -18.90 6.52
CA GLY B 85 17.99 -18.31 7.45
C GLY B 85 18.39 -16.92 7.89
N LEU B 86 19.67 -16.73 8.23
CA LEU B 86 20.22 -15.41 8.66
C LEU B 86 20.21 -14.44 7.48
N THR B 87 20.53 -14.92 6.28
CA THR B 87 20.48 -14.16 5.00
C THR B 87 19.08 -13.58 4.81
N LEU B 88 18.03 -14.38 5.06
CA LEU B 88 16.62 -13.94 4.94
C LEU B 88 16.39 -12.75 5.88
N LEU B 89 16.78 -12.87 7.15
CA LEU B 89 16.53 -11.82 8.17
C LEU B 89 17.29 -10.54 7.79
N ASP B 90 18.50 -10.66 7.24
CA ASP B 90 19.32 -9.50 6.80
C ASP B 90 18.66 -8.86 5.57
N THR B 91 18.14 -9.66 4.64
CA THR B 91 17.41 -9.18 3.44
C THR B 91 16.18 -8.37 3.87
N VAL B 92 15.44 -8.87 4.87
CA VAL B 92 14.27 -8.15 5.47
C VAL B 92 14.73 -6.77 5.96
N GLN B 93 15.80 -6.73 6.75
CA GLN B 93 16.27 -5.49 7.43
C GLN B 93 16.84 -4.52 6.39
N SER B 94 17.62 -5.00 5.42
CA SER B 94 18.26 -4.18 4.35
C SER B 94 17.20 -3.56 3.43
N SER B 95 16.20 -4.34 3.00
CA SER B 95 15.24 -3.96 1.93
C SER B 95 13.99 -3.27 2.49
N ILE B 96 13.65 -3.48 3.78
CA ILE B 96 12.41 -2.95 4.42
C ILE B 96 12.76 -2.15 5.68
N GLY B 97 13.35 -2.80 6.68
CA GLY B 97 13.38 -2.36 8.08
C GLY B 97 14.10 -1.04 8.28
N ASP B 98 15.37 -0.95 7.86
CA ASP B 98 16.24 0.22 8.13
C ASP B 98 15.79 1.42 7.29
N VAL B 99 15.44 1.22 6.01
CA VAL B 99 15.01 2.35 5.12
C VAL B 99 13.67 2.91 5.62
N ALA B 100 12.81 2.07 6.21
CA ALA B 100 11.51 2.48 6.81
C ALA B 100 11.74 3.47 7.96
N GLN B 101 12.91 3.44 8.61
CA GLN B 101 13.24 4.32 9.76
C GLN B 101 13.55 5.74 9.28
N ILE B 102 13.97 5.92 8.02
CA ILE B 102 14.50 7.22 7.50
C ILE B 102 13.45 8.32 7.72
N LYS B 103 12.21 8.11 7.28
CA LYS B 103 11.15 9.15 7.32
C LYS B 103 10.75 9.47 8.78
N ASN B 104 11.04 8.59 9.75
CA ASN B 104 10.64 8.76 11.17
C ASN B 104 11.78 9.33 12.02
N SER B 105 12.83 9.88 11.39
CA SER B 105 14.08 10.34 12.06
C SER B 105 13.80 11.58 12.91
N LEU B 106 14.48 11.69 14.06
CA LEU B 106 14.47 12.88 14.95
C LEU B 106 15.40 13.95 14.39
N THR B 107 16.48 13.57 13.70
CA THR B 107 17.51 14.50 13.16
C THR B 107 17.80 14.20 11.69
N GLU B 108 18.44 15.15 11.01
CA GLU B 108 18.85 15.04 9.59
C GLU B 108 19.86 13.92 9.44
N GLN B 109 20.87 13.87 10.33
CA GLN B 109 22.00 12.90 10.23
C GLN B 109 21.47 11.47 10.38
N GLU B 110 20.47 11.26 11.24
CA GLU B 110 19.80 9.94 11.47
C GLU B 110 19.29 9.36 10.14
N GLN B 111 18.77 10.20 9.25
CA GLN B 111 18.25 9.80 7.91
C GLN B 111 19.39 9.12 7.12
N VAL B 112 20.59 9.67 7.21
CA VAL B 112 21.77 9.20 6.41
C VAL B 112 22.34 7.95 7.09
N ILE B 113 22.31 7.89 8.42
CA ILE B 113 22.84 6.74 9.21
C ILE B 113 21.99 5.50 8.89
N TYR B 114 20.67 5.63 8.76
CA TYR B 114 19.78 4.48 8.46
C TYR B 114 19.99 4.02 7.02
N ALA B 115 20.39 4.90 6.11
CA ALA B 115 20.79 4.55 4.72
C ALA B 115 22.06 3.70 4.76
N ASN B 116 23.03 4.09 5.60
CA ASN B 116 24.25 3.29 5.86
C ASN B 116 23.86 1.92 6.42
N PHE B 117 22.99 1.88 7.44
CA PHE B 117 22.55 0.62 8.10
C PHE B 117 21.98 -0.33 7.03
N ALA B 118 21.09 0.18 6.19
CA ALA B 118 20.40 -0.60 5.13
C ALA B 118 21.45 -1.23 4.20
N PHE B 119 22.40 -0.42 3.73
CA PHE B 119 23.51 -0.85 2.86
C PHE B 119 24.34 -1.94 3.58
N MET B 120 24.76 -1.67 4.83
CA MET B 120 25.70 -2.57 5.54
C MET B 120 25.02 -3.89 5.91
N VAL B 121 23.71 -3.89 6.23
CA VAL B 121 22.98 -5.17 6.50
C VAL B 121 22.87 -5.93 5.17
N GLY B 122 22.79 -5.23 4.04
CA GLY B 122 22.92 -5.79 2.69
C GLY B 122 24.26 -6.50 2.51
N VAL B 123 25.34 -5.90 3.00
CA VAL B 123 26.71 -6.49 2.99
C VAL B 123 26.71 -7.75 3.87
N HIS B 124 26.03 -7.73 5.02
CA HIS B 124 25.92 -8.90 5.93
C HIS B 124 25.31 -10.08 5.17
N ALA B 125 24.19 -9.88 4.49
CA ALA B 125 23.48 -10.91 3.69
C ALA B 125 24.40 -11.42 2.58
N ARG B 126 25.12 -10.52 1.91
CA ARG B 126 26.03 -10.84 0.77
C ARG B 126 27.16 -11.76 1.26
N SER B 127 27.63 -11.56 2.49
CA SER B 127 28.79 -12.27 3.10
C SER B 127 28.51 -13.77 3.20
N TYR B 128 27.27 -14.18 3.49
CA TYR B 128 26.88 -15.62 3.54
C TYR B 128 27.07 -16.23 2.16
N GLY B 129 26.69 -15.50 1.11
CA GLY B 129 26.93 -15.86 -0.30
C GLY B 129 28.41 -16.14 -0.58
N THR B 130 29.30 -15.28 -0.05
CA THR B 130 30.77 -15.43 -0.23
C THR B 130 31.23 -16.74 0.45
N ILE B 131 30.71 -17.04 1.63
CA ILE B 131 31.03 -18.28 2.40
C ILE B 131 30.57 -19.50 1.58
N PHE B 132 29.32 -19.49 1.11
CA PHE B 132 28.71 -20.59 0.33
C PHE B 132 29.49 -20.82 -0.97
N SER B 133 29.87 -19.72 -1.65
CA SER B 133 30.62 -19.72 -2.93
C SER B 133 31.94 -20.48 -2.77
N THR B 134 32.57 -20.41 -1.59
CA THR B 134 33.88 -21.03 -1.27
C THR B 134 33.69 -22.49 -0.86
N LEU B 135 32.71 -22.78 0.01
CA LEU B 135 32.64 -24.05 0.79
C LEU B 135 31.58 -25.01 0.24
N CYS B 136 30.44 -24.51 -0.26
CA CYS B 136 29.21 -25.30 -0.53
C CYS B 136 29.12 -25.69 -2.02
N THR B 137 28.41 -26.78 -2.30
CA THR B 137 28.01 -27.22 -3.67
C THR B 137 26.74 -26.46 -4.08
N SER B 138 26.48 -26.35 -5.38
CA SER B 138 25.24 -25.76 -5.95
C SER B 138 24.02 -26.47 -5.35
N GLU B 139 24.14 -27.78 -5.08
CA GLU B 139 23.09 -28.64 -4.49
C GLU B 139 22.77 -28.17 -3.07
N GLN B 140 23.81 -28.05 -2.22
CA GLN B 140 23.67 -27.64 -0.80
C GLN B 140 23.03 -26.24 -0.73
N ILE B 141 23.43 -25.33 -1.63
CA ILE B 141 22.95 -23.93 -1.70
C ILE B 141 21.44 -23.93 -2.03
N GLU B 142 21.04 -24.63 -3.09
CA GLU B 142 19.62 -24.64 -3.56
C GLU B 142 18.72 -25.32 -2.52
N GLU B 143 19.17 -26.42 -1.92
CA GLU B 143 18.42 -27.16 -0.86
C GLU B 143 18.12 -26.22 0.31
N ALA B 144 19.11 -25.44 0.76
CA ALA B 144 19.00 -24.50 1.89
C ALA B 144 17.93 -23.44 1.56
N HIS B 145 17.93 -22.92 0.34
CA HIS B 145 16.93 -21.94 -0.16
C HIS B 145 15.53 -22.55 -0.12
N GLU B 146 15.35 -23.75 -0.71
CA GLU B 146 14.09 -24.53 -0.65
C GLU B 146 13.65 -24.68 0.81
N TRP B 147 14.58 -25.10 1.68
CA TRP B 147 14.33 -25.35 3.13
C TRP B 147 13.80 -24.09 3.82
N VAL B 148 14.37 -22.92 3.51
CA VAL B 148 13.99 -21.62 4.13
C VAL B 148 12.56 -21.25 3.72
N VAL B 149 12.24 -21.39 2.43
CA VAL B 149 10.91 -21.03 1.84
C VAL B 149 9.81 -21.91 2.47
N ASP B 150 10.09 -23.18 2.75
CA ASP B 150 9.08 -24.18 3.20
C ASP B 150 9.08 -24.33 4.73
N ASN B 151 9.97 -23.62 5.45
CA ASN B 151 10.09 -23.71 6.93
C ASN B 151 9.19 -22.65 7.57
N GLU B 152 7.99 -23.04 8.01
CA GLU B 152 6.94 -22.12 8.53
C GLU B 152 7.43 -21.47 9.84
N ALA B 153 8.08 -22.23 10.71
CA ALA B 153 8.63 -21.76 12.01
C ALA B 153 9.64 -20.63 11.75
N LEU B 154 10.54 -20.82 10.77
CA LEU B 154 11.52 -19.78 10.32
C LEU B 154 10.74 -18.56 9.84
N GLN B 155 9.84 -18.75 8.87
CA GLN B 155 9.07 -17.67 8.18
C GLN B 155 8.27 -16.85 9.19
N ALA B 156 7.75 -17.47 10.25
CA ALA B 156 6.87 -16.83 11.27
C ALA B 156 7.56 -15.61 11.87
N ARG B 157 8.89 -15.65 12.01
CA ARG B 157 9.70 -14.61 12.72
C ARG B 157 9.69 -13.30 11.92
N PRO B 158 10.21 -13.26 10.67
CA PRO B 158 10.12 -12.03 9.88
C PRO B 158 8.67 -11.61 9.60
N LYS B 159 7.75 -12.59 9.48
CA LYS B 159 6.31 -12.33 9.21
C LYS B 159 5.68 -11.56 10.38
N ALA B 160 6.21 -11.73 11.60
CA ALA B 160 5.73 -11.03 12.82
C ALA B 160 6.23 -9.58 12.83
N LEU B 161 7.44 -9.32 12.31
CA LEU B 161 8.12 -8.00 12.44
C LEU B 161 7.76 -7.07 11.27
N ILE B 162 7.61 -7.61 10.05
CA ILE B 162 7.46 -6.78 8.82
C ILE B 162 6.25 -5.84 8.96
N PRO B 163 5.10 -6.30 9.50
CA PRO B 163 3.92 -5.43 9.65
C PRO B 163 4.18 -4.13 10.44
N PHE B 164 5.11 -4.15 11.40
CA PHE B 164 5.49 -2.95 12.20
C PHE B 164 6.20 -1.93 11.31
N TYR B 165 6.95 -2.40 10.31
CA TYR B 165 7.68 -1.54 9.34
C TYR B 165 6.71 -0.87 8.38
N THR B 166 5.66 -1.58 7.92
CA THR B 166 4.74 -1.09 6.86
C THR B 166 3.56 -0.32 7.48
N ALA B 167 3.32 -0.44 8.79
CA ALA B 167 2.25 0.30 9.52
C ALA B 167 2.74 1.73 9.83
N ASP B 168 1.85 2.56 10.40
CA ASP B 168 2.06 4.03 10.56
C ASP B 168 2.35 4.38 12.03
N ASP B 169 2.72 3.42 12.86
CA ASP B 169 3.16 3.66 14.26
C ASP B 169 4.69 3.68 14.29
N PRO B 170 5.32 4.88 14.30
CA PRO B 170 6.79 4.98 14.21
C PRO B 170 7.55 4.37 15.40
N LEU B 171 6.98 4.41 16.61
CA LEU B 171 7.62 3.83 17.83
C LEU B 171 7.69 2.31 17.70
N LYS B 172 6.62 1.67 17.23
CA LYS B 172 6.55 0.19 17.07
C LYS B 172 7.52 -0.25 15.96
N SER B 173 7.61 0.53 14.88
CA SER B 173 8.56 0.30 13.76
C SER B 173 10.00 0.34 14.30
N LYS B 174 10.28 1.32 15.18
CA LYS B 174 11.62 1.53 15.79
C LYS B 174 11.96 0.35 16.71
N ILE B 175 11.00 -0.13 17.51
CA ILE B 175 11.16 -1.30 18.41
C ILE B 175 11.53 -2.51 17.57
N ALA B 176 10.80 -2.75 16.47
CA ALA B 176 11.07 -3.83 15.50
C ALA B 176 12.48 -3.67 14.94
N ALA B 177 12.88 -2.45 14.57
CA ALA B 177 14.20 -2.14 13.95
C ALA B 177 15.33 -2.48 14.93
N ALA B 178 15.10 -2.33 16.24
CA ALA B 178 16.06 -2.64 17.32
C ALA B 178 16.08 -4.15 17.59
N LEU B 179 14.92 -4.81 17.51
CA LEU B 179 14.76 -6.24 17.86
C LEU B 179 15.54 -7.13 16.87
N MET B 180 15.55 -6.76 15.58
CA MET B 180 16.20 -7.58 14.52
C MET B 180 17.70 -7.70 14.79
N PRO B 181 18.49 -6.60 14.84
CA PRO B 181 19.92 -6.71 15.17
C PRO B 181 20.21 -7.06 16.64
N GLY B 182 19.25 -6.80 17.54
CA GLY B 182 19.42 -6.94 18.99
C GLY B 182 19.18 -8.37 19.50
N PHE B 183 18.41 -9.19 18.78
CA PHE B 183 17.90 -10.48 19.32
C PHE B 183 17.86 -11.59 18.25
N LEU B 184 17.24 -11.34 17.09
CA LEU B 184 16.59 -12.41 16.27
C LEU B 184 17.62 -13.30 15.55
N LEU B 185 18.88 -12.89 15.41
CA LEU B 185 19.90 -13.68 14.64
C LEU B 185 20.85 -14.44 15.57
N TYR B 186 20.79 -14.21 16.88
CA TYR B 186 21.81 -14.71 17.85
C TYR B 186 21.70 -16.23 18.02
N GLY B 187 20.48 -16.78 17.95
CA GLY B 187 20.26 -18.24 17.91
C GLY B 187 21.05 -18.90 16.80
N GLY B 188 21.19 -18.22 15.65
CA GLY B 188 21.95 -18.69 14.48
C GLY B 188 23.44 -18.42 14.63
N PHE B 189 23.81 -17.28 15.20
CA PHE B 189 25.23 -16.87 15.43
C PHE B 189 25.89 -17.82 16.43
N TYR B 190 25.12 -18.50 17.28
CA TYR B 190 25.65 -19.51 18.25
C TYR B 190 26.46 -20.57 17.50
N LEU B 191 25.98 -21.01 16.34
CA LEU B 191 26.54 -22.16 15.58
C LEU B 191 28.00 -21.90 15.21
N PRO B 192 28.33 -20.82 14.44
CA PRO B 192 29.73 -20.58 14.07
C PRO B 192 30.69 -20.46 15.27
N PHE B 193 30.24 -19.86 16.39
CA PHE B 193 31.07 -19.69 17.62
C PHE B 193 31.23 -21.04 18.32
N TYR B 194 30.20 -21.90 18.28
CA TYR B 194 30.27 -23.31 18.77
C TYR B 194 31.37 -24.04 17.99
N LEU B 195 31.38 -23.89 16.66
CA LEU B 195 32.32 -24.59 15.74
C LEU B 195 33.74 -24.03 15.89
N SER B 196 33.92 -22.70 15.89
CA SER B 196 35.25 -22.03 15.99
C SER B 196 35.88 -22.32 17.37
N ALA B 197 35.08 -22.56 18.41
CA ALA B 197 35.55 -22.97 19.75
C ALA B 197 36.23 -24.34 19.67
N ARG B 198 35.94 -25.13 18.62
CA ARG B 198 36.59 -26.44 18.32
C ARG B 198 37.53 -26.29 17.11
N GLY B 199 37.97 -25.07 16.81
CA GLY B 199 38.91 -24.75 15.72
C GLY B 199 38.36 -25.04 14.34
N LYS B 200 37.03 -25.09 14.19
CA LYS B 200 36.34 -25.37 12.89
C LYS B 200 35.80 -24.05 12.32
N LEU B 201 36.04 -23.79 11.03
CA LEU B 201 35.54 -22.60 10.28
C LEU B 201 35.97 -21.32 10.99
N PRO B 202 37.27 -21.12 11.28
CA PRO B 202 37.73 -19.92 12.00
C PRO B 202 37.55 -18.61 11.21
N ASN B 203 37.73 -18.65 9.88
CA ASN B 203 37.66 -17.46 9.00
C ASN B 203 36.20 -17.02 8.86
N THR B 204 35.28 -17.99 8.74
CA THR B 204 33.80 -17.77 8.78
C THR B 204 33.43 -17.00 10.06
N SER B 205 34.04 -17.35 11.20
CA SER B 205 33.82 -16.70 12.51
C SER B 205 34.33 -15.25 12.50
N ASP B 206 35.36 -14.94 11.70
CA ASP B 206 35.88 -13.56 11.53
C ASP B 206 34.82 -12.70 10.82
N ILE B 207 34.09 -13.27 9.86
CA ILE B 207 32.99 -12.57 9.15
C ILE B 207 31.86 -12.29 10.14
N ILE B 208 31.50 -13.27 10.98
CA ILE B 208 30.42 -13.11 11.99
C ILE B 208 30.79 -11.97 12.95
N ARG B 209 32.07 -11.85 13.34
CA ARG B 209 32.54 -10.80 14.28
C ARG B 209 32.39 -9.41 13.62
N LEU B 210 32.67 -9.29 12.32
CA LEU B 210 32.54 -8.02 11.57
C LEU B 210 31.06 -7.63 11.47
N ILE B 211 30.18 -8.63 11.29
CA ILE B 211 28.70 -8.45 11.26
C ILE B 211 28.24 -7.95 12.64
N LEU B 212 28.68 -8.60 13.72
CA LEU B 212 28.26 -8.26 15.10
C LEU B 212 28.77 -6.85 15.48
N ARG B 213 29.95 -6.46 14.98
CA ARG B 213 30.54 -5.11 15.22
C ARG B 213 29.61 -4.04 14.66
N ASP B 214 28.90 -4.33 13.57
CA ASP B 214 27.88 -3.42 12.97
C ASP B 214 26.57 -3.52 13.75
N LYS B 215 26.05 -4.74 13.95
CA LYS B 215 24.70 -4.99 14.52
C LYS B 215 24.61 -4.40 15.93
N VAL B 216 25.69 -4.48 16.72
CA VAL B 216 25.72 -3.91 18.10
C VAL B 216 25.42 -2.41 18.03
N ILE B 217 25.96 -1.70 17.03
CA ILE B 217 25.74 -0.23 16.86
C ILE B 217 24.32 0.01 16.35
N HIS B 218 23.83 -0.82 15.43
CA HIS B 218 22.44 -0.74 14.88
C HIS B 218 21.44 -0.80 16.04
N ASN B 219 21.60 -1.80 16.92
CA ASN B 219 20.72 -2.03 18.10
C ASN B 219 20.83 -0.83 19.05
N PHE B 220 22.05 -0.41 19.39
CA PHE B 220 22.28 0.76 20.29
C PHE B 220 21.51 1.97 19.76
N TYR B 221 21.68 2.28 18.47
CA TYR B 221 21.21 3.53 17.82
C TYR B 221 19.67 3.56 17.80
N SER B 222 19.04 2.50 17.30
CA SER B 222 17.57 2.36 17.27
C SER B 222 17.00 2.41 18.69
N GLY B 223 17.68 1.77 19.66
CA GLY B 223 17.30 1.81 21.09
C GLY B 223 17.41 3.21 21.67
N TYR B 224 18.47 3.94 21.28
CA TYR B 224 18.76 5.34 21.71
C TYR B 224 17.64 6.26 21.21
N LYS B 225 17.29 6.16 19.93
CA LYS B 225 16.25 7.01 19.28
C LYS B 225 14.86 6.67 19.84
N TYR B 226 14.60 5.39 20.13
CA TYR B 226 13.35 4.93 20.80
C TYR B 226 13.19 5.69 22.13
N GLN B 227 14.23 5.68 22.96
CA GLN B 227 14.22 6.27 24.32
C GLN B 227 13.97 7.78 24.25
N LEU B 228 14.57 8.48 23.28
CA LEU B 228 14.40 9.95 23.10
C LEU B 228 12.92 10.26 22.83
N LYS B 229 12.24 9.45 21.99
CA LYS B 229 10.83 9.68 21.60
C LYS B 229 9.88 9.36 22.77
N VAL B 230 10.03 8.19 23.41
CA VAL B 230 9.10 7.74 24.49
C VAL B 230 9.21 8.68 25.71
N ALA B 231 10.40 9.26 25.94
CA ALA B 231 10.66 10.19 27.08
C ALA B 231 9.72 11.41 27.01
N LYS B 232 9.27 11.78 25.81
CA LYS B 232 8.41 12.99 25.56
C LYS B 232 6.93 12.66 25.76
N LEU B 233 6.58 11.38 25.93
CA LEU B 233 5.16 10.91 26.05
C LEU B 233 4.74 10.94 27.52
N SER B 234 3.43 10.84 27.76
CA SER B 234 2.80 10.83 29.11
C SER B 234 3.23 9.57 29.85
N PRO B 235 3.28 9.59 31.21
CA PRO B 235 3.58 8.40 32.00
C PRO B 235 2.71 7.18 31.65
N GLU B 236 1.44 7.40 31.31
CA GLU B 236 0.46 6.35 30.92
C GLU B 236 0.94 5.69 29.61
N LYS B 237 1.29 6.49 28.60
CA LYS B 237 1.72 6.00 27.26
C LYS B 237 3.11 5.36 27.38
N GLN B 238 3.99 5.88 28.27
CA GLN B 238 5.33 5.29 28.53
C GLN B 238 5.14 3.88 29.10
N ALA B 239 4.24 3.71 30.07
CA ALA B 239 3.87 2.41 30.68
C ALA B 239 3.29 1.48 29.61
N GLU B 240 2.46 2.02 28.71
CA GLU B 240 1.82 1.27 27.60
C GLU B 240 2.91 0.73 26.66
N MET B 241 3.87 1.58 26.28
CA MET B 241 4.95 1.22 25.32
C MET B 241 5.88 0.17 25.96
N LYS B 242 6.20 0.33 27.25
CA LYS B 242 7.02 -0.66 28.02
C LYS B 242 6.34 -2.03 27.93
N GLN B 243 5.02 -2.09 28.18
CA GLN B 243 4.23 -3.35 28.17
C GLN B 243 4.27 -3.97 26.77
N PHE B 244 4.10 -3.15 25.73
CA PHE B 244 4.15 -3.59 24.31
C PHE B 244 5.49 -4.25 24.01
N VAL B 245 6.60 -3.62 24.43
CA VAL B 245 7.99 -4.11 24.17
C VAL B 245 8.16 -5.50 24.79
N PHE B 246 7.77 -5.67 26.05
CA PHE B 246 7.88 -6.95 26.80
C PHE B 246 6.97 -8.00 26.15
N ASP B 247 5.77 -7.60 25.72
CA ASP B 247 4.79 -8.53 25.06
C ASP B 247 5.34 -8.95 23.70
N LEU B 248 5.82 -8.02 22.87
CA LEU B 248 6.41 -8.33 21.54
C LEU B 248 7.62 -9.25 21.72
N LEU B 249 8.51 -8.94 22.67
CA LEU B 249 9.72 -9.76 22.96
C LEU B 249 9.31 -11.18 23.37
N ASP B 250 8.33 -11.31 24.27
N ASP B 250 8.33 -11.29 24.27
CA ASP B 250 7.80 -12.62 24.74
CA ASP B 250 7.75 -12.57 24.76
C ASP B 250 7.31 -13.43 23.54
C ASP B 250 7.31 -13.41 23.55
N LYS B 251 6.57 -12.80 22.62
CA LYS B 251 6.05 -13.46 21.39
C LYS B 251 7.22 -13.90 20.51
N MET B 252 8.21 -13.03 20.29
CA MET B 252 9.37 -13.30 19.39
C MET B 252 10.25 -14.38 20.01
N ILE B 253 10.40 -14.41 21.35
CA ILE B 253 11.14 -15.49 22.09
C ILE B 253 10.42 -16.82 21.82
N GLY B 254 9.09 -16.83 21.88
CA GLY B 254 8.25 -18.00 21.58
C GLY B 254 8.52 -18.54 20.18
N LEU B 255 8.48 -17.67 19.17
CA LEU B 255 8.69 -18.02 17.74
C LEU B 255 10.14 -18.49 17.53
N GLU B 256 11.11 -17.80 18.12
CA GLU B 256 12.56 -18.12 17.99
C GLU B 256 12.82 -19.51 18.59
N LYS B 257 12.28 -19.79 19.78
CA LYS B 257 12.45 -21.09 20.49
C LYS B 257 11.96 -22.24 19.61
N THR B 258 10.76 -22.11 19.04
CA THR B 258 10.13 -23.11 18.14
C THR B 258 11.06 -23.37 16.94
N TYR B 259 11.60 -22.32 16.32
CA TYR B 259 12.51 -22.39 15.15
C TYR B 259 13.81 -23.12 15.52
N LEU B 260 14.46 -22.70 16.61
CA LEU B 260 15.80 -23.22 17.03
C LEU B 260 15.71 -24.70 17.39
N HIS B 261 14.61 -25.13 18.01
CA HIS B 261 14.35 -26.57 18.36
C HIS B 261 14.29 -27.41 17.07
N GLN B 262 13.66 -26.91 16.02
CA GLN B 262 13.56 -27.59 14.69
C GLN B 262 14.92 -27.54 13.98
N LEU B 263 15.56 -26.36 13.95
CA LEU B 263 16.86 -26.12 13.28
C LEU B 263 17.93 -27.08 13.83
N TYR B 264 18.05 -27.18 15.16
CA TYR B 264 19.16 -27.89 15.86
C TYR B 264 18.73 -29.32 16.28
N ASP B 265 17.54 -29.78 15.84
CA ASP B 265 17.03 -31.14 16.14
C ASP B 265 18.04 -32.19 15.65
N GLY B 266 18.59 -32.99 16.57
CA GLY B 266 19.54 -34.09 16.28
C GLY B 266 20.98 -33.67 16.47
N PHE B 267 21.23 -32.42 16.84
CA PHE B 267 22.59 -31.85 17.09
C PHE B 267 22.76 -31.47 18.56
N GLY B 268 21.65 -31.33 19.31
CA GLY B 268 21.64 -31.03 20.76
C GLY B 268 22.22 -29.67 21.10
N LEU B 269 22.06 -28.67 20.22
CA LEU B 269 22.59 -27.29 20.42
C LEU B 269 21.47 -26.33 20.85
N ALA B 270 20.21 -26.75 20.72
CA ALA B 270 19.01 -25.90 20.93
C ALA B 270 19.05 -25.22 22.30
N ASP B 271 19.34 -25.98 23.36
CA ASP B 271 19.32 -25.50 24.78
C ASP B 271 20.34 -24.37 24.96
N GLU B 272 21.58 -24.56 24.49
CA GLU B 272 22.68 -23.57 24.59
C GLU B 272 22.38 -22.37 23.68
N ALA B 273 21.88 -22.61 22.46
CA ALA B 273 21.52 -21.59 21.46
C ALA B 273 20.44 -20.66 22.03
N ILE B 274 19.43 -21.22 22.68
CA ILE B 274 18.28 -20.48 23.27
C ILE B 274 18.79 -19.62 24.44
N ARG B 275 19.70 -20.14 25.26
CA ARG B 275 20.31 -19.39 26.39
C ARG B 275 21.09 -18.17 25.83
N PHE B 276 21.84 -18.36 24.74
CA PHE B 276 22.61 -17.29 24.04
C PHE B 276 21.64 -16.25 23.48
N SER B 277 20.51 -16.71 22.93
CA SER B 277 19.40 -15.87 22.43
C SER B 277 18.84 -14.99 23.56
N LEU B 278 18.60 -15.60 24.73
CA LEU B 278 18.01 -14.91 25.91
C LEU B 278 19.02 -13.92 26.52
N TYR B 279 20.32 -14.25 26.49
CA TYR B 279 21.40 -13.32 26.90
C TYR B 279 21.26 -12.02 26.09
N ASN B 280 21.06 -12.16 24.79
CA ASN B 280 20.95 -11.02 23.84
C ASN B 280 19.59 -10.33 23.98
N ALA B 281 18.52 -11.08 24.30
CA ALA B 281 17.19 -10.52 24.60
C ALA B 281 17.30 -9.53 25.77
N GLY B 282 18.09 -9.87 26.78
CA GLY B 282 18.38 -8.99 27.95
C GLY B 282 19.09 -7.72 27.51
N LYS B 283 20.06 -7.84 26.61
CA LYS B 283 20.84 -6.69 26.07
C LYS B 283 19.92 -5.82 25.21
N PHE B 284 19.04 -6.42 24.41
CA PHE B 284 17.99 -5.71 23.63
C PHE B 284 17.19 -4.79 24.56
N LEU B 285 16.68 -5.34 25.67
CA LEU B 285 15.85 -4.59 26.66
C LEU B 285 16.67 -3.42 27.23
N GLN B 286 17.92 -3.65 27.60
CA GLN B 286 18.83 -2.63 28.17
C GLN B 286 19.05 -1.50 27.16
N ASN B 287 19.15 -1.83 25.86
CA ASN B 287 19.34 -0.85 24.76
C ASN B 287 18.11 0.06 24.62
N LEU B 288 16.93 -0.39 25.08
CA LEU B 288 15.66 0.40 25.09
C LEU B 288 15.46 1.03 26.48
N GLY B 289 16.38 0.80 27.41
CA GLY B 289 16.40 1.43 28.75
C GLY B 289 15.61 0.64 29.77
N TYR B 290 15.31 -0.63 29.50
CA TYR B 290 14.52 -1.52 30.40
C TYR B 290 15.47 -2.55 31.04
N GLU B 291 15.15 -2.95 32.27
CA GLU B 291 15.90 -4.00 33.01
C GLU B 291 15.60 -5.36 32.38
N SER B 292 16.64 -6.19 32.26
CA SER B 292 16.53 -7.61 31.84
C SER B 292 15.89 -8.41 32.98
N PRO B 293 14.79 -9.16 32.73
CA PRO B 293 14.20 -10.02 33.74
C PRO B 293 14.86 -11.41 33.82
N PHE B 294 15.80 -11.70 32.91
CA PHE B 294 16.44 -13.03 32.75
C PHE B 294 17.57 -13.18 33.77
N THR B 295 17.64 -14.34 34.42
CA THR B 295 18.65 -14.70 35.45
C THR B 295 19.97 -15.08 34.77
N LYS B 296 21.08 -15.05 35.52
CA LYS B 296 22.43 -15.49 35.08
C LYS B 296 22.36 -16.93 34.55
N GLU B 297 21.57 -17.79 35.22
CA GLU B 297 21.43 -19.24 34.92
C GLU B 297 20.75 -19.42 33.55
N GLU B 298 19.67 -18.69 33.31
CA GLU B 298 18.87 -18.72 32.05
C GLU B 298 19.72 -18.35 30.84
N THR B 299 20.76 -17.53 31.02
CA THR B 299 21.51 -16.85 29.93
C THR B 299 22.97 -17.33 29.86
N ARG B 300 23.45 -18.14 30.82
CA ARG B 300 24.84 -18.66 30.83
C ARG B 300 25.03 -19.63 29.67
N ILE B 301 26.14 -19.51 28.93
CA ILE B 301 26.58 -20.52 27.93
C ILE B 301 28.02 -20.94 28.25
N ALA B 302 28.50 -21.99 27.58
CA ALA B 302 29.85 -22.58 27.75
C ALA B 302 30.91 -21.49 27.56
N PRO B 303 31.81 -21.25 28.54
CA PRO B 303 32.84 -20.21 28.42
C PRO B 303 33.68 -20.26 27.13
N GLU B 304 33.99 -21.46 26.62
CA GLU B 304 34.81 -21.63 25.39
C GLU B 304 34.06 -21.06 24.18
N VAL B 305 32.72 -21.11 24.19
CA VAL B 305 31.85 -20.58 23.09
C VAL B 305 31.78 -19.05 23.23
N PHE B 306 31.51 -18.55 24.45
CA PHE B 306 31.42 -17.10 24.77
C PHE B 306 32.76 -16.42 24.44
N ALA B 307 33.87 -17.12 24.66
CA ALA B 307 35.25 -16.64 24.40
C ALA B 307 35.43 -16.29 22.91
N GLN B 308 34.70 -16.97 22.02
CA GLN B 308 34.72 -16.70 20.55
C GLN B 308 34.03 -15.37 20.24
N LEU B 309 33.01 -14.99 21.02
CA LEU B 309 32.36 -13.66 20.92
C LEU B 309 33.34 -12.59 21.41
N SER B 310 33.82 -12.72 22.65
CA SER B 310 34.81 -11.81 23.29
C SER B 310 35.74 -12.59 24.22
N ALA B 311 37.04 -12.56 23.94
CA ALA B 311 38.12 -13.13 24.78
C ALA B 311 38.33 -12.28 26.03
N ARG B 312 37.89 -11.00 26.01
CA ARG B 312 38.02 -10.05 27.14
C ARG B 312 36.92 -10.26 28.19
N ALA B 313 35.97 -11.17 27.93
CA ALA B 313 34.82 -11.47 28.80
C ALA B 313 35.19 -12.53 29.85
N ASP B 314 36.38 -13.12 29.75
CA ASP B 314 36.91 -14.13 30.72
C ASP B 314 37.13 -13.44 32.08
N LEU B 336 47.76 4.26 21.30
CA LEU B 336 46.92 5.04 22.25
C LEU B 336 46.77 6.48 21.74
N ASP B 337 45.94 7.27 22.43
CA ASP B 337 45.64 8.69 22.10
C ASP B 337 46.90 9.54 22.35
N GLU B 338 47.05 10.63 21.59
CA GLU B 338 48.16 11.61 21.73
C GLU B 338 47.86 12.57 22.89
N ASP B 339 46.64 12.56 23.43
CA ASP B 339 46.13 13.56 24.41
C ASP B 339 46.44 13.13 25.85
N TRP B 340 46.93 11.91 26.08
CA TRP B 340 47.51 11.50 27.40
C TRP B 340 48.70 12.41 27.70
N ASP B 341 48.78 12.97 28.93
CA ASP B 341 49.86 13.93 29.33
C ASP B 341 50.86 13.23 30.26
N PHE B 342 50.77 11.90 30.40
CA PHE B 342 51.61 11.09 31.32
C PHE B 342 51.67 9.65 30.79
N ASN C 9 -19.19 -0.12 -31.82
CA ASN C 9 -17.86 0.42 -32.23
C ASN C 9 -17.35 1.42 -31.18
N TYR C 10 -18.23 2.29 -30.65
CA TYR C 10 -17.91 3.20 -29.51
C TYR C 10 -17.29 2.37 -28.38
N TYR C 11 -17.85 1.18 -28.13
CA TYR C 11 -17.46 0.25 -27.04
C TYR C 11 -15.98 -0.14 -27.20
N ASP C 12 -15.54 -0.41 -28.43
CA ASP C 12 -14.22 -1.01 -28.76
C ASP C 12 -13.12 0.06 -28.78
N ARG C 13 -13.46 1.35 -28.72
CA ARG C 13 -12.48 2.47 -28.70
C ARG C 13 -12.67 3.31 -27.44
N SER C 14 -13.23 2.72 -26.38
CA SER C 14 -13.44 3.38 -25.06
C SER C 14 -13.29 2.34 -23.95
N VAL C 15 -13.18 2.80 -22.70
CA VAL C 15 -13.00 1.93 -21.50
C VAL C 15 -14.04 2.31 -20.44
N SER C 16 -14.40 1.38 -19.57
CA SER C 16 -15.22 1.66 -18.36
C SER C 16 -14.40 2.57 -17.44
N PRO C 17 -15.06 3.47 -16.68
CA PRO C 17 -14.36 4.33 -15.72
C PRO C 17 -13.33 3.60 -14.85
N VAL C 18 -13.66 2.41 -14.33
CA VAL C 18 -12.79 1.68 -13.38
C VAL C 18 -11.51 1.24 -14.10
N GLU C 19 -11.60 0.90 -15.39
CA GLU C 19 -10.43 0.58 -16.25
C GLU C 19 -9.57 1.84 -16.45
N TYR C 20 -10.22 2.99 -16.69
CA TYR C 20 -9.55 4.30 -16.87
C TYR C 20 -8.80 4.65 -15.58
N ALA C 21 -9.45 4.46 -14.42
CA ALA C 21 -8.94 4.87 -13.09
C ALA C 21 -7.66 4.08 -12.75
N TYR C 22 -7.64 2.76 -13.00
CA TYR C 22 -6.63 1.84 -12.41
C TYR C 22 -5.65 1.28 -13.44
N PHE C 23 -5.98 1.27 -14.73
CA PHE C 23 -5.20 0.50 -15.75
C PHE C 23 -4.73 1.39 -16.91
N ASP C 24 -5.61 2.20 -17.52
CA ASP C 24 -5.30 2.89 -18.80
C ASP C 24 -6.04 4.23 -18.87
N GLN C 25 -5.31 5.34 -18.64
CA GLN C 25 -5.83 6.74 -18.71
C GLN C 25 -5.67 7.30 -20.12
N SER C 26 -5.34 6.47 -21.12
CA SER C 26 -4.98 6.88 -22.49
C SER C 26 -6.16 6.68 -23.45
N GLN C 27 -7.40 6.66 -22.94
CA GLN C 27 -8.64 6.54 -23.76
C GLN C 27 -9.80 7.19 -23.01
N ASN C 28 -10.90 7.46 -23.71
CA ASN C 28 -12.11 8.11 -23.13
C ASN C 28 -13.01 7.03 -22.51
N MET C 29 -13.85 7.44 -21.55
CA MET C 29 -14.71 6.53 -20.76
C MET C 29 -16.09 6.41 -21.41
N ARG C 30 -16.68 5.21 -21.35
CA ARG C 30 -18.08 4.93 -21.78
C ARG C 30 -18.93 4.74 -20.53
N ALA C 31 -20.15 5.28 -20.56
CA ALA C 31 -21.24 5.00 -19.60
C ALA C 31 -21.59 3.51 -19.73
N ILE C 32 -22.01 2.89 -18.62
CA ILE C 32 -22.55 1.50 -18.64
C ILE C 32 -23.71 1.47 -19.64
N ASN C 33 -23.78 0.40 -20.46
CA ASN C 33 -24.86 0.17 -21.44
C ASN C 33 -25.67 -1.05 -20.99
N TRP C 34 -26.85 -0.80 -20.40
CA TRP C 34 -27.81 -1.85 -19.93
C TRP C 34 -28.74 -2.26 -21.07
N ASN C 35 -28.68 -1.56 -22.21
CA ASN C 35 -29.57 -1.80 -23.37
C ASN C 35 -28.92 -2.82 -24.31
N LYS C 36 -27.59 -2.81 -24.43
CA LYS C 36 -26.79 -3.78 -25.21
C LYS C 36 -25.90 -4.57 -24.25
N ILE C 37 -26.37 -5.74 -23.80
CA ILE C 37 -25.75 -6.59 -22.74
C ILE C 37 -24.78 -7.58 -23.39
N VAL C 38 -23.53 -7.60 -22.95
CA VAL C 38 -22.48 -8.54 -23.45
C VAL C 38 -22.83 -9.96 -23.01
N ASP C 39 -23.21 -10.14 -21.74
CA ASP C 39 -23.45 -11.47 -21.13
C ASP C 39 -24.80 -11.49 -20.41
N GLU C 40 -25.79 -12.19 -20.98
CA GLU C 40 -27.19 -12.29 -20.45
C GLU C 40 -27.16 -12.86 -19.03
N LYS C 41 -26.15 -13.68 -18.68
CA LYS C 41 -25.99 -14.28 -17.33
C LYS C 41 -25.89 -13.16 -16.28
N ASP C 42 -25.25 -12.02 -16.63
CA ASP C 42 -25.12 -10.84 -15.74
C ASP C 42 -26.52 -10.31 -15.41
N LEU C 43 -27.38 -10.15 -16.42
CA LEU C 43 -28.75 -9.62 -16.23
C LEU C 43 -29.53 -10.57 -15.31
N GLU C 44 -29.42 -11.88 -15.55
CA GLU C 44 -30.09 -12.94 -14.76
C GLU C 44 -29.67 -12.82 -13.28
N VAL C 45 -28.38 -12.70 -13.02
CA VAL C 45 -27.83 -12.63 -11.62
C VAL C 45 -28.26 -11.31 -10.99
N TRP C 46 -28.08 -10.18 -11.69
CA TRP C 46 -28.48 -8.83 -11.22
C TRP C 46 -29.96 -8.84 -10.80
N ASN C 47 -30.82 -9.38 -11.65
CA ASN C 47 -32.28 -9.44 -11.41
C ASN C 47 -32.56 -10.23 -10.14
N ARG C 48 -31.93 -11.40 -9.97
CA ARG C 48 -32.22 -12.29 -8.82
C ARG C 48 -31.75 -11.65 -7.50
N VAL C 49 -30.51 -11.14 -7.44
CA VAL C 49 -29.93 -10.61 -6.18
C VAL C 49 -30.69 -9.35 -5.75
N THR C 50 -31.09 -8.48 -6.68
CA THR C 50 -31.85 -7.24 -6.38
C THR C 50 -33.29 -7.60 -5.96
N GLN C 51 -33.91 -8.58 -6.62
CA GLN C 51 -35.27 -9.06 -6.30
C GLN C 51 -35.25 -9.81 -4.95
N ASN C 52 -34.09 -10.36 -4.55
CA ASN C 52 -33.93 -11.11 -3.28
C ASN C 52 -33.49 -10.18 -2.13
N PHE C 53 -33.49 -8.86 -2.33
CA PHE C 53 -33.16 -7.87 -1.27
C PHE C 53 -34.00 -8.16 -0.02
N TRP C 54 -33.34 -8.19 1.14
CA TRP C 54 -33.99 -8.41 2.46
C TRP C 54 -33.20 -7.66 3.53
N LEU C 55 -33.83 -7.40 4.67
CA LEU C 55 -33.17 -6.83 5.88
C LEU C 55 -33.52 -7.70 7.08
N PRO C 56 -32.59 -7.85 8.05
CA PRO C 56 -32.82 -8.74 9.19
C PRO C 56 -34.05 -8.36 10.05
N GLU C 57 -34.49 -7.10 9.99
CA GLU C 57 -35.71 -6.60 10.69
C GLU C 57 -36.97 -7.25 10.09
N ASN C 58 -36.86 -7.92 8.93
CA ASN C 58 -37.97 -8.67 8.29
C ASN C 58 -38.33 -9.91 9.12
N ILE C 59 -37.37 -10.47 9.88
CA ILE C 59 -37.53 -11.76 10.62
C ILE C 59 -37.84 -11.45 12.09
N PRO C 60 -38.90 -12.07 12.67
CA PRO C 60 -39.23 -11.88 14.09
C PRO C 60 -38.36 -12.74 15.01
N VAL C 61 -37.11 -12.31 15.25
CA VAL C 61 -36.08 -13.05 16.05
C VAL C 61 -36.54 -13.16 17.51
N SER C 62 -37.40 -12.24 17.99
CA SER C 62 -37.92 -12.22 19.38
C SER C 62 -38.64 -13.53 19.72
N ASN C 63 -39.23 -14.21 18.71
CA ASN C 63 -39.91 -15.51 18.87
C ASN C 63 -38.92 -16.62 19.23
N ASP C 64 -37.60 -16.39 19.09
CA ASP C 64 -36.54 -17.37 19.45
C ASP C 64 -36.23 -17.31 20.96
N LEU C 65 -36.69 -16.28 21.67
CA LEU C 65 -36.35 -16.03 23.10
C LEU C 65 -36.66 -17.26 23.96
N PRO C 66 -37.86 -17.87 23.89
CA PRO C 66 -38.15 -19.07 24.67
C PRO C 66 -37.10 -20.18 24.50
N SER C 67 -36.75 -20.56 23.27
CA SER C 67 -35.77 -21.65 22.97
C SER C 67 -34.36 -21.21 23.35
N TRP C 68 -34.01 -19.93 23.15
CA TRP C 68 -32.71 -19.34 23.58
C TRP C 68 -32.56 -19.50 25.11
N ASN C 69 -33.59 -19.13 25.87
CA ASN C 69 -33.60 -19.16 27.35
C ASN C 69 -33.51 -20.61 27.87
N GLU C 70 -33.85 -21.61 27.04
CA GLU C 70 -33.74 -23.06 27.39
C GLU C 70 -32.29 -23.53 27.30
N LEU C 71 -31.44 -22.85 26.50
CA LEU C 71 -30.00 -23.21 26.36
C LEU C 71 -29.23 -22.73 27.59
N ASP C 72 -28.27 -23.53 28.08
CA ASP C 72 -27.37 -23.16 29.20
C ASP C 72 -26.36 -22.12 28.70
N ASP C 73 -25.58 -21.55 29.61
CA ASP C 73 -24.61 -20.45 29.33
C ASP C 73 -23.55 -20.92 28.32
N ASP C 74 -23.14 -22.19 28.38
CA ASP C 74 -22.07 -22.75 27.51
C ASP C 74 -22.52 -22.71 26.05
N TRP C 75 -23.75 -23.16 25.78
CA TRP C 75 -24.34 -23.22 24.41
C TRP C 75 -24.60 -21.79 23.90
N GLN C 76 -25.08 -20.89 24.78
CA GLN C 76 -25.34 -19.47 24.44
C GLN C 76 -24.03 -18.78 24.04
N GLN C 77 -22.95 -19.04 24.77
CA GLN C 77 -21.60 -18.49 24.49
C GLN C 77 -21.10 -19.04 23.14
N LEU C 78 -21.28 -20.33 22.89
CA LEU C 78 -20.85 -21.00 21.63
C LEU C 78 -21.52 -20.32 20.44
N ILE C 79 -22.82 -20.02 20.54
CA ILE C 79 -23.62 -19.40 19.44
C ILE C 79 -23.10 -17.97 19.20
N THR C 80 -22.94 -17.18 20.26
CA THR C 80 -22.45 -15.78 20.18
C THR C 80 -21.05 -15.77 19.55
N ARG C 81 -20.16 -16.68 19.98
CA ARG C 81 -18.77 -16.78 19.47
C ARG C 81 -18.80 -17.18 18.00
N THR C 82 -19.49 -18.26 17.65
CA THR C 82 -19.61 -18.77 16.26
C THR C 82 -20.09 -17.63 15.35
N PHE C 83 -21.14 -16.91 15.74
CA PHE C 83 -21.82 -15.87 14.93
C PHE C 83 -20.96 -14.61 14.82
N THR C 84 -20.20 -14.26 15.87
CA THR C 84 -19.24 -13.12 15.82
C THR C 84 -18.10 -13.49 14.87
N GLY C 85 -17.67 -14.75 14.87
CA GLY C 85 -16.70 -15.31 13.91
C GLY C 85 -17.19 -15.18 12.48
N LEU C 86 -18.46 -15.48 12.23
CA LEU C 86 -19.10 -15.35 10.90
C LEU C 86 -19.21 -13.86 10.54
N THR C 87 -19.53 -13.00 11.51
CA THR C 87 -19.60 -11.52 11.34
C THR C 87 -18.25 -11.02 10.81
N LEU C 88 -17.13 -11.49 11.37
CA LEU C 88 -15.77 -11.08 10.94
C LEU C 88 -15.59 -11.39 9.45
N LEU C 89 -15.91 -12.61 9.03
CA LEU C 89 -15.71 -13.09 7.63
C LEU C 89 -16.58 -12.28 6.67
N ASP C 90 -17.83 -11.97 7.06
CA ASP C 90 -18.73 -11.10 6.27
C ASP C 90 -18.15 -9.68 6.19
N THR C 91 -17.58 -9.16 7.28
CA THR C 91 -16.96 -7.81 7.31
C THR C 91 -15.78 -7.78 6.33
N VAL C 92 -14.96 -8.84 6.31
CA VAL C 92 -13.81 -9.00 5.37
C VAL C 92 -14.34 -8.92 3.93
N GLN C 93 -15.38 -9.69 3.61
CA GLN C 93 -15.89 -9.83 2.22
C GLN C 93 -16.58 -8.52 1.78
N SER C 94 -17.34 -7.88 2.68
CA SER C 94 -18.11 -6.64 2.39
C SER C 94 -17.15 -5.45 2.17
N SER C 95 -16.10 -5.33 2.98
CA SER C 95 -15.24 -4.12 3.04
C SER C 95 -14.00 -4.26 2.15
N ILE C 96 -13.59 -5.48 1.79
CA ILE C 96 -12.36 -5.75 0.98
C ILE C 96 -12.69 -6.60 -0.26
N GLY C 97 -13.21 -7.80 -0.05
CA GLY C 97 -13.22 -8.90 -1.04
C GLY C 97 -14.03 -8.59 -2.28
N ASP C 98 -15.32 -8.26 -2.11
CA ASP C 98 -16.26 -8.07 -3.24
C ASP C 98 -15.91 -6.79 -4.00
N VAL C 99 -15.59 -5.70 -3.31
CA VAL C 99 -15.29 -4.39 -3.97
C VAL C 99 -13.96 -4.49 -4.75
N ALA C 100 -13.02 -5.33 -4.31
CA ALA C 100 -11.74 -5.58 -5.00
C ALA C 100 -11.99 -6.27 -6.35
N GLN C 101 -13.12 -6.97 -6.50
CA GLN C 101 -13.48 -7.69 -7.75
C GLN C 101 -13.89 -6.70 -8.84
N ILE C 102 -14.37 -5.51 -8.47
CA ILE C 102 -15.03 -4.55 -9.42
C ILE C 102 -14.06 -4.22 -10.57
N LYS C 103 -12.83 -3.83 -10.24
CA LYS C 103 -11.84 -3.33 -11.24
C LYS C 103 -11.36 -4.46 -12.17
N ASN C 104 -11.59 -5.73 -11.82
CA ASN C 104 -11.11 -6.91 -12.61
C ASN C 104 -12.28 -7.54 -13.39
N SER C 105 -13.41 -6.84 -13.49
CA SER C 105 -14.66 -7.34 -14.14
C SER C 105 -14.42 -7.57 -15.64
N LEU C 106 -15.01 -8.63 -16.20
CA LEU C 106 -15.04 -8.92 -17.66
C LEU C 106 -16.08 -8.02 -18.35
N THR C 107 -17.16 -7.64 -17.67
CA THR C 107 -18.28 -6.86 -18.25
C THR C 107 -18.61 -5.65 -17.37
N GLU C 108 -19.35 -4.68 -17.91
CA GLU C 108 -19.81 -3.47 -17.21
C GLU C 108 -20.76 -3.85 -16.07
N GLN C 109 -21.69 -4.77 -16.33
CA GLN C 109 -22.77 -5.15 -15.36
C GLN C 109 -22.13 -5.87 -14.16
N GLU C 110 -21.06 -6.63 -14.39
CA GLU C 110 -20.30 -7.35 -13.34
C GLU C 110 -19.81 -6.35 -12.28
N GLN C 111 -19.43 -5.14 -12.69
CA GLN C 111 -18.93 -4.07 -11.78
C GLN C 111 -20.04 -3.71 -10.78
N VAL C 112 -21.28 -3.61 -11.27
CA VAL C 112 -22.46 -3.18 -10.45
C VAL C 112 -22.89 -4.36 -9.57
N ILE C 113 -22.83 -5.58 -10.11
CA ILE C 113 -23.22 -6.82 -9.38
C ILE C 113 -22.30 -6.99 -8.16
N TYR C 114 -21.00 -6.72 -8.27
CA TYR C 114 -20.07 -6.88 -7.13
C TYR C 114 -20.33 -5.78 -6.08
N ALA C 115 -20.80 -4.60 -6.49
CA ALA C 115 -21.22 -3.53 -5.55
C ALA C 115 -22.44 -4.03 -4.74
N ASN C 116 -23.40 -4.66 -5.41
CA ASN C 116 -24.56 -5.33 -4.74
C ASN C 116 -24.04 -6.36 -3.73
N PHE C 117 -23.15 -7.26 -4.16
CA PHE C 117 -22.59 -8.36 -3.30
C PHE C 117 -22.01 -7.73 -2.02
N ALA C 118 -21.15 -6.72 -2.17
CA ALA C 118 -20.48 -6.02 -1.05
C ALA C 118 -21.55 -5.53 -0.07
N PHE C 119 -22.57 -4.83 -0.57
CA PHE C 119 -23.67 -4.29 0.25
C PHE C 119 -24.38 -5.45 0.98
N MET C 120 -24.76 -6.50 0.25
CA MET C 120 -25.61 -7.59 0.79
C MET C 120 -24.83 -8.42 1.82
N VAL C 121 -23.52 -8.64 1.61
CA VAL C 121 -22.68 -9.34 2.63
C VAL C 121 -22.57 -8.45 3.87
N GLY C 122 -22.61 -7.12 3.70
CA GLY C 122 -22.75 -6.16 4.81
C GLY C 122 -24.04 -6.38 5.58
N VAL C 123 -25.14 -6.68 4.88
CA VAL C 123 -26.46 -7.00 5.48
C VAL C 123 -26.35 -8.31 6.27
N HIS C 124 -25.63 -9.30 5.74
CA HIS C 124 -25.39 -10.60 6.43
C HIS C 124 -24.72 -10.33 7.78
N ALA C 125 -23.64 -9.55 7.80
CA ALA C 125 -22.87 -9.18 9.01
C ALA C 125 -23.81 -8.47 10.00
N ARG C 126 -24.61 -7.54 9.51
CA ARG C 126 -25.58 -6.73 10.31
C ARG C 126 -26.63 -7.63 10.96
N SER C 127 -27.02 -8.72 10.28
N SER C 127 -27.03 -8.71 10.28
CA SER C 127 -28.10 -9.66 10.71
CA SER C 127 -28.09 -9.66 10.72
C SER C 127 -27.73 -10.35 12.03
C SER C 127 -27.72 -10.31 12.05
N TYR C 128 -26.44 -10.67 12.24
CA TYR C 128 -25.93 -11.28 13.50
C TYR C 128 -26.14 -10.29 14.66
N GLY C 129 -25.85 -9.01 14.43
CA GLY C 129 -26.10 -7.92 15.39
C GLY C 129 -27.57 -7.84 15.78
N THR C 130 -28.49 -7.98 14.82
CA THR C 130 -29.95 -8.02 15.05
C THR C 130 -30.29 -9.20 15.97
N ILE C 131 -29.68 -10.36 15.73
CA ILE C 131 -29.89 -11.58 16.57
C ILE C 131 -29.38 -11.29 17.99
N PHE C 132 -28.16 -10.76 18.11
CA PHE C 132 -27.50 -10.47 19.42
C PHE C 132 -28.33 -9.45 20.20
N SER C 133 -28.82 -8.41 19.51
CA SER C 133 -29.63 -7.31 20.09
C SER C 133 -30.86 -7.89 20.81
N THR C 134 -31.46 -8.94 20.24
CA THR C 134 -32.72 -9.58 20.73
C THR C 134 -32.40 -10.60 21.84
N LEU C 135 -31.35 -11.41 21.68
CA LEU C 135 -31.12 -12.62 22.51
C LEU C 135 -30.05 -12.38 23.59
N CYS C 136 -28.92 -11.75 23.24
CA CYS C 136 -27.66 -11.75 24.04
C CYS C 136 -27.64 -10.61 25.04
N THR C 137 -26.89 -10.79 26.14
CA THR C 137 -26.54 -9.73 27.12
C THR C 137 -25.38 -8.91 26.54
N SER C 138 -25.19 -7.70 27.05
CA SER C 138 -24.04 -6.81 26.72
C SER C 138 -22.73 -7.56 26.98
N GLU C 139 -22.65 -8.31 28.08
CA GLU C 139 -21.44 -9.08 28.50
C GLU C 139 -21.15 -10.19 27.48
N GLN C 140 -22.17 -10.94 27.07
CA GLN C 140 -22.05 -12.04 26.07
C GLN C 140 -21.52 -11.48 24.75
N ILE C 141 -22.05 -10.32 24.32
CA ILE C 141 -21.66 -9.64 23.05
C ILE C 141 -20.18 -9.24 23.13
N GLU C 142 -19.77 -8.56 24.21
CA GLU C 142 -18.39 -8.02 24.36
C GLU C 142 -17.37 -9.18 24.48
N GLU C 143 -17.70 -10.21 25.26
CA GLU C 143 -16.85 -11.43 25.45
C GLU C 143 -16.58 -12.09 24.09
N ALA C 144 -17.61 -12.20 23.24
CA ALA C 144 -17.51 -12.83 21.90
C ALA C 144 -16.52 -12.04 21.03
N HIS C 145 -16.60 -10.70 21.06
CA HIS C 145 -15.69 -9.80 20.29
C HIS C 145 -14.24 -9.96 20.78
N GLU C 146 -14.03 -9.94 22.10
CA GLU C 146 -12.72 -10.21 22.75
C GLU C 146 -12.18 -11.56 22.26
N TRP C 147 -13.02 -12.59 22.33
CA TRP C 147 -12.68 -13.99 21.95
C TRP C 147 -12.25 -14.06 20.49
N VAL C 148 -12.93 -13.37 19.58
CA VAL C 148 -12.61 -13.37 18.11
C VAL C 148 -11.24 -12.72 17.89
N VAL C 149 -10.99 -11.57 18.51
CA VAL C 149 -9.72 -10.79 18.38
C VAL C 149 -8.53 -11.66 18.85
N ASP C 150 -8.72 -12.49 19.88
CA ASP C 150 -7.61 -13.22 20.55
C ASP C 150 -7.51 -14.67 20.06
N ASN C 151 -8.39 -15.10 19.14
CA ASN C 151 -8.41 -16.49 18.61
C ASN C 151 -7.53 -16.56 17.35
N GLU C 152 -6.28 -17.00 17.49
CA GLU C 152 -5.28 -17.05 16.39
C GLU C 152 -5.77 -18.02 15.30
N ALA C 153 -6.38 -19.15 15.68
CA ALA C 153 -6.91 -20.17 14.75
C ALA C 153 -8.02 -19.56 13.88
N LEU C 154 -8.91 -18.76 14.49
CA LEU C 154 -10.00 -18.02 13.78
C LEU C 154 -9.36 -17.02 12.81
N GLN C 155 -8.46 -16.17 13.31
CA GLN C 155 -7.83 -15.05 12.57
C GLN C 155 -7.06 -15.58 11.36
N ALA C 156 -6.45 -16.76 11.48
CA ALA C 156 -5.57 -17.38 10.45
C ALA C 156 -6.31 -17.46 9.10
N ARG C 157 -7.61 -17.73 9.12
CA ARG C 157 -8.43 -17.99 7.91
C ARG C 157 -8.56 -16.70 7.09
N PRO C 158 -9.15 -15.60 7.60
CA PRO C 158 -9.19 -14.34 6.86
C PRO C 158 -7.81 -13.79 6.50
N LYS C 159 -6.81 -13.95 7.39
CA LYS C 159 -5.41 -13.50 7.16
C LYS C 159 -4.81 -14.22 5.94
N ALA C 160 -5.27 -15.45 5.64
CA ALA C 160 -4.79 -16.26 4.49
C ALA C 160 -5.45 -15.78 3.18
N LEU C 161 -6.69 -15.29 3.23
CA LEU C 161 -7.47 -14.90 2.01
C LEU C 161 -7.18 -13.45 1.62
N ILE C 162 -7.10 -12.53 2.60
CA ILE C 162 -7.01 -11.05 2.35
C ILE C 162 -5.84 -10.72 1.42
N PRO C 163 -4.65 -11.34 1.56
CA PRO C 163 -3.53 -11.08 0.65
C PRO C 163 -3.85 -11.20 -0.85
N PHE C 164 -4.74 -12.13 -1.23
CA PHE C 164 -5.18 -12.34 -2.63
C PHE C 164 -5.98 -11.12 -3.10
N TYR C 165 -6.75 -10.50 -2.20
CA TYR C 165 -7.58 -9.31 -2.51
C TYR C 165 -6.69 -8.08 -2.75
N THR C 166 -5.60 -7.92 -1.99
CA THR C 166 -4.74 -6.70 -2.02
C THR C 166 -3.59 -6.86 -3.01
N ALA C 167 -3.25 -8.10 -3.42
CA ALA C 167 -2.23 -8.37 -4.47
C ALA C 167 -2.81 -8.05 -5.85
N ASP C 168 -2.00 -8.12 -6.90
N ASP C 168 -2.00 -8.15 -6.90
CA ASP C 168 -2.38 -7.68 -8.28
CA ASP C 168 -2.33 -7.69 -8.27
C ASP C 168 -2.48 -8.90 -9.22
C ASP C 168 -2.53 -8.89 -9.22
N ASP C 169 -2.85 -10.07 -8.68
CA ASP C 169 -3.18 -11.27 -9.50
C ASP C 169 -4.71 -11.42 -9.49
N PRO C 170 -5.41 -10.95 -10.55
CA PRO C 170 -6.88 -10.91 -10.53
C PRO C 170 -7.56 -12.29 -10.45
N LEU C 171 -6.92 -13.34 -11.00
CA LEU C 171 -7.49 -14.72 -10.98
C LEU C 171 -7.46 -15.29 -9.57
N LYS C 172 -6.36 -15.09 -8.84
CA LYS C 172 -6.19 -15.57 -7.44
C LYS C 172 -7.18 -14.81 -6.54
N SER C 173 -7.35 -13.50 -6.77
CA SER C 173 -8.34 -12.65 -6.07
C SER C 173 -9.74 -13.22 -6.27
N LYS C 174 -10.06 -13.65 -7.51
CA LYS C 174 -11.37 -14.21 -7.90
C LYS C 174 -11.60 -15.55 -7.18
N ILE C 175 -10.58 -16.42 -7.14
CA ILE C 175 -10.66 -17.74 -6.44
C ILE C 175 -10.97 -17.46 -4.96
N ALA C 176 -10.26 -16.51 -4.34
CA ALA C 176 -10.48 -16.11 -2.93
C ALA C 176 -11.92 -15.64 -2.74
N ALA C 177 -12.42 -14.79 -3.65
CA ALA C 177 -13.79 -14.23 -3.63
C ALA C 177 -14.83 -15.34 -3.74
N ALA C 178 -14.52 -16.46 -4.41
CA ALA C 178 -15.41 -17.64 -4.55
C ALA C 178 -15.32 -18.50 -3.27
N LEU C 179 -14.12 -18.63 -2.69
CA LEU C 179 -13.86 -19.52 -1.53
C LEU C 179 -14.61 -19.01 -0.29
N MET C 180 -14.70 -17.68 -0.09
CA MET C 180 -15.34 -17.10 1.13
C MET C 180 -16.80 -17.53 1.22
N PRO C 181 -17.69 -17.19 0.24
CA PRO C 181 -19.08 -17.65 0.29
C PRO C 181 -19.27 -19.15 -0.01
N GLY C 182 -18.27 -19.80 -0.63
CA GLY C 182 -18.35 -21.18 -1.10
C GLY C 182 -17.94 -22.21 -0.05
N PHE C 183 -17.15 -21.81 0.97
CA PHE C 183 -16.48 -22.77 1.90
C PHE C 183 -16.42 -22.27 3.35
N LEU C 184 -15.86 -21.08 3.59
CA LEU C 184 -15.25 -20.69 4.89
C LEU C 184 -16.28 -20.56 6.02
N LEU C 185 -17.56 -20.29 5.74
CA LEU C 185 -18.57 -19.99 6.79
C LEU C 185 -19.39 -21.24 7.16
N TYR C 186 -19.32 -22.31 6.36
CA TYR C 186 -20.24 -23.47 6.47
C TYR C 186 -19.99 -24.24 7.78
N GLY C 187 -18.74 -24.33 8.24
CA GLY C 187 -18.40 -24.91 9.55
C GLY C 187 -19.22 -24.28 10.66
N GLY C 188 -19.45 -22.96 10.57
CA GLY C 188 -20.24 -22.16 11.53
C GLY C 188 -21.74 -22.31 11.28
N PHE C 189 -22.17 -22.37 10.01
CA PHE C 189 -23.60 -22.50 9.63
C PHE C 189 -24.15 -23.84 10.11
N TYR C 190 -23.30 -24.85 10.28
CA TYR C 190 -23.68 -26.18 10.83
C TYR C 190 -24.45 -26.00 12.15
N LEU C 191 -23.97 -25.11 13.03
CA LEU C 191 -24.47 -24.94 14.41
C LEU C 191 -25.95 -24.57 14.40
N PRO C 192 -26.39 -23.44 13.79
CA PRO C 192 -27.81 -23.09 13.78
C PRO C 192 -28.71 -24.19 13.18
N PHE C 193 -28.25 -24.89 12.14
CA PHE C 193 -29.01 -25.98 11.49
C PHE C 193 -29.10 -27.19 12.42
N TYR C 194 -28.04 -27.48 13.19
CA TYR C 194 -28.02 -28.52 14.24
C TYR C 194 -29.07 -28.17 15.30
N LEU C 195 -29.09 -26.92 15.76
CA LEU C 195 -30.00 -26.42 16.81
C LEU C 195 -31.46 -26.46 16.33
N SER C 196 -31.75 -25.99 15.11
CA SER C 196 -33.12 -25.90 14.56
C SER C 196 -33.68 -27.29 14.26
N ALA C 197 -32.81 -28.26 13.94
CA ALA C 197 -33.17 -29.70 13.77
C ALA C 197 -33.72 -30.26 15.09
N ARG C 198 -33.30 -29.68 16.23
CA ARG C 198 -33.75 -30.05 17.60
C ARG C 198 -34.78 -29.03 18.12
N GLY C 199 -35.37 -28.24 17.23
CA GLY C 199 -36.49 -27.32 17.52
C GLY C 199 -36.06 -26.02 18.18
N LYS C 200 -34.77 -25.70 18.18
CA LYS C 200 -34.19 -24.52 18.90
C LYS C 200 -33.80 -23.42 17.89
N LEU C 201 -34.11 -22.17 18.23
CA LEU C 201 -33.81 -20.94 17.44
C LEU C 201 -34.26 -21.11 15.99
N PRO C 202 -35.56 -21.39 15.73
CA PRO C 202 -36.05 -21.55 14.36
C PRO C 202 -35.97 -20.26 13.52
N ASN C 203 -36.24 -19.10 14.12
CA ASN C 203 -36.28 -17.80 13.42
C ASN C 203 -34.86 -17.38 13.03
N THR C 204 -33.86 -17.74 13.85
CA THR C 204 -32.42 -17.51 13.55
C THR C 204 -32.04 -18.27 12.28
N SER C 205 -32.49 -19.53 12.16
CA SER C 205 -32.21 -20.39 10.98
C SER C 205 -32.85 -19.80 9.71
N ASP C 206 -33.94 -19.05 9.84
CA ASP C 206 -34.60 -18.34 8.70
C ASP C 206 -33.66 -17.24 8.19
N ILE C 207 -32.98 -16.52 9.08
CA ILE C 207 -31.96 -15.50 8.70
C ILE C 207 -30.81 -16.23 7.99
N ILE C 208 -30.36 -17.36 8.52
CA ILE C 208 -29.24 -18.16 7.93
C ILE C 208 -29.62 -18.56 6.51
N ARG C 209 -30.89 -18.96 6.29
CA ARG C 209 -31.37 -19.42 4.97
C ARG C 209 -31.42 -18.25 3.99
N LEU C 210 -31.79 -17.04 4.45
CA LEU C 210 -31.76 -15.81 3.60
C LEU C 210 -30.31 -15.46 3.22
N ILE C 211 -29.37 -15.63 4.16
CA ILE C 211 -27.92 -15.40 3.91
C ILE C 211 -27.44 -16.40 2.85
N LEU C 212 -27.76 -17.68 3.02
CA LEU C 212 -27.32 -18.77 2.11
C LEU C 212 -27.90 -18.58 0.71
N ARG C 213 -29.11 -18.00 0.61
CA ARG C 213 -29.77 -17.73 -0.69
C ARG C 213 -28.96 -16.70 -1.48
N ASP C 214 -28.25 -15.80 -0.78
CA ASP C 214 -27.32 -14.82 -1.40
C ASP C 214 -25.97 -15.48 -1.69
N LYS C 215 -25.38 -16.14 -0.70
CA LYS C 215 -23.99 -16.69 -0.79
C LYS C 215 -23.90 -17.73 -1.92
N VAL C 216 -24.94 -18.53 -2.14
CA VAL C 216 -24.96 -19.54 -3.24
C VAL C 216 -24.76 -18.84 -4.58
N ILE C 217 -25.41 -17.68 -4.80
CA ILE C 217 -25.30 -16.91 -6.07
C ILE C 217 -23.92 -16.24 -6.13
N HIS C 218 -23.41 -15.72 -5.00
CA HIS C 218 -22.05 -15.12 -4.93
C HIS C 218 -21.00 -16.15 -5.38
N ASN C 219 -21.07 -17.37 -4.85
CA ASN C 219 -20.10 -18.47 -5.19
C ASN C 219 -20.26 -18.84 -6.68
N PHE C 220 -21.50 -18.98 -7.15
CA PHE C 220 -21.81 -19.30 -8.56
C PHE C 220 -21.14 -18.26 -9.48
N TYR C 221 -21.37 -16.98 -9.19
CA TYR C 221 -21.01 -15.84 -10.07
C TYR C 221 -19.48 -15.71 -10.16
N SER C 222 -18.79 -15.74 -9.02
CA SER C 222 -17.30 -15.65 -8.96
C SER C 222 -16.69 -16.86 -9.67
N GLY C 223 -17.26 -18.06 -9.45
CA GLY C 223 -16.84 -19.30 -10.11
C GLY C 223 -17.03 -19.23 -11.63
N TYR C 224 -18.15 -18.67 -12.06
CA TYR C 224 -18.52 -18.48 -13.49
C TYR C 224 -17.51 -17.56 -14.17
N LYS C 225 -17.18 -16.43 -13.54
CA LYS C 225 -16.23 -15.41 -14.08
C LYS C 225 -14.82 -15.97 -14.08
N TYR C 226 -14.42 -16.71 -13.04
CA TYR C 226 -13.15 -17.45 -12.97
C TYR C 226 -13.01 -18.33 -14.22
N GLN C 227 -14.02 -19.18 -14.48
CA GLN C 227 -14.00 -20.17 -15.59
C GLN C 227 -13.84 -19.46 -16.94
N LEU C 228 -14.54 -18.34 -17.16
CA LEU C 228 -14.48 -17.58 -18.44
C LEU C 228 -13.04 -17.10 -18.69
N LYS C 229 -12.34 -16.62 -17.65
CA LYS C 229 -10.97 -16.06 -17.77
C LYS C 229 -9.95 -17.19 -17.99
N VAL C 230 -9.99 -18.27 -17.20
CA VAL C 230 -8.97 -19.36 -17.25
C VAL C 230 -9.08 -20.10 -18.60
N ALA C 231 -10.28 -20.13 -19.20
CA ALA C 231 -10.55 -20.79 -20.51
C ALA C 231 -9.72 -20.14 -21.63
N LYS C 232 -9.32 -18.88 -21.46
CA LYS C 232 -8.55 -18.09 -22.47
C LYS C 232 -7.04 -18.39 -22.35
N LEU C 233 -6.59 -18.95 -21.22
CA LEU C 233 -5.14 -19.21 -20.94
C LEU C 233 -4.70 -20.52 -21.60
N SER C 234 -3.38 -20.67 -21.78
CA SER C 234 -2.72 -21.87 -22.38
C SER C 234 -3.05 -23.11 -21.54
N PRO C 235 -3.01 -24.32 -22.14
CA PRO C 235 -3.23 -25.56 -21.39
C PRO C 235 -2.31 -25.72 -20.16
N GLU C 236 -1.06 -25.25 -20.26
CA GLU C 236 -0.06 -25.29 -19.16
C GLU C 236 -0.53 -24.37 -18.01
N LYS C 237 -0.89 -23.13 -18.32
CA LYS C 237 -1.31 -22.12 -17.32
C LYS C 237 -2.65 -22.52 -16.68
N GLN C 238 -3.51 -23.22 -17.43
CA GLN C 238 -4.79 -23.78 -16.92
C GLN C 238 -4.49 -24.84 -15.86
N ALA C 239 -3.53 -25.74 -16.13
CA ALA C 239 -3.08 -26.80 -15.20
C ALA C 239 -2.50 -26.17 -13.92
N GLU C 240 -1.70 -25.11 -14.08
N GLU C 240 -1.70 -25.11 -14.07
CA GLU C 240 -1.06 -24.37 -12.94
CA GLU C 240 -1.06 -24.37 -12.95
C GLU C 240 -2.15 -23.74 -12.06
C GLU C 240 -2.13 -23.72 -12.07
N MET C 241 -3.20 -23.17 -12.68
CA MET C 241 -4.31 -22.51 -11.93
C MET C 241 -5.13 -23.57 -11.20
N LYS C 242 -5.45 -24.70 -11.85
CA LYS C 242 -6.15 -25.84 -11.21
C LYS C 242 -5.36 -26.28 -9.97
N GLN C 243 -4.05 -26.49 -10.10
CA GLN C 243 -3.19 -26.97 -8.98
C GLN C 243 -3.22 -25.93 -7.85
N PHE C 244 -3.18 -24.63 -8.19
CA PHE C 244 -3.23 -23.53 -7.19
C PHE C 244 -4.55 -23.60 -6.41
N VAL C 245 -5.68 -23.79 -7.11
CA VAL C 245 -7.03 -23.89 -6.48
C VAL C 245 -7.01 -25.02 -5.45
N PHE C 246 -6.59 -26.22 -5.86
CA PHE C 246 -6.55 -27.44 -4.99
C PHE C 246 -5.59 -27.21 -3.82
N ASP C 247 -4.42 -26.59 -4.07
CA ASP C 247 -3.41 -26.29 -3.03
C ASP C 247 -4.00 -25.30 -2.02
N LEU C 248 -4.66 -24.23 -2.48
CA LEU C 248 -5.25 -23.20 -1.60
C LEU C 248 -6.38 -23.81 -0.78
N LEU C 249 -7.26 -24.61 -1.41
CA LEU C 249 -8.40 -25.26 -0.71
C LEU C 249 -7.85 -26.18 0.39
N ASP C 250 -6.82 -26.98 0.09
CA ASP C 250 -6.14 -27.87 1.07
C ASP C 250 -5.67 -27.05 2.28
N LYS C 251 -5.01 -25.91 2.03
CA LYS C 251 -4.50 -25.00 3.09
C LYS C 251 -5.67 -24.49 3.94
N MET C 252 -6.74 -24.01 3.28
CA MET C 252 -7.92 -23.42 3.97
C MET C 252 -8.66 -24.50 4.76
N ILE C 253 -8.73 -25.73 4.25
CA ILE C 253 -9.36 -26.89 4.96
C ILE C 253 -8.60 -27.15 6.26
N GLY C 254 -7.26 -27.18 6.20
CA GLY C 254 -6.38 -27.35 7.37
C GLY C 254 -6.64 -26.28 8.43
N LEU C 255 -6.73 -25.01 8.02
CA LEU C 255 -6.98 -23.87 8.94
C LEU C 255 -8.39 -23.98 9.54
N GLU C 256 -9.37 -24.41 8.73
CA GLU C 256 -10.79 -24.54 9.16
C GLU C 256 -10.92 -25.68 10.17
N LYS C 257 -10.27 -26.83 9.91
CA LYS C 257 -10.26 -27.99 10.85
C LYS C 257 -9.75 -27.53 12.23
N THR C 258 -8.61 -26.84 12.26
CA THR C 258 -7.98 -26.31 13.50
C THR C 258 -9.01 -25.44 14.23
N TYR C 259 -9.62 -24.49 13.52
CA TYR C 259 -10.59 -23.53 14.11
C TYR C 259 -11.81 -24.27 14.65
N LEU C 260 -12.43 -25.14 13.84
CA LEU C 260 -13.69 -25.85 14.19
C LEU C 260 -13.44 -26.80 15.36
N HIS C 261 -12.27 -27.46 15.40
CA HIS C 261 -11.89 -28.36 16.53
C HIS C 261 -11.90 -27.56 17.83
N GLN C 262 -11.32 -26.36 17.82
CA GLN C 262 -11.24 -25.45 18.99
C GLN C 262 -12.64 -24.88 19.31
N LEU C 263 -13.35 -24.39 18.29
CA LEU C 263 -14.68 -23.74 18.48
C LEU C 263 -15.64 -24.69 19.19
N TYR C 264 -15.70 -25.95 18.75
CA TYR C 264 -16.70 -26.96 19.18
C TYR C 264 -16.13 -27.88 20.26
N ASP C 265 -14.99 -27.53 20.86
CA ASP C 265 -14.31 -28.33 21.91
C ASP C 265 -15.22 -28.43 23.14
N GLY C 266 -15.65 -29.65 23.49
CA GLY C 266 -16.54 -29.94 24.63
C GLY C 266 -17.99 -30.14 24.23
N PHE C 267 -18.32 -29.90 22.96
CA PHE C 267 -19.70 -30.03 22.40
C PHE C 267 -19.80 -31.27 21.50
N GLY C 268 -18.66 -31.79 21.03
CA GLY C 268 -18.57 -33.02 20.21
C GLY C 268 -19.11 -32.82 18.80
N LEU C 269 -19.19 -31.59 18.30
CA LEU C 269 -19.79 -31.24 16.98
C LEU C 269 -18.70 -31.07 15.90
N ALA C 270 -17.42 -31.05 16.28
CA ALA C 270 -16.29 -30.70 15.38
C ALA C 270 -16.28 -31.61 14.15
N ASP C 271 -16.38 -32.93 14.33
CA ASP C 271 -16.25 -33.92 13.22
C ASP C 271 -17.44 -33.77 12.26
N GLU C 272 -18.65 -33.52 12.76
CA GLU C 272 -19.88 -33.33 11.93
C GLU C 272 -19.76 -32.00 11.15
N ALA C 273 -19.35 -30.93 11.83
CA ALA C 273 -19.17 -29.57 11.24
C ALA C 273 -18.11 -29.62 10.14
N ILE C 274 -17.02 -30.38 10.34
CA ILE C 274 -15.92 -30.55 9.35
C ILE C 274 -16.45 -31.27 8.11
N ARG C 275 -17.27 -32.32 8.29
CA ARG C 275 -17.84 -33.10 7.16
C ARG C 275 -18.76 -32.18 6.34
N PHE C 276 -19.55 -31.34 7.00
CA PHE C 276 -20.45 -30.34 6.36
C PHE C 276 -19.62 -29.29 5.60
N SER C 277 -18.46 -28.93 6.16
N SER C 277 -18.45 -28.91 6.14
CA SER C 277 -17.45 -28.03 5.53
CA SER C 277 -17.48 -27.99 5.49
C SER C 277 -16.96 -28.64 4.22
C SER C 277 -16.95 -28.64 4.19
N LEU C 278 -16.59 -29.93 4.24
CA LEU C 278 -16.03 -30.65 3.07
C LEU C 278 -17.09 -30.85 1.98
N TYR C 279 -18.36 -31.06 2.35
CA TYR C 279 -19.50 -31.12 1.41
C TYR C 279 -19.53 -29.83 0.57
N ASN C 280 -19.28 -28.70 1.24
CA ASN C 280 -19.32 -27.33 0.64
C ASN C 280 -18.02 -27.06 -0.12
N ALA C 281 -16.88 -27.61 0.34
CA ALA C 281 -15.59 -27.56 -0.38
C ALA C 281 -15.75 -28.21 -1.77
N GLY C 282 -16.46 -29.35 -1.82
CA GLY C 282 -16.79 -30.08 -3.06
C GLY C 282 -17.61 -29.22 -4.00
N LYS C 283 -18.62 -28.50 -3.48
CA LYS C 283 -19.49 -27.60 -4.28
C LYS C 283 -18.68 -26.39 -4.75
N PHE C 284 -17.81 -25.84 -3.90
CA PHE C 284 -16.87 -24.74 -4.27
C PHE C 284 -16.08 -25.14 -5.52
N LEU C 285 -15.48 -26.35 -5.52
CA LEU C 285 -14.69 -26.88 -6.66
C LEU C 285 -15.56 -26.96 -7.92
N GLN C 286 -16.78 -27.48 -7.79
CA GLN C 286 -17.73 -27.65 -8.93
C GLN C 286 -18.10 -26.29 -9.51
N ASN C 287 -18.17 -25.25 -8.66
CA ASN C 287 -18.52 -23.86 -9.08
C ASN C 287 -17.38 -23.26 -9.91
N LEU C 288 -16.14 -23.78 -9.78
CA LEU C 288 -14.98 -23.35 -10.59
C LEU C 288 -14.71 -24.36 -11.72
N GLY C 289 -15.57 -25.38 -11.86
CA GLY C 289 -15.58 -26.32 -13.00
C GLY C 289 -14.70 -27.53 -12.76
N TYR C 290 -14.32 -27.79 -11.51
CA TYR C 290 -13.44 -28.93 -11.11
C TYR C 290 -14.27 -29.98 -10.39
N GLU C 291 -13.88 -31.25 -10.55
CA GLU C 291 -14.56 -32.41 -9.91
C GLU C 291 -14.22 -32.43 -8.41
N SER C 292 -15.19 -32.72 -7.57
CA SER C 292 -15.00 -32.94 -6.10
C SER C 292 -14.25 -34.25 -5.89
N PRO C 293 -13.10 -34.23 -5.19
CA PRO C 293 -12.38 -35.47 -4.85
C PRO C 293 -12.91 -36.15 -3.58
N PHE C 294 -13.81 -35.48 -2.85
CA PHE C 294 -14.30 -35.92 -1.50
C PHE C 294 -15.34 -37.03 -1.68
N THR C 295 -15.32 -38.02 -0.79
CA THR C 295 -16.22 -39.21 -0.80
C THR C 295 -17.53 -38.88 -0.08
N LYS C 296 -18.55 -39.72 -0.28
CA LYS C 296 -19.86 -39.70 0.45
C LYS C 296 -19.59 -39.70 1.97
N GLU C 297 -18.69 -40.57 2.41
CA GLU C 297 -18.36 -40.82 3.85
C GLU C 297 -17.73 -39.56 4.46
N GLU C 298 -16.83 -38.91 3.73
CA GLU C 298 -16.11 -37.67 4.14
C GLU C 298 -17.08 -36.50 4.30
N THR C 299 -18.17 -36.47 3.51
CA THR C 299 -19.09 -35.32 3.37
C THR C 299 -20.45 -35.64 4.01
N ARG C 300 -20.56 -36.77 4.72
CA ARG C 300 -21.83 -37.30 5.30
C ARG C 300 -22.37 -36.31 6.34
N ILE C 301 -23.63 -35.91 6.20
CA ILE C 301 -24.38 -35.07 7.18
C ILE C 301 -25.61 -35.85 7.66
N ALA C 302 -25.92 -35.76 8.95
CA ALA C 302 -27.16 -36.30 9.56
C ALA C 302 -28.37 -35.79 8.77
N PRO C 303 -29.30 -36.66 8.32
CA PRO C 303 -30.47 -36.23 7.55
C PRO C 303 -31.27 -35.07 8.15
N GLU C 304 -31.46 -35.05 9.48
CA GLU C 304 -32.26 -34.01 10.19
C GLU C 304 -31.55 -32.66 10.05
N VAL C 305 -30.21 -32.62 10.09
CA VAL C 305 -29.43 -31.36 9.93
C VAL C 305 -29.53 -30.91 8.47
N PHE C 306 -29.34 -31.84 7.52
CA PHE C 306 -29.38 -31.56 6.06
C PHE C 306 -30.77 -31.08 5.66
N ALA C 307 -31.83 -31.57 6.33
CA ALA C 307 -33.24 -31.20 6.08
C ALA C 307 -33.47 -29.72 6.41
N GLN C 308 -32.70 -29.15 7.34
CA GLN C 308 -32.76 -27.72 7.72
C GLN C 308 -32.17 -26.85 6.61
N LEU C 309 -31.13 -27.35 5.92
CA LEU C 309 -30.55 -26.71 4.71
C LEU C 309 -31.57 -26.76 3.57
N SER C 310 -32.12 -27.95 3.28
CA SER C 310 -33.16 -28.19 2.23
C SER C 310 -34.02 -29.41 2.59
N ALA C 311 -35.33 -29.20 2.71
CA ALA C 311 -36.35 -30.26 2.95
C ALA C 311 -36.54 -31.12 1.69
N ARG C 312 -36.14 -30.60 0.52
CA ARG C 312 -36.29 -31.26 -0.81
C ARG C 312 -35.20 -32.33 -1.00
N ALA C 313 -34.12 -32.28 -0.21
CA ALA C 313 -32.91 -33.13 -0.37
C ALA C 313 -33.29 -34.61 -0.36
N ASP C 339 -47.31 -19.02 -19.20
CA ASP C 339 -46.64 -19.46 -20.46
C ASP C 339 -46.87 -20.96 -20.71
N TRP C 340 -47.23 -21.73 -19.67
CA TRP C 340 -47.71 -23.13 -19.81
C TRP C 340 -48.99 -23.13 -20.65
N ASP C 341 -49.09 -24.07 -21.61
CA ASP C 341 -50.24 -24.20 -22.56
C ASP C 341 -51.02 -25.49 -22.28
N PHE C 342 -50.75 -26.13 -21.14
CA PHE C 342 -51.44 -27.38 -20.70
C PHE C 342 -51.40 -27.47 -19.16
N ASN D 9 -9.90 -2.93 26.54
CA ASN D 9 -11.11 -3.13 25.68
C ASN D 9 -10.67 -3.62 24.30
N TYR D 10 -11.34 -4.65 23.77
CA TYR D 10 -10.97 -5.34 22.50
C TYR D 10 -10.80 -4.32 21.37
N TYR D 11 -11.70 -3.34 21.29
CA TYR D 11 -11.83 -2.37 20.17
C TYR D 11 -10.52 -1.59 20.00
N ASP D 12 -9.92 -1.17 21.12
CA ASP D 12 -8.73 -0.28 21.13
C ASP D 12 -7.45 -1.08 20.85
N ARG D 13 -7.50 -2.42 20.87
CA ARG D 13 -6.32 -3.30 20.64
C ARG D 13 -6.55 -4.20 19.42
N SER D 14 -7.38 -3.76 18.47
CA SER D 14 -7.68 -4.49 17.21
C SER D 14 -8.02 -3.47 16.12
N VAL D 15 -8.06 -3.93 14.87
CA VAL D 15 -8.39 -3.09 13.68
C VAL D 15 -9.52 -3.77 12.91
N SER D 16 -10.33 -2.98 12.18
CA SER D 16 -11.31 -3.49 11.19
C SER D 16 -10.54 -4.22 10.08
N PRO D 17 -11.12 -5.27 9.47
CA PRO D 17 -10.48 -5.94 8.33
C PRO D 17 -9.88 -4.99 7.29
N VAL D 18 -10.63 -3.97 6.85
CA VAL D 18 -10.17 -3.06 5.76
C VAL D 18 -8.95 -2.26 6.24
N GLU D 19 -8.87 -1.92 7.53
CA GLU D 19 -7.67 -1.26 8.12
C GLU D 19 -6.50 -2.25 8.09
N TYR D 20 -6.74 -3.51 8.45
CA TYR D 20 -5.74 -4.61 8.39
C TYR D 20 -5.22 -4.75 6.96
N ALA D 21 -6.15 -4.81 5.98
CA ALA D 21 -5.86 -5.10 4.56
C ALA D 21 -4.91 -4.05 3.98
N TYR D 22 -5.13 -2.76 4.27
CA TYR D 22 -4.49 -1.64 3.53
C TYR D 22 -3.51 -0.84 4.40
N PHE D 23 -3.59 -0.88 5.73
CA PHE D 23 -2.88 0.10 6.60
C PHE D 23 -2.09 -0.55 7.74
N ASP D 24 -2.56 -1.63 8.37
CA ASP D 24 -1.97 -2.12 9.64
C ASP D 24 -2.21 -3.63 9.82
N GLN D 25 -1.22 -4.45 9.44
CA GLN D 25 -1.24 -5.93 9.60
C GLN D 25 -0.65 -6.32 10.96
N SER D 26 -0.27 -5.35 11.81
CA SER D 26 0.43 -5.60 13.09
C SER D 26 -0.56 -5.94 14.21
N GLN D 27 -1.86 -5.77 13.97
CA GLN D 27 -2.93 -6.02 14.97
C GLN D 27 -3.89 -7.08 14.42
N ASN D 28 -4.63 -7.76 15.30
CA ASN D 28 -5.68 -8.73 14.91
C ASN D 28 -6.94 -7.96 14.52
N MET D 29 -7.85 -8.63 13.82
CA MET D 29 -9.09 -8.02 13.25
C MET D 29 -10.27 -8.22 14.19
N ARG D 30 -11.14 -7.21 14.28
CA ARG D 30 -12.41 -7.25 15.03
C ARG D 30 -13.56 -7.32 14.03
N ALA D 31 -14.56 -8.16 14.31
CA ALA D 31 -15.87 -8.18 13.62
C ALA D 31 -16.56 -6.84 13.85
N ILE D 32 -17.32 -6.35 12.88
CA ILE D 32 -18.19 -5.15 13.07
C ILE D 32 -19.07 -5.40 14.29
N ASN D 33 -19.22 -4.37 15.14
CA ASN D 33 -20.09 -4.38 16.34
C ASN D 33 -21.28 -3.43 16.07
N TRP D 34 -22.44 -4.00 15.73
CA TRP D 34 -23.71 -3.25 15.51
C TRP D 34 -24.46 -3.06 16.84
N ASN D 35 -23.96 -3.59 17.96
CA ASN D 35 -24.64 -3.56 19.27
C ASN D 35 -24.13 -2.39 20.11
N LYS D 36 -22.81 -2.10 20.06
CA LYS D 36 -22.19 -0.91 20.69
C LYS D 36 -21.65 -0.01 19.57
N ILE D 37 -22.41 1.02 19.22
CA ILE D 37 -22.22 1.87 18.01
C ILE D 37 -21.52 3.17 18.45
N VAL D 38 -20.42 3.52 17.77
CA VAL D 38 -19.56 4.70 18.07
C VAL D 38 -20.34 5.98 17.74
N ASP D 39 -21.06 6.00 16.61
CA ASP D 39 -21.77 7.21 16.10
C ASP D 39 -23.19 6.84 15.70
N GLU D 40 -24.19 7.29 16.47
CA GLU D 40 -25.63 7.02 16.23
C GLU D 40 -26.05 7.59 14.87
N LYS D 41 -25.36 8.60 14.36
CA LYS D 41 -25.65 9.20 13.02
C LYS D 41 -25.47 8.12 11.92
N ASP D 42 -24.51 7.20 12.09
CA ASP D 42 -24.30 6.05 11.17
C ASP D 42 -25.56 5.18 11.13
N LEU D 43 -26.11 4.83 12.30
CA LEU D 43 -27.33 3.97 12.40
C LEU D 43 -28.50 4.67 11.69
N GLU D 44 -28.66 5.98 11.95
N GLU D 44 -28.66 5.98 11.92
CA GLU D 44 -29.69 6.85 11.34
CA GLU D 44 -29.73 6.82 11.32
C GLU D 44 -29.60 6.79 9.81
C GLU D 44 -29.61 6.79 9.79
N VAL D 45 -28.39 6.97 9.26
CA VAL D 45 -28.13 6.99 7.78
C VAL D 45 -28.36 5.58 7.21
N TRP D 46 -27.80 4.55 7.85
CA TRP D 46 -27.97 3.12 7.46
C TRP D 46 -29.47 2.79 7.34
N ASN D 47 -30.24 3.11 8.38
CA ASN D 47 -31.70 2.80 8.45
C ASN D 47 -32.41 3.50 7.29
N ARG D 48 -32.07 4.76 7.00
CA ARG D 48 -32.78 5.56 5.96
C ARG D 48 -32.46 5.01 4.56
N VAL D 49 -31.20 4.76 4.23
CA VAL D 49 -30.81 4.35 2.84
C VAL D 49 -31.33 2.94 2.55
N THR D 50 -31.31 2.03 3.54
CA THR D 50 -31.79 0.63 3.38
C THR D 50 -33.33 0.62 3.29
N GLN D 51 -34.02 1.43 4.09
CA GLN D 51 -35.51 1.57 4.04
C GLN D 51 -35.94 2.22 2.72
N ASN D 52 -35.06 3.03 2.11
CA ASN D 52 -35.34 3.75 0.82
C ASN D 52 -34.91 2.90 -0.39
N PHE D 53 -34.57 1.62 -0.19
CA PHE D 53 -34.22 0.69 -1.29
C PHE D 53 -35.33 0.75 -2.35
N TRP D 54 -34.96 0.91 -3.62
CA TRP D 54 -35.89 0.94 -4.78
C TRP D 54 -35.19 0.40 -6.02
N LEU D 55 -35.98 -0.05 -7.00
CA LEU D 55 -35.51 -0.50 -8.33
C LEU D 55 -36.34 0.19 -9.40
N PRO D 56 -35.74 0.59 -10.54
CA PRO D 56 -36.43 1.39 -11.56
C PRO D 56 -37.67 0.72 -12.17
N GLU D 57 -37.76 -0.61 -12.12
CA GLU D 57 -38.94 -1.38 -12.64
C GLU D 57 -40.12 -1.21 -11.68
N ASN D 58 -39.92 -0.60 -10.50
CA ASN D 58 -41.01 -0.17 -9.57
C ASN D 58 -41.83 0.96 -10.21
N ILE D 59 -41.30 1.67 -11.21
CA ILE D 59 -41.94 2.85 -11.86
C ILE D 59 -42.41 2.44 -13.26
N PRO D 60 -43.67 2.74 -13.64
CA PRO D 60 -44.19 2.42 -14.97
C PRO D 60 -43.86 3.54 -15.98
N VAL D 61 -42.64 3.53 -16.54
CA VAL D 61 -42.15 4.60 -17.46
C VAL D 61 -42.84 4.44 -18.82
N SER D 62 -43.48 3.31 -19.08
CA SER D 62 -44.33 3.06 -20.29
C SER D 62 -45.38 4.16 -20.43
N ASN D 63 -45.87 4.73 -19.32
CA ASN D 63 -46.89 5.81 -19.29
C ASN D 63 -46.30 7.14 -19.79
N ASP D 64 -44.97 7.22 -19.99
CA ASP D 64 -44.30 8.42 -20.54
C ASP D 64 -44.33 8.42 -22.08
N LEU D 65 -44.68 7.29 -22.71
CA LEU D 65 -44.60 7.12 -24.19
C LEU D 65 -45.40 8.21 -24.91
N PRO D 66 -46.68 8.47 -24.54
CA PRO D 66 -47.45 9.54 -25.17
C PRO D 66 -46.75 10.90 -25.21
N SER D 67 -46.27 11.38 -24.06
CA SER D 67 -45.56 12.69 -23.93
C SER D 67 -44.21 12.63 -24.66
N TRP D 68 -43.55 11.46 -24.64
CA TRP D 68 -42.25 11.23 -25.34
C TRP D 68 -42.44 11.33 -26.86
N ASN D 69 -43.49 10.70 -27.39
CA ASN D 69 -43.78 10.64 -28.86
C ASN D 69 -44.16 12.03 -29.38
N GLU D 70 -44.59 12.95 -28.51
CA GLU D 70 -44.96 14.34 -28.87
C GLU D 70 -43.69 15.20 -29.01
N LEU D 71 -42.58 14.81 -28.38
CA LEU D 71 -41.26 15.53 -28.50
C LEU D 71 -40.66 15.25 -29.88
N ASP D 72 -39.94 16.22 -30.44
CA ASP D 72 -39.27 16.09 -31.77
C ASP D 72 -37.92 15.40 -31.58
N ASP D 73 -37.27 15.02 -32.69
CA ASP D 73 -36.03 14.21 -32.71
C ASP D 73 -34.93 14.88 -31.89
N ASP D 74 -34.78 16.21 -32.03
CA ASP D 74 -33.74 17.02 -31.35
C ASP D 74 -33.91 16.95 -29.83
N TRP D 75 -35.14 17.07 -29.33
CA TRP D 75 -35.46 17.01 -27.87
C TRP D 75 -35.22 15.58 -27.35
N GLN D 76 -35.61 14.56 -28.12
CA GLN D 76 -35.40 13.13 -27.79
C GLN D 76 -33.89 12.84 -27.71
N GLN D 77 -33.11 13.37 -28.66
CA GLN D 77 -31.63 13.24 -28.70
C GLN D 77 -31.00 13.92 -27.49
N LEU D 78 -31.40 15.15 -27.20
CA LEU D 78 -30.92 15.93 -26.01
C LEU D 78 -31.10 15.08 -24.74
N ILE D 79 -32.29 14.51 -24.55
CA ILE D 79 -32.66 13.72 -23.33
C ILE D 79 -31.76 12.49 -23.23
N THR D 80 -31.65 11.72 -24.32
CA THR D 80 -30.85 10.46 -24.37
C THR D 80 -29.38 10.78 -24.07
N ARG D 81 -28.85 11.84 -24.68
CA ARG D 81 -27.44 12.30 -24.47
C ARG D 81 -27.25 12.73 -23.01
N THR D 82 -28.11 13.63 -22.52
CA THR D 82 -28.06 14.14 -21.13
C THR D 82 -27.98 12.96 -20.15
N PHE D 83 -28.93 12.02 -20.26
CA PHE D 83 -29.08 10.87 -19.33
C PHE D 83 -27.90 9.90 -19.46
N THR D 84 -27.34 9.72 -20.66
CA THR D 84 -26.14 8.86 -20.87
C THR D 84 -24.93 9.52 -20.21
N GLY D 85 -24.85 10.86 -20.25
CA GLY D 85 -23.86 11.65 -19.53
C GLY D 85 -23.98 11.45 -18.02
N LEU D 86 -25.20 11.44 -17.50
CA LEU D 86 -25.48 11.19 -16.05
C LEU D 86 -25.13 9.74 -15.72
N THR D 87 -25.44 8.79 -16.62
CA THR D 87 -25.11 7.35 -16.47
C THR D 87 -23.59 7.21 -16.28
N LEU D 88 -22.78 7.97 -17.03
CA LEU D 88 -21.30 7.91 -16.93
C LEU D 88 -20.86 8.33 -15.52
N LEU D 89 -21.36 9.46 -15.03
CA LEU D 89 -20.99 10.01 -13.69
C LEU D 89 -21.39 9.01 -12.60
N ASP D 90 -22.56 8.38 -12.72
CA ASP D 90 -23.03 7.35 -11.76
C ASP D 90 -22.12 6.12 -11.84
N THR D 91 -21.69 5.72 -13.05
CA THR D 91 -20.76 4.57 -13.25
C THR D 91 -19.44 4.88 -12.53
N VAL D 92 -18.94 6.11 -12.65
CA VAL D 92 -17.68 6.59 -12.00
C VAL D 92 -17.83 6.40 -10.49
N GLN D 93 -18.95 6.87 -9.91
CA GLN D 93 -19.16 6.91 -8.45
C GLN D 93 -19.40 5.50 -7.89
N SER D 94 -20.16 4.67 -8.61
CA SER D 94 -20.50 3.28 -8.21
C SER D 94 -19.24 2.39 -8.21
N SER D 95 -18.42 2.47 -9.26
CA SER D 95 -17.32 1.52 -9.54
C SER D 95 -15.98 2.01 -8.97
N ILE D 96 -15.83 3.30 -8.66
CA ILE D 96 -14.56 3.90 -8.13
C ILE D 96 -14.84 4.67 -6.83
N GLY D 97 -15.68 5.71 -6.91
CA GLY D 97 -15.77 6.80 -5.93
C GLY D 97 -16.18 6.34 -4.55
N ASP D 98 -17.36 5.71 -4.43
CA ASP D 98 -17.95 5.35 -3.11
C ASP D 98 -17.17 4.17 -2.51
N VAL D 99 -16.75 3.21 -3.33
CA VAL D 99 -15.98 2.01 -2.84
C VAL D 99 -14.63 2.48 -2.29
N ALA D 100 -14.02 3.52 -2.88
CA ALA D 100 -12.72 4.09 -2.45
C ALA D 100 -12.84 4.68 -1.04
N GLN D 101 -14.05 5.10 -0.62
CA GLN D 101 -14.30 5.71 0.71
C GLN D 101 -14.22 4.64 1.82
N ILE D 102 -14.50 3.38 1.49
CA ILE D 102 -14.66 2.28 2.50
C ILE D 102 -13.43 2.24 3.41
N LYS D 103 -12.22 2.19 2.83
CA LYS D 103 -10.95 2.01 3.59
C LYS D 103 -10.62 3.27 4.40
N ASN D 104 -11.22 4.43 4.10
CA ASN D 104 -10.90 5.73 4.75
C ASN D 104 -11.93 6.06 5.84
N SER D 105 -12.76 5.09 6.25
CA SER D 105 -13.91 5.26 7.17
C SER D 105 -13.43 5.55 8.60
N LEU D 106 -14.15 6.41 9.32
CA LEU D 106 -13.93 6.73 10.76
C LEU D 106 -14.53 5.63 11.64
N THR D 107 -15.59 4.96 11.18
CA THR D 107 -16.33 3.94 11.97
C THR D 107 -16.54 2.68 11.13
N GLU D 108 -16.85 1.58 11.79
CA GLU D 108 -17.16 0.25 11.18
C GLU D 108 -18.42 0.38 10.30
N GLN D 109 -19.47 1.02 10.81
CA GLN D 109 -20.80 1.12 10.13
C GLN D 109 -20.65 1.94 8.83
N GLU D 110 -19.78 2.94 8.84
CA GLU D 110 -19.48 3.81 7.66
C GLU D 110 -18.98 2.94 6.49
N GLN D 111 -18.19 1.90 6.77
CA GLN D 111 -17.64 0.99 5.74
C GLN D 111 -18.80 0.32 4.99
N VAL D 112 -19.85 -0.07 5.72
CA VAL D 112 -21.02 -0.82 5.17
C VAL D 112 -21.93 0.17 4.44
N ILE D 113 -22.06 1.39 4.96
CA ILE D 113 -22.90 2.46 4.35
C ILE D 113 -22.34 2.83 2.97
N TYR D 114 -21.02 2.94 2.81
CA TYR D 114 -20.42 3.29 1.49
C TYR D 114 -20.61 2.14 0.50
N ALA D 115 -20.64 0.89 0.95
CA ALA D 115 -20.97 -0.28 0.11
C ALA D 115 -22.40 -0.13 -0.40
N ASN D 116 -23.33 0.29 0.47
CA ASN D 116 -24.74 0.58 0.09
C ASN D 116 -24.76 1.71 -0.94
N PHE D 117 -24.02 2.79 -0.73
CA PHE D 117 -23.96 3.96 -1.66
C PHE D 117 -23.53 3.47 -3.05
N ALA D 118 -22.45 2.68 -3.12
CA ALA D 118 -21.87 2.17 -4.38
C ALA D 118 -22.92 1.37 -5.14
N PHE D 119 -23.64 0.49 -4.44
CA PHE D 119 -24.72 -0.34 -5.01
C PHE D 119 -25.86 0.56 -5.51
N MET D 120 -26.34 1.50 -4.69
CA MET D 120 -27.52 2.34 -5.02
C MET D 120 -27.19 3.30 -6.17
N VAL D 121 -25.97 3.85 -6.24
CA VAL D 121 -25.55 4.72 -7.38
C VAL D 121 -25.50 3.86 -8.65
N GLY D 122 -25.16 2.57 -8.52
CA GLY D 122 -25.26 1.57 -9.60
C GLY D 122 -26.71 1.41 -10.07
N VAL D 123 -27.66 1.38 -9.13
CA VAL D 123 -29.13 1.34 -9.42
C VAL D 123 -29.51 2.62 -10.16
N HIS D 124 -28.99 3.77 -9.75
CA HIS D 124 -29.23 5.08 -10.41
C HIS D 124 -28.83 4.97 -11.89
N ALA D 125 -27.61 4.49 -12.18
CA ALA D 125 -27.09 4.35 -13.55
C ALA D 125 -27.99 3.37 -14.33
N ARG D 126 -28.43 2.30 -13.67
CA ARG D 126 -29.30 1.26 -14.27
C ARG D 126 -30.65 1.87 -14.69
N SER D 127 -31.18 2.80 -13.89
N SER D 127 -31.18 2.80 -13.89
CA SER D 127 -32.52 3.41 -14.07
CA SER D 127 -32.52 3.42 -14.06
C SER D 127 -32.62 4.11 -15.43
C SER D 127 -32.62 4.12 -15.42
N TYR D 128 -31.55 4.77 -15.88
CA TYR D 128 -31.49 5.46 -17.20
C TYR D 128 -31.66 4.43 -18.31
N GLY D 129 -31.01 3.26 -18.17
CA GLY D 129 -31.18 2.10 -19.05
C GLY D 129 -32.62 1.65 -19.15
N THR D 130 -33.34 1.60 -18.01
CA THR D 130 -34.77 1.22 -17.93
C THR D 130 -35.61 2.21 -18.75
N ILE D 131 -35.31 3.51 -18.63
CA ILE D 131 -36.02 4.59 -19.36
C ILE D 131 -35.76 4.43 -20.86
N PHE D 132 -34.48 4.26 -21.26
CA PHE D 132 -34.06 4.11 -22.68
C PHE D 132 -34.73 2.89 -23.29
N SER D 133 -34.84 1.80 -22.52
CA SER D 133 -35.41 0.49 -22.92
C SER D 133 -36.88 0.67 -23.36
N THR D 134 -37.60 1.59 -22.71
CA THR D 134 -39.06 1.80 -22.91
C THR D 134 -39.30 2.85 -24.00
N LEU D 135 -38.48 3.91 -24.06
CA LEU D 135 -38.74 5.12 -24.88
C LEU D 135 -37.89 5.12 -26.16
N CYS D 136 -36.61 4.76 -26.09
CA CYS D 136 -35.60 5.05 -27.14
C CYS D 136 -35.46 3.89 -28.14
N THR D 137 -35.03 4.21 -29.36
CA THR D 137 -34.60 3.23 -30.40
C THR D 137 -33.16 2.80 -30.11
N SER D 138 -32.75 1.66 -30.68
CA SER D 138 -31.34 1.14 -30.62
C SER D 138 -30.37 2.21 -31.15
N GLU D 139 -30.78 2.92 -32.20
CA GLU D 139 -29.95 3.95 -32.88
C GLU D 139 -29.76 5.15 -31.95
N GLN D 140 -30.84 5.61 -31.29
CA GLN D 140 -30.78 6.74 -30.33
C GLN D 140 -29.84 6.39 -29.18
N ILE D 141 -29.91 5.16 -28.67
CA ILE D 141 -29.09 4.66 -27.53
C ILE D 141 -27.62 4.65 -27.97
N GLU D 142 -27.29 4.01 -29.08
CA GLU D 142 -25.89 3.85 -29.59
C GLU D 142 -25.29 5.23 -29.90
N GLU D 143 -26.05 6.14 -30.51
CA GLU D 143 -25.60 7.51 -30.86
C GLU D 143 -25.18 8.26 -29.60
N ALA D 144 -25.98 8.16 -28.53
CA ALA D 144 -25.75 8.86 -27.24
C ALA D 144 -24.43 8.35 -26.61
N HIS D 145 -24.17 7.05 -26.69
CA HIS D 145 -22.93 6.41 -26.16
C HIS D 145 -21.72 6.93 -26.93
N GLU D 146 -21.81 6.99 -28.27
CA GLU D 146 -20.77 7.56 -29.16
C GLU D 146 -20.50 9.01 -28.76
N TRP D 147 -21.57 9.79 -28.55
CA TRP D 147 -21.53 11.25 -28.24
C TRP D 147 -20.83 11.48 -26.89
N VAL D 148 -21.11 10.64 -25.89
CA VAL D 148 -20.50 10.73 -24.53
C VAL D 148 -19.00 10.45 -24.63
N VAL D 149 -18.61 9.41 -25.36
CA VAL D 149 -17.19 8.97 -25.52
C VAL D 149 -16.38 10.11 -26.17
N ASP D 150 -16.95 10.77 -27.18
CA ASP D 150 -16.22 11.76 -28.04
C ASP D 150 -16.42 13.20 -27.52
N ASN D 151 -17.18 13.40 -26.46
CA ASN D 151 -17.45 14.75 -25.88
C ASN D 151 -16.39 15.07 -24.83
N GLU D 152 -15.37 15.85 -25.21
CA GLU D 152 -14.19 16.16 -24.35
C GLU D 152 -14.64 16.99 -23.15
N ALA D 153 -15.55 17.96 -23.36
CA ALA D 153 -16.13 18.83 -22.31
C ALA D 153 -16.84 17.98 -21.25
N LEU D 154 -17.59 16.95 -21.67
CA LEU D 154 -18.25 15.98 -20.77
C LEU D 154 -17.17 15.23 -19.99
N GLN D 155 -16.22 14.62 -20.68
CA GLN D 155 -15.18 13.72 -20.13
C GLN D 155 -14.31 14.46 -19.10
N ALA D 156 -14.04 15.74 -19.32
CA ALA D 156 -13.15 16.58 -18.47
C ALA D 156 -13.57 16.52 -17.00
N ARG D 157 -14.88 16.43 -16.73
CA ARG D 157 -15.46 16.52 -15.37
C ARG D 157 -15.06 15.31 -14.53
N PRO D 158 -15.43 14.06 -14.90
CA PRO D 158 -14.98 12.88 -14.15
C PRO D 158 -13.45 12.73 -14.13
N LYS D 159 -12.77 13.12 -15.21
CA LYS D 159 -11.29 13.05 -15.33
C LYS D 159 -10.61 13.94 -14.29
N ALA D 160 -11.30 14.98 -13.81
CA ALA D 160 -10.79 15.92 -12.77
C ALA D 160 -10.96 15.33 -11.36
N LEU D 161 -11.95 14.45 -11.14
CA LEU D 161 -12.28 13.91 -9.79
C LEU D 161 -11.60 12.55 -9.56
N ILE D 162 -11.49 11.71 -10.59
CA ILE D 162 -11.00 10.30 -10.49
C ILE D 162 -9.62 10.27 -9.82
N PRO D 163 -8.65 11.15 -10.18
CA PRO D 163 -7.33 11.14 -9.54
C PRO D 163 -7.37 11.24 -8.01
N PHE D 164 -8.35 11.95 -7.44
CA PHE D 164 -8.52 12.12 -5.97
C PHE D 164 -8.93 10.78 -5.34
N TYR D 165 -9.71 9.96 -6.07
CA TYR D 165 -10.18 8.64 -5.59
C TYR D 165 -9.01 7.64 -5.53
N THR D 166 -8.10 7.68 -6.51
CA THR D 166 -7.01 6.70 -6.70
C THR D 166 -5.74 7.12 -5.93
N ALA D 167 -5.64 8.39 -5.52
CA ALA D 167 -4.49 8.94 -4.74
C ALA D 167 -4.69 8.61 -3.26
N ASP D 168 -3.72 8.98 -2.40
CA ASP D 168 -3.67 8.52 -0.99
C ASP D 168 -3.98 9.67 -0.02
N ASP D 169 -4.61 10.75 -0.48
CA ASP D 169 -5.14 11.83 0.41
C ASP D 169 -6.61 11.54 0.69
N PRO D 170 -6.97 11.04 1.90
CA PRO D 170 -8.33 10.62 2.19
C PRO D 170 -9.35 11.78 2.13
N LEU D 171 -8.95 12.97 2.59
CA LEU D 171 -9.83 14.17 2.67
C LEU D 171 -10.17 14.68 1.27
N LYS D 172 -9.21 14.65 0.34
CA LYS D 172 -9.42 15.08 -1.08
C LYS D 172 -10.32 14.06 -1.78
N SER D 173 -10.10 12.76 -1.55
CA SER D 173 -10.99 11.66 -2.01
C SER D 173 -12.42 11.92 -1.51
N LYS D 174 -12.57 12.27 -0.22
CA LYS D 174 -13.86 12.50 0.47
C LYS D 174 -14.57 13.71 -0.16
N ILE D 175 -13.84 14.82 -0.38
CA ILE D 175 -14.40 16.06 -1.00
C ILE D 175 -14.96 15.72 -2.38
N ALA D 176 -14.19 14.99 -3.20
CA ALA D 176 -14.61 14.54 -4.55
C ALA D 176 -15.85 13.64 -4.45
N ALA D 177 -15.93 12.81 -3.41
CA ALA D 177 -17.05 11.87 -3.15
C ALA D 177 -18.33 12.64 -2.78
N ALA D 178 -18.19 13.83 -2.18
CA ALA D 178 -19.31 14.73 -1.82
C ALA D 178 -19.70 15.59 -3.03
N LEU D 179 -18.73 15.94 -3.88
CA LEU D 179 -18.91 16.86 -5.04
C LEU D 179 -19.77 16.17 -6.11
N MET D 180 -19.61 14.86 -6.29
CA MET D 180 -20.34 14.09 -7.34
C MET D 180 -21.85 14.13 -7.08
N PRO D 181 -22.37 13.63 -5.93
CA PRO D 181 -23.80 13.70 -5.65
C PRO D 181 -24.30 15.10 -5.27
N GLY D 182 -23.38 16.01 -4.90
CA GLY D 182 -23.69 17.35 -4.39
C GLY D 182 -23.82 18.40 -5.48
N PHE D 183 -23.22 18.19 -6.65
CA PHE D 183 -23.05 19.25 -7.69
C PHE D 183 -23.21 18.71 -9.12
N LEU D 184 -22.42 17.72 -9.53
CA LEU D 184 -22.05 17.47 -10.94
C LEU D 184 -23.25 17.07 -11.82
N LEU D 185 -24.30 16.45 -11.26
CA LEU D 185 -25.41 15.88 -12.07
C LEU D 185 -26.58 16.87 -12.19
N TYR D 186 -26.62 17.91 -11.36
CA TYR D 186 -27.80 18.81 -11.21
C TYR D 186 -28.04 19.60 -12.51
N GLY D 187 -26.99 19.96 -13.24
CA GLY D 187 -27.08 20.56 -14.59
C GLY D 187 -27.93 19.70 -15.52
N GLY D 188 -27.80 18.38 -15.41
CA GLY D 188 -28.56 17.39 -16.20
C GLY D 188 -29.95 17.14 -15.63
N PHE D 189 -30.09 17.12 -14.30
CA PHE D 189 -31.39 16.87 -13.60
C PHE D 189 -32.38 17.99 -13.91
N TYR D 190 -31.90 19.18 -14.27
CA TYR D 190 -32.73 20.35 -14.67
C TYR D 190 -33.69 19.94 -15.80
N LEU D 191 -33.21 19.16 -16.77
CA LEU D 191 -33.94 18.84 -18.03
C LEU D 191 -35.23 18.08 -17.73
N PRO D 192 -35.21 16.92 -17.04
CA PRO D 192 -36.45 16.20 -16.73
C PRO D 192 -37.45 17.03 -15.90
N PHE D 193 -36.97 17.91 -15.02
CA PHE D 193 -37.82 18.78 -14.17
C PHE D 193 -38.46 19.86 -15.04
N TYR D 194 -37.69 20.45 -15.96
CA TYR D 194 -38.19 21.44 -16.97
C TYR D 194 -39.34 20.80 -17.75
N LEU D 195 -39.17 19.55 -18.19
CA LEU D 195 -40.17 18.83 -19.03
C LEU D 195 -41.39 18.46 -18.19
N SER D 196 -41.21 17.84 -17.02
CA SER D 196 -42.32 17.35 -16.15
C SER D 196 -43.17 18.53 -15.66
N ALA D 197 -42.59 19.72 -15.53
CA ALA D 197 -43.31 20.98 -15.20
C ALA D 197 -44.33 21.30 -16.29
N ARG D 198 -44.09 20.84 -17.53
CA ARG D 198 -44.98 20.99 -18.71
C ARG D 198 -45.72 19.68 -18.99
N GLY D 199 -45.78 18.77 -18.01
CA GLY D 199 -46.51 17.49 -18.07
C GLY D 199 -45.86 16.47 -19.01
N LYS D 200 -44.59 16.65 -19.36
CA LYS D 200 -43.84 15.73 -20.26
C LYS D 200 -42.92 14.82 -19.43
N LEU D 201 -42.96 13.51 -19.70
CA LEU D 201 -42.12 12.47 -19.05
C LEU D 201 -42.29 12.54 -17.53
N PRO D 202 -43.54 12.49 -17.01
CA PRO D 202 -43.78 12.60 -15.57
C PRO D 202 -43.22 11.43 -14.74
N ASN D 203 -43.35 10.20 -15.26
CA ASN D 203 -42.87 8.96 -14.58
C ASN D 203 -41.33 8.98 -14.53
N THR D 204 -40.67 9.48 -15.58
CA THR D 204 -39.20 9.69 -15.63
C THR D 204 -38.78 10.57 -14.45
N SER D 205 -39.52 11.65 -14.17
CA SER D 205 -39.22 12.62 -13.08
C SER D 205 -39.43 11.98 -11.71
N ASP D 206 -40.31 10.98 -11.59
CA ASP D 206 -40.45 10.15 -10.36
C ASP D 206 -39.13 9.41 -10.11
N ILE D 207 -38.54 8.81 -11.15
CA ILE D 207 -37.22 8.10 -11.05
C ILE D 207 -36.17 9.11 -10.58
N ILE D 208 -36.13 10.30 -11.18
CA ILE D 208 -35.16 11.39 -10.84
C ILE D 208 -35.29 11.72 -9.35
N ARG D 209 -36.52 11.83 -8.85
CA ARG D 209 -36.79 12.21 -7.43
C ARG D 209 -36.31 11.09 -6.50
N LEU D 210 -36.47 9.82 -6.87
CA LEU D 210 -35.97 8.66 -6.07
C LEU D 210 -34.44 8.69 -6.04
N ILE D 211 -33.80 9.07 -7.15
CA ILE D 211 -32.32 9.23 -7.25
C ILE D 211 -31.86 10.35 -6.32
N LEU D 212 -32.50 11.52 -6.37
CA LEU D 212 -32.13 12.71 -5.54
C LEU D 212 -32.39 12.44 -4.06
N ARG D 213 -33.37 11.59 -3.73
CA ARG D 213 -33.68 11.17 -2.34
C ARG D 213 -32.48 10.38 -1.78
N ASP D 214 -31.71 9.70 -2.64
CA ASP D 214 -30.47 8.98 -2.24
C ASP D 214 -29.31 9.97 -2.22
N LYS D 215 -29.14 10.76 -3.27
CA LYS D 215 -27.94 11.62 -3.47
C LYS D 215 -27.86 12.68 -2.36
N VAL D 216 -29.01 13.12 -1.83
CA VAL D 216 -29.06 14.11 -0.71
C VAL D 216 -28.39 13.49 0.53
N ILE D 217 -28.65 12.20 0.80
CA ILE D 217 -28.05 11.47 1.95
C ILE D 217 -26.56 11.27 1.69
N HIS D 218 -26.17 10.95 0.45
CA HIS D 218 -24.76 10.70 0.04
C HIS D 218 -23.95 11.98 0.30
N ASN D 219 -24.41 13.13 -0.22
CA ASN D 219 -23.72 14.44 -0.06
C ASN D 219 -23.63 14.76 1.43
N PHE D 220 -24.75 14.62 2.17
CA PHE D 220 -24.79 14.88 3.63
C PHE D 220 -23.72 14.07 4.36
N TYR D 221 -23.68 12.76 4.09
CA TYR D 221 -22.88 11.77 4.86
C TYR D 221 -21.39 12.01 4.61
N SER D 222 -21.01 12.18 3.34
CA SER D 222 -19.61 12.48 2.93
C SER D 222 -19.17 13.81 3.54
N GLY D 223 -20.05 14.83 3.49
CA GLY D 223 -19.81 16.16 4.12
C GLY D 223 -19.65 16.06 5.62
N TYR D 224 -20.47 15.24 6.29
CA TYR D 224 -20.46 15.02 7.75
C TYR D 224 -19.12 14.40 8.16
N LYS D 225 -18.70 13.35 7.46
CA LYS D 225 -17.45 12.60 7.75
C LYS D 225 -16.24 13.48 7.46
N TYR D 226 -16.28 14.25 6.37
CA TYR D 226 -15.25 15.27 6.02
C TYR D 226 -15.05 16.21 7.20
N GLN D 227 -16.13 16.75 7.74
CA GLN D 227 -16.10 17.77 8.84
C GLN D 227 -15.50 17.16 10.11
N LEU D 228 -15.85 15.92 10.46
CA LEU D 228 -15.32 15.25 11.67
C LEU D 228 -13.79 15.15 11.57
N LYS D 229 -13.24 14.83 10.40
CA LYS D 229 -11.78 14.64 10.18
C LYS D 229 -11.06 16.00 10.19
N VAL D 230 -11.53 17.00 9.45
CA VAL D 230 -10.85 18.33 9.32
C VAL D 230 -10.84 19.04 10.68
N ALA D 231 -11.85 18.83 11.52
CA ALA D 231 -11.98 19.45 12.86
C ALA D 231 -10.79 19.09 13.75
N LYS D 232 -10.12 17.96 13.48
CA LYS D 232 -9.00 17.42 14.31
C LYS D 232 -7.65 17.97 13.83
N LEU D 233 -7.61 18.63 12.67
CA LEU D 233 -6.37 19.21 12.08
C LEU D 233 -6.10 20.60 12.70
N SER D 234 -4.88 21.11 12.52
CA SER D 234 -4.43 22.44 12.99
C SER D 234 -5.17 23.53 12.22
N PRO D 235 -5.34 24.75 12.79
CA PRO D 235 -6.02 25.84 12.09
C PRO D 235 -5.42 26.16 10.71
N GLU D 236 -4.10 26.03 10.57
CA GLU D 236 -3.36 26.26 9.28
C GLU D 236 -3.84 25.24 8.24
N LYS D 237 -3.88 23.96 8.60
CA LYS D 237 -4.28 22.85 7.69
C LYS D 237 -5.79 22.90 7.42
N GLN D 238 -6.59 23.40 8.38
CA GLN D 238 -8.05 23.61 8.20
C GLN D 238 -8.28 24.71 7.15
N ALA D 239 -7.51 25.79 7.20
CA ALA D 239 -7.55 26.92 6.22
C ALA D 239 -7.10 26.41 4.84
N GLU D 240 -6.08 25.55 4.80
CA GLU D 240 -5.53 24.95 3.57
C GLU D 240 -6.60 24.09 2.89
N MET D 241 -7.31 23.26 3.65
CA MET D 241 -8.36 22.33 3.13
C MET D 241 -9.55 23.15 2.62
N LYS D 242 -9.96 24.18 3.37
CA LYS D 242 -11.06 25.11 2.98
C LYS D 242 -10.73 25.72 1.61
N GLN D 243 -9.50 26.23 1.44
CA GLN D 243 -9.03 26.87 0.19
C GLN D 243 -9.07 25.85 -0.96
N PHE D 244 -8.64 24.61 -0.71
CA PHE D 244 -8.63 23.52 -1.72
C PHE D 244 -10.07 23.27 -2.21
N VAL D 245 -11.02 23.20 -1.28
CA VAL D 245 -12.46 22.92 -1.56
C VAL D 245 -12.99 23.99 -2.52
N PHE D 246 -12.76 25.27 -2.21
CA PHE D 246 -13.24 26.43 -3.00
C PHE D 246 -12.54 26.45 -4.37
N ASP D 247 -11.24 26.15 -4.40
CA ASP D 247 -10.42 26.07 -5.64
C ASP D 247 -10.92 24.92 -6.52
N LEU D 248 -11.19 23.75 -5.94
CA LEU D 248 -11.68 22.56 -6.69
C LEU D 248 -13.08 22.85 -7.23
N LEU D 249 -13.96 23.45 -6.42
CA LEU D 249 -15.36 23.77 -6.82
C LEU D 249 -15.35 24.78 -7.97
N ASP D 250 -14.52 25.83 -7.87
CA ASP D 250 -14.34 26.86 -8.94
C ASP D 250 -13.97 26.15 -10.25
N LYS D 251 -13.00 25.23 -10.19
CA LYS D 251 -12.55 24.44 -11.38
C LYS D 251 -13.72 23.63 -11.94
N MET D 252 -14.45 22.91 -11.08
CA MET D 252 -15.56 22.02 -11.50
C MET D 252 -16.72 22.85 -12.07
N ILE D 253 -16.99 24.03 -11.50
CA ILE D 253 -18.02 24.99 -11.99
C ILE D 253 -17.65 25.42 -13.41
N GLY D 254 -16.38 25.76 -13.65
CA GLY D 254 -15.85 26.12 -14.98
C GLY D 254 -16.09 25.02 -16.00
N LEU D 255 -15.77 23.77 -15.65
CA LEU D 255 -15.90 22.60 -16.56
C LEU D 255 -17.39 22.29 -16.79
N GLU D 256 -18.23 22.43 -15.76
CA GLU D 256 -19.69 22.15 -15.85
C GLU D 256 -20.32 23.19 -16.78
N LYS D 257 -19.99 24.48 -16.60
CA LYS D 257 -20.53 25.60 -17.42
C LYS D 257 -20.25 25.31 -18.91
N THR D 258 -18.99 25.06 -19.27
CA THR D 258 -18.55 24.73 -20.66
C THR D 258 -19.41 23.59 -21.20
N TYR D 259 -19.59 22.52 -20.42
CA TYR D 259 -20.34 21.30 -20.82
C TYR D 259 -21.81 21.64 -21.07
N LEU D 260 -22.45 22.35 -20.14
CA LEU D 260 -23.91 22.64 -20.18
C LEU D 260 -24.23 23.58 -21.36
N HIS D 261 -23.36 24.55 -21.65
CA HIS D 261 -23.47 25.46 -22.82
C HIS D 261 -23.47 24.62 -24.12
N GLN D 262 -22.62 23.60 -24.20
CA GLN D 262 -22.54 22.68 -25.37
C GLN D 262 -23.77 21.76 -25.42
N LEU D 263 -24.14 21.18 -24.27
CA LEU D 263 -25.26 20.20 -24.17
C LEU D 263 -26.58 20.86 -24.60
N TYR D 264 -26.84 22.09 -24.13
CA TYR D 264 -28.14 22.80 -24.30
C TYR D 264 -28.06 23.83 -25.44
N ASP D 265 -27.04 23.72 -26.30
CA ASP D 265 -26.84 24.62 -27.47
C ASP D 265 -28.05 24.51 -28.41
N GLY D 266 -28.80 25.62 -28.56
CA GLY D 266 -29.98 25.72 -29.45
C GLY D 266 -31.27 25.39 -28.73
N PHE D 267 -31.24 25.15 -27.42
CA PHE D 267 -32.43 24.86 -26.57
C PHE D 267 -32.68 26.02 -25.59
N GLY D 268 -31.70 26.89 -25.38
CA GLY D 268 -31.80 28.08 -24.50
C GLY D 268 -32.02 27.71 -23.04
N LEU D 269 -31.51 26.56 -22.60
CA LEU D 269 -31.68 26.05 -21.20
C LEU D 269 -30.40 26.27 -20.38
N ALA D 270 -29.26 26.48 -21.04
CA ALA D 270 -27.91 26.56 -20.42
C ALA D 270 -27.91 27.51 -19.23
N ASP D 271 -28.42 28.73 -19.39
CA ASP D 271 -28.39 29.81 -18.36
C ASP D 271 -29.17 29.34 -17.12
N GLU D 272 -30.38 28.82 -17.31
CA GLU D 272 -31.25 28.30 -16.21
C GLU D 272 -30.58 27.09 -15.54
N ALA D 273 -30.11 26.13 -16.35
CA ALA D 273 -29.45 24.88 -15.88
C ALA D 273 -28.24 25.22 -15.01
N ILE D 274 -27.45 26.22 -15.41
CA ILE D 274 -26.23 26.69 -14.69
C ILE D 274 -26.64 27.28 -13.33
N ARG D 275 -27.71 28.09 -13.29
CA ARG D 275 -28.22 28.70 -12.03
C ARG D 275 -28.63 27.58 -11.05
N PHE D 276 -29.31 26.54 -11.53
CA PHE D 276 -29.73 25.35 -10.75
C PHE D 276 -28.47 24.62 -10.24
N SER D 277 -27.45 24.53 -11.09
CA SER D 277 -26.12 23.94 -10.76
C SER D 277 -25.49 24.71 -9.60
N LEU D 278 -25.53 26.05 -9.65
CA LEU D 278 -24.90 26.93 -8.62
C LEU D 278 -25.71 26.88 -7.31
N TYR D 279 -27.04 26.73 -7.38
CA TYR D 279 -27.91 26.51 -6.19
C TYR D 279 -27.39 25.30 -5.42
N ASN D 280 -27.09 24.22 -6.14
CA ASN D 280 -26.62 22.92 -5.57
C ASN D 280 -25.14 23.04 -5.17
N ALA D 281 -24.35 23.87 -5.86
CA ALA D 281 -22.95 24.20 -5.48
C ALA D 281 -22.95 24.83 -4.08
N GLY D 282 -23.92 25.71 -3.80
CA GLY D 282 -24.13 26.34 -2.49
C GLY D 282 -24.45 25.30 -1.42
N LYS D 283 -25.32 24.35 -1.72
CA LYS D 283 -25.73 23.25 -0.81
C LYS D 283 -24.54 22.32 -0.55
N PHE D 284 -23.74 22.02 -1.59
CA PHE D 284 -22.49 21.21 -1.47
C PHE D 284 -21.59 21.82 -0.38
N LEU D 285 -21.28 23.12 -0.50
CA LEU D 285 -20.40 23.86 0.46
C LEU D 285 -20.98 23.75 1.87
N GLN D 286 -22.30 23.92 2.03
CA GLN D 286 -22.98 23.91 3.35
C GLN D 286 -22.90 22.51 3.97
N ASN D 287 -22.92 21.46 3.15
CA ASN D 287 -22.80 20.05 3.59
C ASN D 287 -21.38 19.78 4.13
N LEU D 288 -20.38 20.58 3.71
CA LEU D 288 -18.99 20.49 4.20
C LEU D 288 -18.72 21.55 5.28
N GLY D 289 -19.75 22.31 5.68
CA GLY D 289 -19.71 23.25 6.81
C GLY D 289 -19.21 24.64 6.41
N TYR D 290 -19.12 24.93 5.11
CA TYR D 290 -18.66 26.24 4.56
C TYR D 290 -19.86 27.06 4.10
N GLU D 291 -19.75 28.39 4.22
CA GLU D 291 -20.77 29.37 3.77
C GLU D 291 -20.81 29.39 2.23
N SER D 292 -22.01 29.39 1.67
CA SER D 292 -22.26 29.62 0.22
C SER D 292 -22.01 31.09 -0.10
N PRO D 293 -21.17 31.40 -1.11
CA PRO D 293 -20.95 32.79 -1.54
C PRO D 293 -21.95 33.30 -2.60
N PHE D 294 -22.78 32.40 -3.14
CA PHE D 294 -23.66 32.65 -4.31
C PHE D 294 -24.89 33.45 -3.87
N THR D 295 -25.27 34.46 -4.65
CA THR D 295 -26.42 35.37 -4.41
C THR D 295 -27.72 34.68 -4.84
N LYS D 296 -28.86 35.25 -4.45
CA LYS D 296 -30.23 34.79 -4.83
C LYS D 296 -30.35 34.75 -6.36
N GLU D 297 -29.93 35.82 -7.03
CA GLU D 297 -30.05 36.02 -8.50
C GLU D 297 -29.25 34.95 -9.26
N GLU D 298 -28.04 34.64 -8.77
CA GLU D 298 -27.13 33.64 -9.39
C GLU D 298 -27.72 32.22 -9.29
N THR D 299 -28.55 31.96 -8.27
CA THR D 299 -29.11 30.63 -7.94
C THR D 299 -30.61 30.58 -8.21
N ARG D 300 -31.20 31.63 -8.80
CA ARG D 300 -32.66 31.78 -9.01
C ARG D 300 -33.13 30.77 -10.07
N ILE D 301 -34.15 29.97 -9.73
CA ILE D 301 -34.77 28.93 -10.60
C ILE D 301 -36.21 29.35 -10.88
N ALA D 302 -36.75 28.98 -12.05
CA ALA D 302 -38.18 29.15 -12.42
C ALA D 302 -39.02 28.37 -11.41
N PRO D 303 -40.05 28.99 -10.78
CA PRO D 303 -40.81 28.35 -9.70
C PRO D 303 -41.38 26.97 -10.05
N GLU D 304 -41.82 26.78 -11.30
CA GLU D 304 -42.50 25.55 -11.78
C GLU D 304 -41.47 24.42 -11.94
N VAL D 305 -40.22 24.75 -12.27
CA VAL D 305 -39.09 23.77 -12.33
C VAL D 305 -38.72 23.37 -10.90
N PHE D 306 -38.61 24.36 -10.00
CA PHE D 306 -38.23 24.18 -8.57
C PHE D 306 -39.32 23.40 -7.84
N ALA D 307 -40.57 23.52 -8.27
CA ALA D 307 -41.76 22.83 -7.70
C ALA D 307 -41.68 21.32 -7.98
N GLN D 308 -41.02 20.90 -9.07
CA GLN D 308 -40.80 19.48 -9.42
C GLN D 308 -39.79 18.85 -8.46
N LEU D 309 -38.85 19.65 -7.95
CA LEU D 309 -37.90 19.22 -6.88
C LEU D 309 -38.66 19.13 -5.55
N SER D 310 -39.23 20.24 -5.09
CA SER D 310 -40.08 20.33 -3.87
C SER D 310 -41.26 21.27 -4.10
N ALA D 311 -42.48 20.78 -3.87
CA ALA D 311 -43.74 21.55 -3.93
C ALA D 311 -43.91 22.39 -2.66
N ARG D 312 -43.10 22.17 -1.62
CA ARG D 312 -43.16 22.90 -0.32
C ARG D 312 -42.16 24.07 -0.29
N ALA D 313 -41.39 24.27 -1.37
CA ALA D 313 -40.33 25.30 -1.46
C ALA D 313 -40.92 26.67 -1.82
N ASP D 314 -40.38 27.75 -1.24
CA ASP D 314 -40.74 29.17 -1.49
C ASP D 314 -42.26 29.33 -1.56
N GLU D 315 -42.99 28.81 -0.57
CA GLU D 315 -44.48 28.87 -0.48
C GLU D 315 -44.90 30.18 0.21
N ASN D 316 -46.10 30.66 -0.10
CA ASN D 316 -46.74 31.83 0.53
C ASN D 316 -47.36 31.37 1.86
N HIS D 317 -46.68 31.67 2.98
CA HIS D 317 -47.07 31.22 4.35
C HIS D 317 -48.39 31.87 4.76
N ASP D 318 -48.65 33.11 4.32
CA ASP D 318 -49.88 33.89 4.62
C ASP D 318 -51.10 33.20 4.00
N PHE D 319 -50.95 32.62 2.80
CA PHE D 319 -52.03 31.93 2.06
C PHE D 319 -52.51 30.70 2.85
N PHE D 320 -51.58 29.82 3.23
CA PHE D 320 -51.85 28.57 3.98
C PHE D 320 -52.37 28.92 5.39
N SER D 321 -52.04 30.12 5.88
CA SER D 321 -52.51 30.68 7.18
C SER D 321 -53.87 31.36 7.02
N GLY D 322 -54.23 31.78 5.80
CA GLY D 322 -55.45 32.54 5.51
C GLY D 322 -55.36 33.97 6.03
N SER D 323 -54.19 34.60 5.86
CA SER D 323 -53.79 35.92 6.45
C SER D 323 -53.99 35.89 7.98
N GLY D 324 -53.89 34.70 8.58
CA GLY D 324 -54.14 34.48 10.02
C GLY D 324 -52.83 34.47 10.80
N SER D 325 -52.87 33.89 12.01
CA SER D 325 -51.72 33.82 12.96
C SER D 325 -50.99 32.48 12.82
N SER D 326 -51.53 31.52 12.07
CA SER D 326 -50.98 30.15 11.92
C SER D 326 -51.54 29.45 10.68
N TYR D 327 -50.80 28.46 10.15
CA TYR D 327 -51.20 27.56 9.03
C TYR D 327 -52.56 26.93 9.36
N ILE D 328 -53.49 26.98 8.40
CA ILE D 328 -54.86 26.39 8.49
C ILE D 328 -55.02 25.35 7.37
N LYS E 7 35.12 -4.48 -48.58
CA LYS E 7 35.34 -5.40 -47.43
C LYS E 7 35.35 -4.60 -46.11
N GLU E 8 34.49 -3.58 -45.99
CA GLU E 8 34.31 -2.79 -44.74
C GLU E 8 33.65 -3.69 -43.69
N LEU E 9 34.30 -3.86 -42.54
CA LEU E 9 33.86 -4.78 -41.46
C LEU E 9 34.15 -4.16 -40.08
N ILE E 10 33.23 -4.33 -39.13
CA ILE E 10 33.39 -3.96 -37.69
C ILE E 10 33.36 -5.26 -36.88
N VAL E 11 34.30 -5.42 -35.94
CA VAL E 11 34.19 -6.36 -34.79
C VAL E 11 33.93 -5.50 -33.54
N TYR E 12 32.91 -5.83 -32.75
CA TYR E 12 32.53 -5.02 -31.56
C TYR E 12 32.21 -5.94 -30.39
N PHE E 13 32.30 -5.38 -29.18
CA PHE E 13 31.81 -5.98 -27.92
C PHE E 13 30.76 -5.05 -27.32
N SER E 14 29.76 -5.64 -26.68
CA SER E 14 28.69 -4.93 -25.93
C SER E 14 28.19 -5.85 -24.82
N THR E 15 28.09 -5.34 -23.59
CA THR E 15 27.51 -6.09 -22.44
C THR E 15 26.00 -6.17 -22.64
N GLN E 16 25.28 -6.62 -21.61
CA GLN E 16 23.80 -6.79 -21.61
C GLN E 16 23.11 -5.42 -21.79
N SER E 17 23.77 -4.31 -21.45
CA SER E 17 23.19 -2.95 -21.58
C SER E 17 23.08 -2.54 -23.05
N ASN E 18 23.89 -3.13 -23.94
CA ASN E 18 23.73 -3.06 -25.41
C ASN E 18 23.88 -1.62 -25.93
N ASN E 19 24.62 -0.76 -25.23
CA ASN E 19 24.89 0.64 -25.68
C ASN E 19 25.75 0.61 -26.95
N THR E 20 26.85 -0.16 -26.93
CA THR E 20 27.82 -0.26 -28.05
C THR E 20 27.13 -0.97 -29.23
N HIS E 21 26.35 -2.02 -28.94
CA HIS E 21 25.52 -2.75 -29.94
C HIS E 21 24.68 -1.75 -30.72
N ARG E 22 23.92 -0.89 -30.04
CA ARG E 22 22.98 0.07 -30.67
C ARG E 22 23.75 1.10 -31.52
N PHE E 23 24.89 1.60 -31.04
CA PHE E 23 25.74 2.54 -31.82
C PHE E 23 26.15 1.87 -33.13
N VAL E 24 26.72 0.66 -33.04
CA VAL E 24 27.30 -0.12 -34.16
C VAL E 24 26.23 -0.40 -35.22
N GLN E 25 24.97 -0.65 -34.81
CA GLN E 25 23.83 -0.95 -35.73
C GLN E 25 23.40 0.33 -36.48
N LYS E 26 23.81 1.51 -36.02
CA LYS E 26 23.53 2.80 -36.71
C LYS E 26 24.59 3.06 -37.79
N LEU E 27 25.71 2.32 -37.79
CA LEU E 27 26.83 2.49 -38.75
C LEU E 27 26.52 1.71 -40.04
N ASP E 28 27.07 2.16 -41.17
CA ASP E 28 26.82 1.59 -42.52
C ASP E 28 27.47 0.20 -42.63
N ALA E 29 28.71 0.05 -42.13
CA ALA E 29 29.56 -1.15 -42.29
C ALA E 29 28.90 -2.37 -41.61
N GLU E 30 29.13 -3.56 -42.17
CA GLU E 30 28.76 -4.88 -41.58
C GLU E 30 29.51 -5.05 -40.25
N SER E 31 28.87 -5.68 -39.26
CA SER E 31 29.41 -5.84 -37.89
C SER E 31 29.32 -7.31 -37.44
N ILE E 32 30.29 -7.75 -36.63
CA ILE E 32 30.31 -9.08 -35.94
C ILE E 32 30.49 -8.83 -34.44
N ARG E 33 29.66 -9.45 -33.61
CA ARG E 33 29.66 -9.25 -32.13
C ARG E 33 30.54 -10.30 -31.47
N ILE E 34 31.49 -9.87 -30.64
CA ILE E 34 32.25 -10.77 -29.71
C ILE E 34 31.27 -11.23 -28.64
N PRO E 35 31.13 -12.56 -28.39
CA PRO E 35 30.12 -13.07 -27.46
C PRO E 35 30.37 -12.62 -26.01
N ILE E 36 29.29 -12.34 -25.28
CA ILE E 36 29.32 -12.01 -23.83
C ILE E 36 29.79 -13.26 -23.08
N ASP E 37 29.24 -14.43 -23.41
CA ASP E 37 29.54 -15.73 -22.76
C ASP E 37 31.04 -16.01 -22.88
N GLU E 38 31.72 -16.23 -21.75
CA GLU E 38 33.19 -16.41 -21.66
C GLU E 38 33.58 -17.84 -22.10
N GLU E 39 32.60 -18.72 -22.32
CA GLU E 39 32.81 -20.10 -22.83
C GLU E 39 32.88 -20.09 -24.36
N GLU E 40 32.43 -19.00 -24.99
CA GLU E 40 32.28 -18.86 -26.46
C GLU E 40 33.35 -17.91 -27.01
N ARG E 41 33.82 -18.19 -28.24
CA ARG E 41 34.85 -17.41 -28.97
C ARG E 41 34.42 -17.31 -30.43
N ILE E 42 34.96 -16.34 -31.17
CA ILE E 42 34.74 -16.20 -32.64
C ILE E 42 36.09 -16.14 -33.34
N LYS E 43 36.12 -16.59 -34.60
CA LYS E 43 37.29 -16.52 -35.52
C LYS E 43 36.94 -15.56 -36.65
N VAL E 44 37.74 -14.51 -36.84
CA VAL E 44 37.58 -13.50 -37.93
C VAL E 44 38.85 -13.54 -38.79
N ASP E 45 38.69 -13.72 -40.11
CA ASP E 45 39.80 -13.87 -41.08
C ASP E 45 39.73 -12.75 -42.14
N GLU E 46 39.05 -11.65 -41.84
CA GLU E 46 38.97 -10.42 -42.66
C GLU E 46 39.41 -9.22 -41.80
N ASP E 47 39.89 -8.15 -42.43
CA ASP E 47 40.30 -6.90 -41.76
C ASP E 47 39.07 -6.23 -41.13
N TYR E 48 39.22 -5.66 -39.93
CA TYR E 48 38.12 -5.04 -39.15
C TYR E 48 38.62 -3.85 -38.33
N VAL E 49 37.72 -2.90 -38.08
CA VAL E 49 37.85 -1.84 -37.02
C VAL E 49 37.18 -2.39 -35.76
N LEU E 50 37.89 -2.39 -34.63
CA LEU E 50 37.39 -2.89 -33.32
C LEU E 50 36.71 -1.74 -32.57
N ILE E 51 35.48 -1.96 -32.08
CA ILE E 51 34.68 -0.97 -31.30
C ILE E 51 34.29 -1.61 -29.96
N VAL E 52 34.78 -1.06 -28.85
CA VAL E 52 34.63 -1.66 -27.49
C VAL E 52 34.35 -0.58 -26.46
N PRO E 53 33.51 -0.88 -25.43
CA PRO E 53 33.36 -0.02 -24.26
C PRO E 53 34.44 -0.25 -23.18
N THR E 54 34.54 0.67 -22.23
CA THR E 54 35.54 0.66 -21.12
C THR E 54 34.82 0.28 -19.82
N TYR E 55 35.45 -0.55 -18.98
CA TYR E 55 34.85 -1.08 -17.72
C TYR E 55 35.88 -1.14 -16.59
N SER E 56 36.84 -0.20 -16.54
CA SER E 56 37.81 -0.06 -15.42
C SER E 56 37.07 0.47 -14.18
N GLY E 57 36.21 1.47 -14.36
CA GLY E 57 35.28 1.97 -13.33
C GLY E 57 35.86 3.16 -12.57
N GLY E 58 36.84 3.86 -13.16
CA GLY E 58 37.40 5.13 -12.64
C GLY E 58 38.29 4.93 -11.41
N LYS E 59 38.81 3.72 -11.18
CA LYS E 59 39.70 3.41 -10.04
C LYS E 59 41.11 3.90 -10.36
N VAL E 60 41.84 4.35 -9.33
CA VAL E 60 43.17 5.02 -9.46
C VAL E 60 44.27 4.09 -8.92
N ASP E 67 44.34 3.38 -12.89
CA ASP E 67 44.36 1.90 -12.92
C ASP E 67 43.57 1.41 -14.14
N ALA E 68 44.27 0.83 -15.12
CA ALA E 68 43.72 0.38 -16.43
C ALA E 68 43.28 -1.08 -16.36
N HIS E 69 43.34 -1.71 -15.17
CA HIS E 69 42.89 -3.11 -14.96
C HIS E 69 41.37 -3.19 -15.19
N GLY E 70 40.94 -4.12 -16.05
CA GLY E 70 39.52 -4.34 -16.39
C GLY E 70 38.98 -3.30 -17.35
N ALA E 71 39.83 -2.37 -17.81
CA ALA E 71 39.48 -1.33 -18.81
C ALA E 71 38.93 -2.03 -20.07
N VAL E 72 39.72 -2.96 -20.61
CA VAL E 72 39.32 -3.82 -21.77
C VAL E 72 38.50 -4.98 -21.22
N PRO E 73 37.23 -5.17 -21.66
CA PRO E 73 36.45 -6.34 -21.26
C PRO E 73 37.20 -7.65 -21.52
N LYS E 74 37.08 -8.62 -20.61
CA LYS E 74 37.80 -9.92 -20.63
C LYS E 74 37.54 -10.65 -21.94
N GLN E 75 36.30 -10.55 -22.47
CA GLN E 75 35.88 -11.19 -23.74
C GLN E 75 36.68 -10.62 -24.91
N VAL E 76 36.98 -9.31 -24.87
CA VAL E 76 37.79 -8.60 -25.91
C VAL E 76 39.25 -9.09 -25.84
N ILE E 77 39.78 -9.27 -24.63
CA ILE E 77 41.16 -9.81 -24.40
C ILE E 77 41.23 -11.22 -25.01
N HIS E 78 40.29 -12.10 -24.64
CA HIS E 78 40.17 -13.50 -25.14
C HIS E 78 40.19 -13.51 -26.68
N PHE E 79 39.44 -12.60 -27.32
CA PHE E 79 39.34 -12.44 -28.79
C PHE E 79 40.71 -12.07 -29.37
N LEU E 80 41.35 -11.03 -28.82
CA LEU E 80 42.64 -10.47 -29.31
C LEU E 80 43.80 -11.43 -28.98
N ASN E 81 43.66 -12.28 -27.97
CA ASN E 81 44.69 -13.26 -27.54
C ASN E 81 44.97 -14.27 -28.67
N ASP E 82 43.97 -14.56 -29.50
CA ASP E 82 44.11 -15.42 -30.72
C ASP E 82 44.86 -14.61 -31.78
N PRO E 83 46.11 -15.00 -32.15
CA PRO E 83 46.91 -14.20 -33.07
C PRO E 83 46.29 -14.07 -34.46
N ASP E 84 45.47 -15.04 -34.88
CA ASP E 84 44.74 -15.02 -36.16
C ASP E 84 43.70 -13.89 -36.15
N ASN E 85 43.04 -13.65 -35.01
CA ASN E 85 42.06 -12.54 -34.83
C ASN E 85 42.84 -11.22 -34.71
N ARG E 86 43.85 -11.19 -33.84
CA ARG E 86 44.71 -10.03 -33.51
C ARG E 86 45.23 -9.35 -34.79
N LYS E 87 45.77 -10.14 -35.73
CA LYS E 87 46.54 -9.63 -36.90
C LYS E 87 45.63 -8.86 -37.87
N HIS E 88 44.31 -9.03 -37.77
CA HIS E 88 43.32 -8.44 -38.72
C HIS E 88 42.79 -7.08 -38.22
N CYS E 89 43.23 -6.61 -37.06
CA CYS E 89 42.77 -5.32 -36.47
C CYS E 89 43.51 -4.14 -37.12
N LEU E 90 42.76 -3.27 -37.81
CA LEU E 90 43.27 -2.05 -38.49
C LEU E 90 43.35 -0.90 -37.48
N GLY E 91 42.44 -0.85 -36.51
CA GLY E 91 42.38 0.22 -35.49
C GLY E 91 41.25 -0.01 -34.49
N VAL E 92 41.27 0.75 -33.40
CA VAL E 92 40.31 0.58 -32.25
C VAL E 92 39.54 1.89 -32.05
N ILE E 93 38.21 1.79 -31.91
CA ILE E 93 37.31 2.87 -31.42
C ILE E 93 36.81 2.42 -30.04
N SER E 94 36.94 3.29 -29.03
CA SER E 94 36.53 3.01 -27.63
C SER E 94 35.36 3.91 -27.25
N SER E 95 34.53 3.45 -26.31
CA SER E 95 33.41 4.23 -25.75
C SER E 95 33.48 4.20 -24.22
N GLY E 96 32.63 5.00 -23.60
CA GLY E 96 32.49 5.10 -22.15
C GLY E 96 31.67 6.31 -21.77
N ASN E 97 32.15 7.06 -20.78
CA ASN E 97 31.43 8.23 -20.22
C ASN E 97 32.48 9.17 -19.62
N THR E 98 32.46 10.45 -20.01
CA THR E 98 33.46 11.48 -19.60
C THR E 98 33.43 11.68 -18.09
N ASN E 99 32.34 11.29 -17.42
CA ASN E 99 32.19 11.39 -15.94
C ASN E 99 33.19 10.47 -15.22
N PHE E 100 33.83 9.52 -15.93
CA PHE E 100 34.91 8.66 -15.38
C PHE E 100 36.27 9.38 -15.46
N GLY E 101 36.29 10.62 -15.99
CA GLY E 101 37.46 11.51 -15.97
C GLY E 101 38.67 10.93 -16.66
N ASP E 102 39.76 10.72 -15.91
CA ASP E 102 41.06 10.19 -16.43
C ASP E 102 40.86 8.79 -17.04
N SER E 103 39.81 8.08 -16.63
CA SER E 103 39.51 6.69 -17.08
C SER E 103 38.55 6.69 -18.27
N PHE E 104 38.17 7.85 -18.81
CA PHE E 104 37.21 7.95 -19.95
C PHE E 104 37.76 7.18 -21.15
N ALA E 105 37.03 6.15 -21.59
CA ALA E 105 37.22 5.42 -22.87
C ALA E 105 38.63 4.82 -22.97
N ILE E 106 39.28 4.52 -21.85
CA ILE E 106 40.74 4.16 -21.81
C ILE E 106 40.97 2.74 -22.37
N ALA E 107 39.92 1.97 -22.64
CA ALA E 107 40.02 0.66 -23.33
C ALA E 107 40.71 0.84 -24.69
N GLY E 108 40.45 1.95 -25.38
CA GLY E 108 41.04 2.30 -26.69
C GLY E 108 42.56 2.44 -26.63
N PRO E 109 43.09 3.41 -25.86
CA PRO E 109 44.54 3.53 -25.63
C PRO E 109 45.23 2.22 -25.23
N VAL E 110 44.62 1.45 -24.32
CA VAL E 110 45.16 0.15 -23.84
C VAL E 110 45.31 -0.79 -25.05
N ILE E 111 44.24 -0.96 -25.83
CA ILE E 111 44.21 -1.84 -27.05
C ILE E 111 45.19 -1.28 -28.09
N SER E 112 45.17 0.05 -28.30
CA SER E 112 46.06 0.78 -29.24
C SER E 112 47.52 0.46 -28.93
N TYR E 113 47.89 0.46 -27.64
CA TYR E 113 49.26 0.16 -27.16
C TYR E 113 49.59 -1.32 -27.39
N LYS E 114 48.70 -2.22 -26.98
CA LYS E 114 48.90 -3.71 -27.02
C LYS E 114 49.08 -4.19 -28.46
N LEU E 115 48.26 -3.68 -29.40
CA LEU E 115 48.20 -4.15 -30.81
C LEU E 115 49.14 -3.33 -31.70
N LYS E 116 49.57 -2.14 -31.24
CA LYS E 116 50.35 -1.15 -32.05
C LYS E 116 49.48 -0.71 -33.25
N VAL E 117 48.22 -0.36 -32.97
CA VAL E 117 47.22 0.09 -34.00
C VAL E 117 46.70 1.47 -33.59
N PRO E 118 46.20 2.28 -34.55
CA PRO E 118 45.68 3.61 -34.22
C PRO E 118 44.38 3.58 -33.40
N LEU E 119 44.30 4.47 -32.40
CA LEU E 119 43.05 4.87 -31.72
C LEU E 119 42.32 5.87 -32.64
N LEU E 120 41.25 5.43 -33.31
CA LEU E 120 40.61 6.13 -34.45
C LEU E 120 39.55 7.13 -33.98
N TYR E 121 38.89 6.86 -32.84
CA TYR E 121 37.75 7.66 -32.33
C TYR E 121 37.40 7.24 -30.90
N GLN E 122 36.78 8.16 -30.15
CA GLN E 122 36.19 7.91 -28.82
C GLN E 122 34.79 8.54 -28.79
N PHE E 123 33.82 7.84 -28.21
CA PHE E 123 32.40 8.30 -28.14
C PHE E 123 31.79 7.86 -26.81
N GLU E 124 30.55 8.26 -26.56
CA GLU E 124 29.83 7.97 -25.29
C GLU E 124 28.53 7.20 -25.57
N LEU E 125 28.27 6.16 -24.78
CA LEU E 125 26.95 5.49 -24.67
C LEU E 125 26.52 5.01 -26.07
N ILE E 126 25.36 5.43 -26.57
CA ILE E 126 24.79 4.94 -27.87
C ILE E 126 25.22 5.88 -29.02
N GLY E 127 25.97 6.94 -28.72
CA GLY E 127 26.50 7.89 -29.71
C GLY E 127 25.44 8.85 -30.23
N THR E 128 25.87 9.99 -30.77
CA THR E 128 25.01 11.03 -31.39
C THR E 128 25.03 10.87 -32.92
N LYS E 129 24.24 11.69 -33.62
CA LYS E 129 24.25 11.85 -35.11
C LYS E 129 25.68 12.09 -35.58
N GLU E 130 26.39 13.02 -34.93
CA GLU E 130 27.77 13.46 -35.30
C GLU E 130 28.73 12.27 -35.23
N ASP E 131 28.66 11.48 -34.15
CA ASP E 131 29.51 10.28 -33.92
C ASP E 131 29.30 9.28 -35.06
N VAL E 132 28.05 9.05 -35.48
CA VAL E 132 27.68 8.09 -36.57
C VAL E 132 28.34 8.56 -37.87
N GLU E 133 28.11 9.81 -38.26
CA GLU E 133 28.64 10.44 -39.50
C GLU E 133 30.18 10.35 -39.51
N GLU E 134 30.82 10.64 -38.37
CA GLU E 134 32.31 10.66 -38.24
C GLU E 134 32.88 9.24 -38.34
N VAL E 135 32.31 8.28 -37.62
CA VAL E 135 32.82 6.87 -37.54
C VAL E 135 32.65 6.19 -38.90
N ASN E 136 31.52 6.44 -39.60
CA ASN E 136 31.29 5.97 -40.99
C ASN E 136 32.43 6.44 -41.88
N ARG E 137 32.75 7.74 -41.84
CA ARG E 137 33.82 8.40 -42.63
C ARG E 137 35.18 7.82 -42.27
N ILE E 138 35.46 7.64 -40.97
CA ILE E 138 36.79 7.17 -40.45
C ILE E 138 36.99 5.71 -40.87
N ILE E 139 35.94 4.88 -40.80
CA ILE E 139 36.00 3.43 -41.18
C ILE E 139 36.27 3.33 -42.69
N SER E 140 35.64 4.18 -43.51
CA SER E 140 35.84 4.25 -44.98
C SER E 140 37.31 4.52 -45.30
N GLU E 141 37.88 5.58 -44.71
CA GLU E 141 39.26 6.06 -44.96
C GLU E 141 40.28 5.05 -44.41
N THR E 142 39.94 4.32 -43.34
CA THR E 142 40.81 3.30 -42.68
C THR E 142 41.05 2.12 -43.65
N PHE E 143 40.03 1.73 -44.41
CA PHE E 143 40.05 0.56 -45.33
C PHE E 143 40.63 0.97 -46.69
N ASN E 144 40.71 2.27 -46.99
CA ASN E 144 41.30 2.83 -48.24
C ASN E 144 42.81 3.01 -48.04
N ALA E 145 43.20 3.88 -47.10
CA ALA E 145 44.61 4.22 -46.77
C ALA E 145 45.20 3.11 -45.89
N GLU F 8 -31.67 -45.53 -25.61
CA GLU F 8 -31.50 -44.52 -24.52
C GLU F 8 -31.22 -43.14 -25.13
N LEU F 9 -31.99 -42.12 -24.75
CA LEU F 9 -31.84 -40.71 -25.20
C LEU F 9 -32.11 -39.76 -24.03
N ILE F 10 -31.35 -38.67 -23.96
CA ILE F 10 -31.53 -37.55 -22.99
C ILE F 10 -31.89 -36.29 -23.77
N VAL F 11 -32.93 -35.58 -23.33
CA VAL F 11 -33.18 -34.15 -23.70
C VAL F 11 -32.84 -33.31 -22.46
N TYR F 12 -31.99 -32.29 -22.61
CA TYR F 12 -31.50 -31.46 -21.49
C TYR F 12 -31.52 -29.98 -21.87
N PHE F 13 -31.65 -29.13 -20.86
CA PHE F 13 -31.43 -27.66 -20.94
C PHE F 13 -30.24 -27.29 -20.06
N SER F 14 -29.48 -26.28 -20.49
CA SER F 14 -28.32 -25.71 -19.78
C SER F 14 -28.16 -24.25 -20.23
N THR F 15 -28.06 -23.32 -19.28
CA THR F 15 -27.79 -21.89 -19.57
C THR F 15 -26.32 -21.76 -20.02
N GLN F 16 -25.83 -20.53 -20.15
CA GLN F 16 -24.46 -20.19 -20.60
C GLN F 16 -23.41 -20.70 -19.59
N SER F 17 -23.82 -21.01 -18.35
CA SER F 17 -22.91 -21.53 -17.28
C SER F 17 -22.54 -23.00 -17.56
N ASN F 18 -23.38 -23.74 -18.29
CA ASN F 18 -23.07 -25.08 -18.86
C ASN F 18 -22.83 -26.13 -17.76
N ASN F 19 -23.38 -25.94 -16.54
CA ASN F 19 -23.27 -26.93 -15.45
C ASN F 19 -24.00 -28.22 -15.85
N THR F 20 -25.26 -28.11 -16.26
CA THR F 20 -26.13 -29.26 -16.64
C THR F 20 -25.54 -29.91 -17.91
N HIS F 21 -25.09 -29.11 -18.87
CA HIS F 21 -24.40 -29.57 -20.10
C HIS F 21 -23.27 -30.54 -19.70
N ARG F 22 -22.38 -30.11 -18.81
CA ARG F 22 -21.16 -30.87 -18.43
C ARG F 22 -21.54 -32.18 -17.73
N PHE F 23 -22.57 -32.17 -16.88
CA PHE F 23 -23.09 -33.39 -16.21
C PHE F 23 -23.55 -34.39 -17.29
N VAL F 24 -24.40 -33.92 -18.22
CA VAL F 24 -25.05 -34.75 -19.28
C VAL F 24 -23.96 -35.38 -20.16
N GLN F 25 -22.84 -34.68 -20.41
CA GLN F 25 -21.73 -35.14 -21.26
C GLN F 25 -20.92 -36.24 -20.55
N LYS F 26 -21.04 -36.36 -19.22
CA LYS F 26 -20.38 -37.43 -18.42
C LYS F 26 -21.20 -38.73 -18.47
N LEU F 27 -22.46 -38.65 -18.91
CA LEU F 27 -23.40 -39.81 -18.97
C LEU F 27 -23.15 -40.61 -20.25
N ASP F 28 -23.62 -41.87 -20.29
CA ASP F 28 -23.44 -42.83 -21.42
C ASP F 28 -24.42 -42.48 -22.54
N ALA F 29 -25.71 -42.30 -22.20
CA ALA F 29 -26.83 -42.11 -23.15
C ALA F 29 -26.59 -40.87 -24.01
N GLU F 30 -27.03 -40.93 -25.28
CA GLU F 30 -26.98 -39.81 -26.25
C GLU F 30 -27.86 -38.66 -25.75
N SER F 31 -27.52 -37.42 -26.07
CA SER F 31 -28.16 -36.18 -25.54
C SER F 31 -28.49 -35.20 -26.67
N ILE F 32 -29.66 -34.55 -26.58
CA ILE F 32 -30.08 -33.41 -27.46
C ILE F 32 -30.30 -32.18 -26.55
N ARG F 33 -29.74 -31.03 -26.93
CA ARG F 33 -29.78 -29.77 -26.15
C ARG F 33 -30.96 -28.91 -26.61
N ILE F 34 -31.83 -28.51 -25.68
CA ILE F 34 -32.88 -27.47 -25.91
C ILE F 34 -32.14 -26.14 -26.09
N PRO F 35 -32.43 -25.38 -27.19
CA PRO F 35 -31.70 -24.14 -27.45
C PRO F 35 -31.87 -23.08 -26.34
N ILE F 36 -30.81 -22.33 -26.04
CA ILE F 36 -30.82 -21.16 -25.12
C ILE F 36 -31.65 -20.04 -25.75
N ASP F 37 -31.41 -19.73 -27.03
CA ASP F 37 -32.12 -18.66 -27.78
C ASP F 37 -33.62 -18.94 -27.72
N GLU F 38 -34.40 -17.96 -27.27
CA GLU F 38 -35.87 -18.04 -27.06
C GLU F 38 -36.59 -18.23 -28.40
N GLU F 39 -35.97 -17.81 -29.51
CA GLU F 39 -36.58 -17.80 -30.87
C GLU F 39 -36.33 -19.13 -31.59
N GLU F 40 -35.52 -20.02 -31.03
CA GLU F 40 -35.23 -21.36 -31.60
C GLU F 40 -36.01 -22.43 -30.82
N ARG F 41 -36.54 -23.42 -31.54
CA ARG F 41 -37.25 -24.60 -30.96
C ARG F 41 -36.67 -25.87 -31.59
N ILE F 42 -36.90 -27.03 -30.97
CA ILE F 42 -36.50 -28.37 -31.50
C ILE F 42 -37.72 -29.30 -31.48
N LYS F 43 -37.65 -30.35 -32.30
CA LYS F 43 -38.64 -31.46 -32.37
C LYS F 43 -37.92 -32.77 -32.06
N VAL F 44 -38.46 -33.57 -31.13
CA VAL F 44 -37.93 -34.90 -30.73
C VAL F 44 -39.05 -35.94 -30.94
N ASP F 45 -38.78 -36.98 -31.75
CA ASP F 45 -39.76 -38.02 -32.15
C ASP F 45 -39.40 -39.36 -31.48
N GLU F 46 -38.35 -39.41 -30.67
CA GLU F 46 -37.90 -40.61 -29.91
C GLU F 46 -38.17 -40.38 -28.43
N ASP F 47 -38.36 -41.47 -27.66
CA ASP F 47 -38.54 -41.43 -26.18
C ASP F 47 -37.27 -40.89 -25.53
N TYR F 48 -37.41 -40.10 -24.46
CA TYR F 48 -36.29 -39.40 -23.77
C TYR F 48 -36.59 -39.21 -22.27
N VAL F 49 -35.53 -39.10 -21.47
CA VAL F 49 -35.54 -38.58 -20.08
C VAL F 49 -35.08 -37.12 -20.11
N LEU F 50 -35.84 -36.22 -19.48
CA LEU F 50 -35.59 -34.75 -19.49
C LEU F 50 -34.72 -34.38 -18.28
N ILE F 51 -33.58 -33.71 -18.50
CA ILE F 51 -32.64 -33.24 -17.45
C ILE F 51 -32.54 -31.70 -17.52
N VAL F 52 -33.03 -30.99 -16.50
CA VAL F 52 -33.13 -29.50 -16.49
C VAL F 52 -32.68 -28.94 -15.14
N PRO F 53 -32.03 -27.74 -15.14
CA PRO F 53 -31.75 -27.01 -13.91
C PRO F 53 -32.94 -26.17 -13.46
N THR F 54 -32.90 -25.65 -12.22
CA THR F 54 -33.97 -24.86 -11.58
C THR F 54 -33.51 -23.40 -11.47
N TYR F 55 -34.40 -22.43 -11.76
CA TYR F 55 -34.09 -20.98 -11.78
C TYR F 55 -35.19 -20.13 -11.13
N SER F 56 -35.83 -20.62 -10.05
CA SER F 56 -36.88 -19.87 -9.30
C SER F 56 -36.20 -18.76 -8.48
N GLY F 57 -35.13 -19.08 -7.76
CA GLY F 57 -34.27 -18.12 -7.04
C GLY F 57 -34.58 -18.04 -5.55
N GLY F 58 -35.30 -19.03 -5.01
CA GLY F 58 -35.59 -19.17 -3.57
C GLY F 58 -36.52 -18.10 -3.05
N LYS F 59 -37.38 -17.55 -3.91
CA LYS F 59 -38.28 -16.41 -3.59
C LYS F 59 -39.57 -16.93 -2.92
N VAL F 60 -40.13 -16.14 -1.99
CA VAL F 60 -41.36 -16.44 -1.20
C VAL F 60 -41.40 -17.94 -0.87
N HIS F 69 -42.39 -19.97 -9.50
CA HIS F 69 -42.87 -19.35 -10.77
C HIS F 69 -41.87 -19.64 -11.90
N GLY F 70 -40.71 -18.97 -11.88
CA GLY F 70 -39.64 -19.14 -12.88
C GLY F 70 -38.74 -20.33 -12.57
N ALA F 71 -39.29 -21.36 -11.92
CA ALA F 71 -38.57 -22.60 -11.52
C ALA F 71 -38.07 -23.33 -12.78
N VAL F 72 -38.98 -23.63 -13.71
CA VAL F 72 -38.67 -24.28 -15.01
C VAL F 72 -38.25 -23.19 -15.99
N PRO F 73 -37.03 -23.27 -16.57
CA PRO F 73 -36.61 -22.31 -17.59
C PRO F 73 -37.64 -22.20 -18.72
N LYS F 74 -37.88 -20.98 -19.22
CA LYS F 74 -38.91 -20.68 -20.24
C LYS F 74 -38.68 -21.53 -21.50
N GLN F 75 -37.41 -21.84 -21.81
CA GLN F 75 -37.00 -22.65 -22.98
C GLN F 75 -37.53 -24.09 -22.84
N VAL F 76 -37.55 -24.62 -21.61
CA VAL F 76 -38.07 -25.98 -21.29
C VAL F 76 -39.60 -25.97 -21.39
N ILE F 77 -40.25 -24.89 -20.94
CA ILE F 77 -41.73 -24.71 -21.04
C ILE F 77 -42.13 -24.72 -22.52
N HIS F 78 -41.43 -23.93 -23.35
CA HIS F 78 -41.66 -23.82 -24.82
C HIS F 78 -41.48 -25.19 -25.49
N PHE F 79 -40.53 -25.99 -25.01
CA PHE F 79 -40.24 -27.36 -25.53
C PHE F 79 -41.40 -28.30 -25.22
N LEU F 80 -41.88 -28.29 -23.97
CA LEU F 80 -42.93 -29.21 -23.45
C LEU F 80 -44.32 -28.76 -23.92
N ASN F 81 -44.49 -27.49 -24.30
CA ASN F 81 -45.79 -26.93 -24.78
C ASN F 81 -46.18 -27.56 -26.12
N ASP F 82 -45.21 -28.09 -26.87
CA ASP F 82 -45.44 -28.90 -28.10
C ASP F 82 -45.93 -30.28 -27.70
N PRO F 83 -47.17 -30.68 -28.08
CA PRO F 83 -47.69 -32.02 -27.75
C PRO F 83 -46.81 -33.17 -28.25
N ASP F 84 -46.18 -33.01 -29.41
CA ASP F 84 -45.33 -34.03 -30.08
C ASP F 84 -44.08 -34.30 -29.24
N ASN F 85 -43.48 -33.26 -28.65
CA ASN F 85 -42.30 -33.36 -27.75
C ASN F 85 -42.73 -33.98 -26.41
N ARG F 86 -43.76 -33.39 -25.79
CA ARG F 86 -44.28 -33.72 -24.44
C ARG F 86 -44.49 -35.23 -24.28
N LYS F 87 -45.19 -35.86 -25.24
CA LYS F 87 -45.67 -37.27 -25.16
C LYS F 87 -44.49 -38.23 -25.02
N HIS F 88 -43.29 -37.86 -25.51
CA HIS F 88 -42.09 -38.73 -25.57
C HIS F 88 -41.27 -38.66 -24.28
N CYS F 89 -41.66 -37.83 -23.30
CA CYS F 89 -40.97 -37.73 -21.98
C CYS F 89 -41.32 -38.94 -21.11
N LEU F 90 -40.32 -39.76 -20.78
CA LEU F 90 -40.45 -40.95 -19.90
C LEU F 90 -40.40 -40.51 -18.43
N GLY F 91 -39.42 -39.66 -18.09
CA GLY F 91 -39.22 -39.13 -16.73
C GLY F 91 -38.45 -37.82 -16.74
N VAL F 92 -38.20 -37.25 -15.56
CA VAL F 92 -37.49 -35.93 -15.41
C VAL F 92 -36.44 -36.07 -14.30
N ILE F 93 -35.23 -35.55 -14.55
CA ILE F 93 -34.15 -35.34 -13.55
C ILE F 93 -33.92 -33.82 -13.45
N SER F 94 -33.97 -33.27 -12.25
CA SER F 94 -33.80 -31.82 -11.99
C SER F 94 -32.49 -31.57 -11.24
N SER F 95 -31.84 -30.44 -11.53
CA SER F 95 -30.62 -29.99 -10.81
C SER F 95 -30.88 -28.62 -10.16
N GLY F 96 -29.94 -28.21 -9.32
CA GLY F 96 -29.96 -26.91 -8.63
C GLY F 96 -28.88 -26.87 -7.57
N ASN F 97 -29.25 -26.39 -6.39
CA ASN F 97 -28.31 -26.17 -5.26
C ASN F 97 -29.14 -26.20 -3.96
N THR F 98 -28.74 -27.04 -3.00
CA THR F 98 -29.43 -27.25 -1.70
C THR F 98 -29.52 -25.93 -0.92
N ASN F 99 -28.65 -24.95 -1.21
CA ASN F 99 -28.63 -23.63 -0.55
C ASN F 99 -29.92 -22.85 -0.85
N PHE F 100 -30.73 -23.28 -1.83
CA PHE F 100 -32.05 -22.67 -2.16
C PHE F 100 -33.17 -23.27 -1.30
N GLY F 101 -32.84 -24.19 -0.39
CA GLY F 101 -33.76 -24.72 0.63
C GLY F 101 -34.99 -25.40 0.03
N ASP F 102 -36.18 -24.85 0.30
CA ASP F 102 -37.49 -25.38 -0.18
C ASP F 102 -37.56 -25.34 -1.70
N SER F 103 -36.74 -24.50 -2.35
CA SER F 103 -36.70 -24.30 -3.82
C SER F 103 -35.65 -25.22 -4.47
N PHE F 104 -34.90 -26.02 -3.70
CA PHE F 104 -33.85 -26.92 -4.25
C PHE F 104 -34.47 -27.83 -5.32
N ALA F 105 -34.05 -27.64 -6.57
CA ALA F 105 -34.30 -28.54 -7.72
C ALA F 105 -35.81 -28.71 -7.98
N ILE F 106 -36.64 -27.72 -7.63
CA ILE F 106 -38.13 -27.82 -7.69
C ILE F 106 -38.61 -27.87 -9.15
N ALA F 107 -37.76 -27.53 -10.12
CA ALA F 107 -38.04 -27.68 -11.56
C ALA F 107 -38.56 -29.09 -11.84
N GLY F 108 -37.97 -30.10 -11.20
CA GLY F 108 -38.34 -31.53 -11.33
C GLY F 108 -39.78 -31.77 -10.87
N PRO F 109 -40.07 -31.64 -9.55
CA PRO F 109 -41.44 -31.75 -9.04
C PRO F 109 -42.50 -31.04 -9.89
N VAL F 110 -42.23 -29.79 -10.31
CA VAL F 110 -43.16 -28.96 -11.14
C VAL F 110 -43.45 -29.72 -12.45
N ILE F 111 -42.39 -30.07 -13.20
CA ILE F 111 -42.49 -30.82 -14.49
C ILE F 111 -43.19 -32.16 -14.23
N SER F 112 -42.74 -32.90 -13.21
CA SER F 112 -43.26 -34.23 -12.80
C SER F 112 -44.79 -34.18 -12.64
N TYR F 113 -45.31 -33.11 -12.04
CA TYR F 113 -46.77 -32.89 -11.81
C TYR F 113 -47.46 -32.51 -13.11
N LYS F 114 -46.83 -31.61 -13.89
CA LYS F 114 -47.41 -31.02 -15.12
C LYS F 114 -47.54 -32.10 -16.22
N LEU F 115 -46.56 -33.01 -16.31
CA LEU F 115 -46.48 -34.07 -17.35
C LEU F 115 -47.05 -35.40 -16.84
N LYS F 116 -47.19 -35.57 -15.53
CA LYS F 116 -47.62 -36.83 -14.85
C LYS F 116 -46.59 -37.93 -15.16
N VAL F 117 -45.30 -37.63 -14.95
CA VAL F 117 -44.16 -38.56 -15.16
C VAL F 117 -43.33 -38.61 -13.88
N PRO F 118 -42.57 -39.70 -13.62
CA PRO F 118 -41.78 -39.81 -12.40
C PRO F 118 -40.61 -38.81 -12.35
N LEU F 119 -40.41 -38.21 -11.17
CA LEU F 119 -39.15 -37.49 -10.80
C LEU F 119 -38.10 -38.54 -10.46
N LEU F 120 -37.17 -38.80 -11.39
CA LEU F 120 -36.24 -39.96 -11.35
C LEU F 120 -35.06 -39.67 -10.41
N TYR F 121 -34.58 -38.43 -10.35
CA TYR F 121 -33.34 -38.06 -9.62
C TYR F 121 -33.26 -36.55 -9.41
N GLN F 122 -32.42 -36.14 -8.44
CA GLN F 122 -32.05 -34.73 -8.16
C GLN F 122 -30.55 -34.67 -7.87
N PHE F 123 -29.84 -33.71 -8.46
CA PHE F 123 -28.37 -33.51 -8.27
C PHE F 123 -28.06 -32.02 -8.24
N GLU F 124 -26.79 -31.69 -7.98
CA GLU F 124 -26.29 -30.30 -7.85
C GLU F 124 -25.22 -30.02 -8.91
N LEU F 125 -25.26 -28.83 -9.51
CA LEU F 125 -24.14 -28.24 -10.30
C LEU F 125 -23.73 -29.21 -11.42
N ILE F 126 -22.47 -29.66 -11.47
CA ILE F 126 -21.93 -30.52 -12.57
C ILE F 126 -22.03 -32.01 -12.17
N GLY F 127 -22.50 -32.29 -10.94
CA GLY F 127 -22.70 -33.66 -10.45
C GLY F 127 -21.41 -34.28 -9.95
N THR F 128 -21.51 -35.23 -9.02
CA THR F 128 -20.39 -36.03 -8.46
C THR F 128 -20.27 -37.35 -9.23
N LYS F 129 -19.19 -38.11 -8.98
CA LYS F 129 -18.99 -39.49 -9.51
C LYS F 129 -20.22 -40.35 -9.21
N GLU F 130 -20.75 -40.24 -7.98
CA GLU F 130 -21.92 -41.01 -7.49
C GLU F 130 -23.17 -40.67 -8.33
N ASP F 131 -23.32 -39.39 -8.73
CA ASP F 131 -24.47 -38.89 -9.54
C ASP F 131 -24.41 -39.50 -10.95
N VAL F 132 -23.22 -39.59 -11.55
CA VAL F 132 -23.00 -40.14 -12.91
C VAL F 132 -23.40 -41.61 -12.93
N GLU F 133 -22.90 -42.39 -11.97
CA GLU F 133 -23.16 -43.85 -11.80
C GLU F 133 -24.67 -44.09 -11.63
N GLU F 134 -25.31 -43.35 -10.72
CA GLU F 134 -26.73 -43.53 -10.33
C GLU F 134 -27.66 -43.14 -11.49
N VAL F 135 -27.36 -42.05 -12.19
CA VAL F 135 -28.21 -41.52 -13.31
C VAL F 135 -28.09 -42.46 -14.52
N ASN F 136 -26.89 -42.99 -14.79
CA ASN F 136 -26.65 -44.00 -15.86
C ASN F 136 -27.52 -45.23 -15.60
N ARG F 137 -27.57 -45.69 -14.34
CA ARG F 137 -28.36 -46.88 -13.90
C ARG F 137 -29.86 -46.57 -14.06
N ILE F 138 -30.33 -45.43 -13.54
CA ILE F 138 -31.77 -45.04 -13.49
C ILE F 138 -32.29 -44.83 -14.92
N ILE F 139 -31.47 -44.29 -15.82
CA ILE F 139 -31.83 -44.05 -17.26
C ILE F 139 -32.04 -45.41 -17.95
N SER F 140 -31.20 -46.40 -17.65
CA SER F 140 -31.29 -47.79 -18.18
C SER F 140 -32.60 -48.44 -17.72
N GLU F 141 -32.90 -48.35 -16.41
CA GLU F 141 -34.12 -48.92 -15.77
C GLU F 141 -35.38 -48.27 -16.35
N THR F 142 -35.30 -46.99 -16.73
CA THR F 142 -36.42 -46.20 -17.32
C THR F 142 -36.64 -46.65 -18.78
N PHE F 143 -35.59 -47.13 -19.45
CA PHE F 143 -35.62 -47.58 -20.87
C PHE F 143 -35.63 -49.11 -20.95
N ASN F 144 -36.37 -49.77 -20.06
CA ASN F 144 -36.55 -51.24 -20.01
C ASN F 144 -38.03 -51.58 -19.85
N LYS G 7 35.21 7.93 53.04
CA LYS G 7 33.83 7.66 52.53
C LYS G 7 33.88 7.20 51.08
N GLU G 8 33.03 6.24 50.70
CA GLU G 8 32.97 5.64 49.34
C GLU G 8 32.57 6.74 48.34
N LEU G 9 33.24 6.77 47.18
CA LEU G 9 33.01 7.77 46.11
C LEU G 9 33.28 7.15 44.74
N ILE G 10 32.37 7.38 43.79
CA ILE G 10 32.52 7.01 42.36
C ILE G 10 32.74 8.30 41.57
N VAL G 11 33.73 8.30 40.67
CA VAL G 11 33.84 9.26 39.54
C VAL G 11 33.49 8.46 38.28
N TYR G 12 32.60 8.98 37.45
CA TYR G 12 32.13 8.26 36.24
C TYR G 12 32.05 9.23 35.07
N PHE G 13 32.06 8.65 33.87
CA PHE G 13 31.74 9.32 32.60
C PHE G 13 30.60 8.56 31.93
N SER G 14 29.73 9.32 31.26
CA SER G 14 28.58 8.80 30.47
C SER G 14 28.31 9.79 29.34
N THR G 15 28.19 9.33 28.10
CA THR G 15 27.80 10.19 26.95
C THR G 15 26.31 10.51 27.08
N GLN G 16 25.74 11.13 26.05
CA GLN G 16 24.31 11.56 25.98
C GLN G 16 23.39 10.35 26.13
N SER G 17 23.86 9.13 25.81
CA SER G 17 23.05 7.88 25.88
C SER G 17 22.80 7.48 27.34
N ASN G 18 23.63 7.95 28.28
CA ASN G 18 23.39 7.87 29.76
C ASN G 18 23.28 6.42 30.25
N ASN G 19 23.90 5.44 29.58
CA ASN G 19 23.88 4.03 30.04
C ASN G 19 24.66 3.90 31.35
N THR G 20 25.89 4.42 31.38
CA THR G 20 26.81 4.36 32.54
C THR G 20 26.22 5.19 33.69
N HIS G 21 25.66 6.35 33.38
CA HIS G 21 24.94 7.24 34.34
C HIS G 21 23.88 6.40 35.08
N ARG G 22 23.08 5.61 34.35
CA ARG G 22 21.94 4.87 34.93
C ARG G 22 22.46 3.71 35.79
N PHE G 23 23.53 3.03 35.35
CA PHE G 23 24.19 1.97 36.15
C PHE G 23 24.67 2.59 37.47
N VAL G 24 25.39 3.71 37.40
CA VAL G 24 26.04 4.35 38.58
C VAL G 24 24.96 4.80 39.59
N GLN G 25 23.84 5.37 39.11
CA GLN G 25 22.75 5.89 39.98
C GLN G 25 22.07 4.72 40.72
N LYS G 26 22.25 3.48 40.27
CA LYS G 26 21.72 2.27 40.95
C LYS G 26 22.65 1.83 42.09
N LEU G 27 23.90 2.31 42.13
CA LEU G 27 24.91 1.92 43.15
C LEU G 27 24.70 2.72 44.43
N ASP G 28 25.21 2.22 45.56
CA ASP G 28 25.02 2.81 46.91
C ASP G 28 25.89 4.07 47.07
N ALA G 29 27.17 4.01 46.67
CA ALA G 29 28.18 5.07 46.89
C ALA G 29 27.76 6.34 46.15
N GLU G 30 28.09 7.50 46.72
CA GLU G 30 27.96 8.84 46.10
C GLU G 30 28.79 8.87 44.80
N SER G 31 28.34 9.61 43.79
CA SER G 31 28.96 9.67 42.45
C SER G 31 29.15 11.13 42.00
N ILE G 32 30.23 11.40 41.25
CA ILE G 32 30.51 12.68 40.57
C ILE G 32 30.71 12.40 39.08
N ARG G 33 30.11 13.22 38.20
CA ARG G 33 30.12 13.01 36.73
C ARG G 33 31.19 13.90 36.09
N ILE G 34 32.09 13.30 35.30
CA ILE G 34 33.02 14.03 34.40
C ILE G 34 32.17 14.69 33.31
N PRO G 35 32.30 16.02 33.06
CA PRO G 35 31.46 16.71 32.09
C PRO G 35 31.62 16.19 30.66
N ILE G 36 30.53 16.13 29.90
CA ILE G 36 30.53 15.80 28.44
C ILE G 36 31.22 16.93 27.69
N ASP G 37 30.92 18.19 28.04
CA ASP G 37 31.49 19.41 27.43
C ASP G 37 33.01 19.39 27.63
N GLU G 38 33.79 19.37 26.54
CA GLU G 38 35.26 19.24 26.58
C GLU G 38 35.90 20.57 27.04
N GLU G 39 35.11 21.65 27.10
CA GLU G 39 35.54 22.98 27.62
C GLU G 39 35.41 23.02 29.15
N GLU G 40 34.76 22.02 29.76
CA GLU G 40 34.52 21.94 31.22
C GLU G 40 35.40 20.83 31.83
N ARG G 41 35.90 21.06 33.04
CA ARG G 41 36.72 20.08 33.82
C ARG G 41 36.21 20.06 35.27
N ILE G 42 36.56 19.02 36.02
CA ILE G 42 36.25 18.91 37.48
C ILE G 42 37.54 18.61 38.24
N LYS G 43 37.59 19.04 39.51
CA LYS G 43 38.68 18.74 40.48
C LYS G 43 38.07 17.85 41.57
N VAL G 44 38.69 16.69 41.82
CA VAL G 44 38.26 15.69 42.86
C VAL G 44 39.42 15.50 43.84
N ASP G 45 39.20 15.85 45.12
CA ASP G 45 40.25 15.90 46.18
C ASP G 45 40.04 14.77 47.19
N GLU G 46 39.28 13.72 46.80
CA GLU G 46 38.97 12.53 47.64
C GLU G 46 39.20 11.27 46.81
N ASP G 47 39.50 10.14 47.45
CA ASP G 47 39.73 8.83 46.80
C ASP G 47 38.43 8.36 46.12
N TYR G 48 38.54 7.78 44.93
CA TYR G 48 37.37 7.35 44.11
C TYR G 48 37.69 6.07 43.32
N VAL G 49 36.65 5.33 42.97
CA VAL G 49 36.65 4.28 41.90
C VAL G 49 36.12 4.94 40.62
N LEU G 50 36.85 4.77 39.51
CA LEU G 50 36.49 5.35 38.17
C LEU G 50 35.64 4.33 37.41
N ILE G 51 34.48 4.75 36.89
CA ILE G 51 33.56 3.90 36.06
C ILE G 51 33.34 4.61 34.72
N VAL G 52 33.73 3.98 33.62
CA VAL G 52 33.79 4.62 32.27
C VAL G 52 33.38 3.61 31.20
N PRO G 53 32.67 4.07 30.14
CA PRO G 53 32.40 3.24 28.97
C PRO G 53 33.55 3.27 27.96
N THR G 54 33.52 2.35 27.00
CA THR G 54 34.54 2.17 25.94
C THR G 54 33.98 2.68 24.62
N TYR G 55 34.79 3.39 23.82
CA TYR G 55 34.37 3.97 22.52
C TYR G 55 35.47 3.83 21.46
N SER G 56 36.16 2.69 21.40
CA SER G 56 37.19 2.39 20.36
C SER G 56 36.52 1.98 19.06
N GLY G 57 35.44 1.19 19.17
CA GLY G 57 34.54 0.83 18.05
C GLY G 57 34.97 -0.45 17.35
N GLY G 58 35.82 -1.26 17.99
CA GLY G 58 36.25 -2.59 17.51
C GLY G 58 37.25 -2.48 16.37
N LYS G 59 38.05 -1.41 16.34
CA LYS G 59 39.13 -1.20 15.34
C LYS G 59 40.28 -2.18 15.61
N VAL G 60 40.99 -2.61 14.57
CA VAL G 60 42.14 -3.56 14.65
C VAL G 60 43.37 -2.90 14.00
N VAL G 66 44.26 -5.20 18.06
CA VAL G 66 43.29 -4.29 18.74
C VAL G 66 43.86 -2.87 18.72
N ASP G 67 43.21 -1.97 17.96
CA ASP G 67 43.49 -0.50 17.98
C ASP G 67 42.74 0.10 19.16
N ALA G 68 43.45 0.40 20.26
CA ALA G 68 42.91 0.90 21.53
C ALA G 68 42.75 2.44 21.49
N HIS G 69 43.04 3.08 20.35
CA HIS G 69 42.85 4.54 20.12
C HIS G 69 41.36 4.87 20.30
N GLY G 70 41.06 5.83 21.19
CA GLY G 70 39.69 6.30 21.47
C GLY G 70 38.89 5.30 22.29
N ALA G 71 39.54 4.27 22.84
CA ALA G 71 38.91 3.34 23.80
C ALA G 71 38.43 4.16 25.00
N VAL G 72 39.30 5.02 25.54
CA VAL G 72 39.00 5.93 26.68
C VAL G 72 38.45 7.23 26.11
N PRO G 73 37.22 7.65 26.50
CA PRO G 73 36.70 8.95 26.07
C PRO G 73 37.66 10.09 26.41
N LYS G 74 37.80 11.07 25.51
CA LYS G 74 38.71 12.24 25.63
C LYS G 74 38.49 12.95 26.98
N GLN G 75 37.24 13.04 27.44
CA GLN G 75 36.87 13.76 28.68
C GLN G 75 37.50 13.05 29.89
N VAL G 76 37.58 11.71 29.84
CA VAL G 76 38.20 10.88 30.91
C VAL G 76 39.73 11.11 30.88
N ILE G 77 40.32 11.20 29.70
CA ILE G 77 41.78 11.47 29.53
C ILE G 77 42.08 12.85 30.14
N HIS G 78 41.29 13.87 29.80
CA HIS G 78 41.43 15.25 30.33
C HIS G 78 41.36 15.22 31.86
N PHE G 79 40.41 14.47 32.42
CA PHE G 79 40.20 14.32 33.88
C PHE G 79 41.47 13.74 34.53
N LEU G 80 41.98 12.63 33.99
CA LEU G 80 43.14 11.90 34.56
C LEU G 80 44.46 12.65 34.29
N ASN G 81 44.50 13.53 33.29
CA ASN G 81 45.71 14.31 32.92
C ASN G 81 46.07 15.28 34.05
N ASP G 82 45.09 15.71 34.85
CA ASP G 82 45.30 16.52 36.08
C ASP G 82 45.92 15.63 37.15
N PRO G 83 47.19 15.86 37.55
CA PRO G 83 47.84 15.03 38.56
C PRO G 83 47.07 14.90 39.88
N ASP G 84 46.39 15.97 40.30
CA ASP G 84 45.62 16.03 41.57
C ASP G 84 44.42 15.09 41.50
N ASN G 85 43.79 14.96 40.33
CA ASN G 85 42.68 14.00 40.08
C ASN G 85 43.25 12.58 40.05
N ARG G 86 44.32 12.39 39.28
CA ARG G 86 44.94 11.07 38.96
C ARG G 86 45.29 10.29 40.25
N LYS G 87 45.95 10.97 41.21
CA LYS G 87 46.51 10.35 42.43
C LYS G 87 45.40 9.75 43.31
N HIS G 88 44.14 10.17 43.13
CA HIS G 88 42.99 9.78 43.98
C HIS G 88 42.28 8.54 43.44
N CYS G 89 42.65 8.03 42.25
CA CYS G 89 42.03 6.82 41.65
C CYS G 89 42.54 5.55 42.34
N LEU G 90 41.61 4.76 42.92
CA LEU G 90 41.89 3.50 43.65
C LEU G 90 41.77 2.30 42.70
N GLY G 91 41.07 2.47 41.57
CA GLY G 91 40.82 1.39 40.61
C GLY G 91 39.81 1.81 39.56
N VAL G 92 39.66 1.01 38.52
CA VAL G 92 38.80 1.36 37.34
C VAL G 92 37.82 0.21 37.08
N ILE G 93 36.56 0.58 36.79
CA ILE G 93 35.51 -0.33 36.26
C ILE G 93 35.16 0.20 34.87
N SER G 94 35.16 -0.67 33.86
CA SER G 94 34.89 -0.29 32.46
C SER G 94 33.63 -1.00 31.97
N SER G 95 32.89 -0.36 31.07
CA SER G 95 31.68 -0.95 30.44
C SER G 95 31.86 -0.97 28.93
N GLY G 96 30.93 -1.63 28.26
CA GLY G 96 30.87 -1.71 26.79
C GLY G 96 29.86 -2.74 26.36
N ASN G 97 30.23 -3.56 25.38
CA ASN G 97 29.36 -4.60 24.80
C ASN G 97 30.28 -5.69 24.26
N THR G 98 30.02 -6.94 24.64
CA THR G 98 30.83 -8.14 24.26
C THR G 98 30.84 -8.31 22.74
N ASN G 99 29.88 -7.72 22.01
CA ASN G 99 29.80 -7.82 20.53
C ASN G 99 30.99 -7.09 19.88
N PHE G 100 31.74 -6.28 20.64
CA PHE G 100 32.98 -5.60 20.17
C PHE G 100 34.19 -6.55 20.28
N GLY G 101 33.98 -7.77 20.79
CA GLY G 101 34.98 -8.86 20.79
C GLY G 101 36.22 -8.51 21.59
N ASP G 102 37.38 -8.44 20.93
CA ASP G 102 38.71 -8.17 21.55
C ASP G 102 38.75 -6.75 22.11
N SER G 103 37.84 -5.86 21.67
CA SER G 103 37.76 -4.46 22.12
C SER G 103 36.70 -4.27 23.20
N PHE G 104 36.07 -5.36 23.69
CA PHE G 104 35.06 -5.31 24.78
C PHE G 104 35.67 -4.68 26.03
N ALA G 105 35.11 -3.54 26.45
CA ALA G 105 35.35 -2.87 27.75
C ALA G 105 36.84 -2.49 27.93
N ILE G 106 37.58 -2.28 26.84
CA ILE G 106 39.07 -2.14 26.89
C ILE G 106 39.49 -0.78 27.45
N ALA G 107 38.57 0.18 27.64
CA ALA G 107 38.85 1.44 28.36
C ALA G 107 39.43 1.12 29.75
N GLY G 108 38.95 0.03 30.37
CA GLY G 108 39.39 -0.44 31.70
C GLY G 108 40.87 -0.81 31.71
N PRO G 109 41.28 -1.86 30.97
CA PRO G 109 42.69 -2.21 30.80
C PRO G 109 43.62 -1.04 30.47
N VAL G 110 43.20 -0.14 29.57
CA VAL G 110 44.02 1.03 29.15
C VAL G 110 44.26 1.94 30.36
N ILE G 111 43.22 2.31 31.09
CA ILE G 111 43.31 3.18 32.31
C ILE G 111 44.10 2.43 33.40
N SER G 112 43.84 1.13 33.57
CA SER G 112 44.59 0.23 34.50
C SER G 112 46.09 0.35 34.21
N TYR G 113 46.48 0.21 32.93
CA TYR G 113 47.88 0.31 32.43
C TYR G 113 48.44 1.71 32.67
N LYS G 114 47.70 2.76 32.31
CA LYS G 114 48.17 4.18 32.40
C LYS G 114 48.41 4.57 33.87
N LEU G 115 47.54 4.14 34.80
CA LEU G 115 47.53 4.59 36.22
C LEU G 115 48.28 3.60 37.13
N LYS G 116 48.47 2.35 36.67
CA LYS G 116 49.05 1.24 37.49
C LYS G 116 48.12 0.99 38.68
N VAL G 117 46.81 0.96 38.44
CA VAL G 117 45.75 0.63 39.45
C VAL G 117 44.98 -0.58 38.93
N PRO G 118 44.31 -1.35 39.81
CA PRO G 118 43.61 -2.56 39.38
C PRO G 118 42.37 -2.28 38.53
N LEU G 119 42.13 -3.15 37.54
CA LEU G 119 40.83 -3.31 36.85
C LEU G 119 39.91 -4.12 37.77
N LEU G 120 38.91 -3.48 38.36
CA LEU G 120 38.06 -4.04 39.46
C LEU G 120 36.92 -4.88 38.89
N TYR G 121 36.35 -4.49 37.74
CA TYR G 121 35.13 -5.14 37.16
C TYR G 121 34.92 -4.65 35.72
N GLN G 122 34.18 -5.44 34.93
CA GLN G 122 33.68 -5.07 33.57
C GLN G 122 32.20 -5.44 33.48
N PHE G 123 31.37 -4.56 32.90
CA PHE G 123 29.92 -4.80 32.71
C PHE G 123 29.48 -4.27 31.34
N GLU G 124 28.20 -4.48 31.01
CA GLU G 124 27.60 -4.07 29.71
C GLU G 124 26.44 -3.09 29.97
N LEU G 125 26.38 -2.03 29.14
CA LEU G 125 25.18 -1.17 28.97
C LEU G 125 24.78 -0.58 30.32
N ILE G 126 23.53 -0.81 30.80
CA ILE G 126 23.01 -0.19 32.05
C ILE G 126 23.24 -1.15 33.23
N GLY G 127 23.77 -2.36 32.98
CA GLY G 127 24.12 -3.35 34.01
C GLY G 127 22.92 -4.18 34.46
N THR G 128 23.18 -5.38 34.97
CA THR G 128 22.19 -6.33 35.53
C THR G 128 22.11 -6.12 37.06
N LYS G 129 21.15 -6.78 37.72
CA LYS G 129 21.03 -6.85 39.20
C LYS G 129 22.34 -7.39 39.78
N GLU G 130 22.89 -8.45 39.17
CA GLU G 130 24.15 -9.12 39.60
C GLU G 130 25.31 -8.12 39.55
N ASP G 131 25.37 -7.27 38.52
CA ASP G 131 26.43 -6.23 38.34
C ASP G 131 26.36 -5.21 39.46
N VAL G 132 25.16 -4.74 39.80
CA VAL G 132 24.91 -3.72 40.88
C VAL G 132 25.43 -4.29 42.20
N GLU G 133 25.03 -5.53 42.54
CA GLU G 133 25.45 -6.25 43.77
C GLU G 133 26.98 -6.36 43.81
N GLU G 134 27.60 -6.89 42.75
CA GLU G 134 29.06 -7.15 42.65
C GLU G 134 29.84 -5.84 42.82
N VAL G 135 29.42 -4.77 42.12
CA VAL G 135 30.15 -3.45 42.12
C VAL G 135 30.03 -2.81 43.50
N ASN G 136 28.86 -2.89 44.14
CA ASN G 136 28.64 -2.38 45.52
C ASN G 136 29.65 -3.04 46.47
N ARG G 137 29.76 -4.37 46.42
CA ARG G 137 30.70 -5.18 47.23
C ARG G 137 32.14 -4.75 46.94
N ILE G 138 32.52 -4.71 45.66
CA ILE G 138 33.90 -4.42 45.19
C ILE G 138 34.32 -3.00 45.63
N ILE G 139 33.41 -2.02 45.55
CA ILE G 139 33.69 -0.62 45.99
C ILE G 139 33.90 -0.60 47.51
N SER G 140 33.07 -1.33 48.26
CA SER G 140 33.16 -1.46 49.75
C SER G 140 34.51 -2.07 50.14
N GLU G 141 34.97 -3.10 49.42
CA GLU G 141 36.27 -3.78 49.65
C GLU G 141 37.43 -2.83 49.31
N THR G 142 37.30 -2.03 48.25
CA THR G 142 38.36 -1.12 47.75
C THR G 142 38.61 0.00 48.79
N PHE G 143 37.57 0.47 49.48
CA PHE G 143 37.64 1.60 50.45
C PHE G 143 37.96 1.06 51.86
N ASN G 144 37.56 -0.17 52.17
CA ASN G 144 37.89 -0.90 53.42
C ASN G 144 39.05 -1.88 53.14
N GLU H 8 -36.00 37.92 20.88
CA GLU H 8 -35.23 38.06 22.16
C GLU H 8 -34.72 36.69 22.63
N LEU H 9 -35.49 35.61 22.42
CA LEU H 9 -35.08 34.21 22.76
C LEU H 9 -35.47 33.23 21.64
N ILE H 10 -34.66 32.19 21.45
CA ILE H 10 -34.91 31.03 20.54
C ILE H 10 -34.82 29.73 21.36
N VAL H 11 -35.67 28.75 21.06
CA VAL H 11 -35.47 27.32 21.45
C VAL H 11 -35.29 26.52 20.15
N TYR H 12 -34.29 25.64 20.10
CA TYR H 12 -33.95 24.86 18.87
C TYR H 12 -33.55 23.43 19.23
N PHE H 13 -33.67 22.54 18.24
CA PHE H 13 -33.10 21.18 18.23
C PHE H 13 -32.10 21.07 17.09
N SER H 14 -31.08 20.24 17.27
CA SER H 14 -30.03 19.93 16.29
C SER H 14 -29.41 18.58 16.65
N THR H 15 -29.31 17.65 15.68
CA THR H 15 -28.66 16.33 15.88
C THR H 15 -27.14 16.54 15.95
N GLN H 16 -26.37 15.46 15.91
CA GLN H 16 -24.88 15.45 15.98
C GLN H 16 -24.28 16.22 14.80
N SER H 17 -24.99 16.33 13.67
CA SER H 17 -24.51 17.02 12.44
C SER H 17 -24.46 18.54 12.68
N ASN H 18 -25.21 19.06 13.65
CA ASN H 18 -25.11 20.46 14.17
C ASN H 18 -25.39 21.50 13.06
N ASN H 19 -26.18 21.17 12.03
CA ASN H 19 -26.53 22.11 10.94
C ASN H 19 -27.40 23.24 11.49
N THR H 20 -28.45 22.89 12.22
CA THR H 20 -29.44 23.83 12.82
C THR H 20 -28.72 24.66 13.91
N HIS H 21 -27.87 24.01 14.71
CA HIS H 21 -27.02 24.66 15.75
C HIS H 21 -26.26 25.84 15.14
N ARG H 22 -25.53 25.60 14.04
CA ARG H 22 -24.64 26.61 13.41
C ARG H 22 -25.46 27.77 12.84
N PHE H 23 -26.65 27.49 12.28
CA PHE H 23 -27.58 28.55 11.79
C PHE H 23 -27.99 29.46 12.95
N VAL H 24 -28.46 28.87 14.06
CA VAL H 24 -28.99 29.59 15.26
C VAL H 24 -27.88 30.48 15.86
N GLN H 25 -26.62 30.02 15.83
CA GLN H 25 -25.45 30.73 16.44
C GLN H 25 -25.08 31.94 15.59
N LYS H 26 -25.53 32.00 14.32
CA LYS H 26 -25.31 33.16 13.41
C LYS H 26 -26.35 34.25 13.67
N LEU H 27 -27.50 33.90 14.26
CA LEU H 27 -28.60 34.85 14.58
C LEU H 27 -28.22 35.68 15.82
N ASP H 28 -28.90 36.81 16.02
CA ASP H 28 -28.61 37.79 17.10
C ASP H 28 -29.18 37.29 18.43
N ALA H 29 -30.45 36.84 18.43
CA ALA H 29 -31.23 36.46 19.63
C ALA H 29 -30.52 35.35 20.42
N GLU H 30 -30.72 35.32 21.74
CA GLU H 30 -30.26 34.25 22.66
C GLU H 30 -31.00 32.95 22.30
N SER H 31 -30.42 31.79 22.60
CA SER H 31 -30.95 30.46 22.21
C SER H 31 -30.70 29.42 23.30
N ILE H 32 -31.66 28.49 23.49
CA ILE H 32 -31.55 27.29 24.36
C ILE H 32 -31.70 26.04 23.47
N ARG H 33 -30.84 25.04 23.67
CA ARG H 33 -30.80 23.80 22.85
C ARG H 33 -31.58 22.69 23.58
N ILE H 34 -32.53 22.07 22.88
CA ILE H 34 -33.23 20.83 23.34
C ILE H 34 -32.20 19.71 23.30
N PRO H 35 -32.02 18.92 24.39
CA PRO H 35 -30.99 17.88 24.44
C PRO H 35 -31.22 16.74 23.44
N ILE H 36 -30.13 16.26 22.81
CA ILE H 36 -30.14 15.08 21.89
C ILE H 36 -30.50 13.83 22.72
N ASP H 37 -29.96 13.72 23.93
CA ASP H 37 -30.17 12.56 24.84
C ASP H 37 -31.66 12.48 25.17
N GLU H 38 -32.29 11.32 24.88
CA GLU H 38 -33.74 11.06 25.07
C GLU H 38 -34.06 10.96 26.57
N GLU H 39 -33.03 10.77 27.40
CA GLU H 39 -33.16 10.63 28.88
C GLU H 39 -33.19 12.01 29.55
N GLU H 40 -32.94 13.09 28.78
CA GLU H 40 -32.81 14.48 29.30
C GLU H 40 -33.92 15.36 28.71
N ARG H 41 -34.48 16.25 29.54
CA ARG H 41 -35.52 17.25 29.16
C ARG H 41 -35.10 18.63 29.65
N ILE H 42 -35.76 19.69 29.19
CA ILE H 42 -35.54 21.09 29.64
C ILE H 42 -36.89 21.76 29.94
N LYS H 43 -36.84 22.88 30.67
CA LYS H 43 -38.00 23.72 31.03
C LYS H 43 -37.66 25.18 30.66
N VAL H 44 -38.52 25.82 29.85
CA VAL H 44 -38.35 27.23 29.40
C VAL H 44 -39.55 28.05 29.91
N ASP H 45 -39.28 29.23 30.50
CA ASP H 45 -40.27 30.10 31.19
C ASP H 45 -40.33 31.49 30.54
N GLU H 46 -39.62 31.70 29.42
CA GLU H 46 -39.64 32.94 28.61
C GLU H 46 -40.20 32.62 27.22
N ASP H 47 -40.78 33.61 26.54
CA ASP H 47 -41.36 33.47 25.17
C ASP H 47 -40.22 33.19 24.19
N TYR H 48 -40.42 32.24 23.26
CA TYR H 48 -39.39 31.73 22.32
C TYR H 48 -39.98 31.45 20.94
N VAL H 49 -39.15 31.63 19.90
CA VAL H 49 -39.37 31.12 18.51
C VAL H 49 -38.68 29.76 18.42
N LEU H 50 -39.39 28.72 17.97
CA LEU H 50 -38.90 27.32 17.85
C LEU H 50 -38.24 27.12 16.48
N ILE H 51 -37.02 26.59 16.44
CA ILE H 51 -36.26 26.30 15.18
C ILE H 51 -35.81 24.84 15.21
N VAL H 52 -36.38 24.00 14.34
CA VAL H 52 -36.17 22.51 14.35
C VAL H 52 -35.92 22.02 12.93
N PRO H 53 -35.08 20.97 12.75
CA PRO H 53 -34.92 20.28 11.48
C PRO H 53 -35.95 19.15 11.30
N THR H 54 -36.12 18.67 10.07
CA THR H 54 -37.10 17.62 9.69
C THR H 54 -36.38 16.29 9.51
N TYR H 55 -36.97 15.20 10.04
CA TYR H 55 -36.47 13.80 9.90
C TYR H 55 -37.68 12.86 9.72
N SER H 56 -38.06 12.62 8.46
CA SER H 56 -39.03 11.59 8.03
C SER H 56 -38.36 10.60 7.07
N GLY H 57 -37.58 11.12 6.10
CA GLY H 57 -36.68 10.33 5.23
C GLY H 57 -37.12 10.31 3.77
N GLY H 58 -38.30 10.87 3.46
CA GLY H 58 -38.88 10.90 2.11
C GLY H 58 -39.86 9.77 1.89
N ALA H 71 -41.44 12.86 11.24
CA ALA H 71 -41.12 14.20 10.67
C ALA H 71 -40.50 15.09 11.73
N VAL H 72 -41.15 15.21 12.90
CA VAL H 72 -40.66 15.99 14.08
C VAL H 72 -39.79 15.06 14.91
N PRO H 73 -38.52 15.43 15.20
CA PRO H 73 -37.65 14.60 16.05
C PRO H 73 -38.32 14.30 17.40
N LYS H 74 -38.13 13.07 17.91
CA LYS H 74 -38.77 12.57 19.15
C LYS H 74 -38.43 13.48 20.33
N GLN H 75 -37.27 14.16 20.28
CA GLN H 75 -36.80 15.10 21.34
C GLN H 75 -37.68 16.36 21.33
N VAL H 76 -38.05 16.84 20.14
CA VAL H 76 -38.88 18.08 19.96
C VAL H 76 -40.32 17.77 20.39
N ILE H 77 -40.83 16.57 20.10
CA ILE H 77 -42.17 16.09 20.54
C ILE H 77 -42.22 16.15 22.08
N HIS H 78 -41.22 15.57 22.74
CA HIS H 78 -41.11 15.48 24.22
C HIS H 78 -41.08 16.88 24.84
N PHE H 79 -40.34 17.82 24.24
CA PHE H 79 -40.25 19.23 24.70
C PHE H 79 -41.63 19.88 24.69
N LEU H 80 -42.38 19.69 23.59
CA LEU H 80 -43.73 20.31 23.37
C LEU H 80 -44.81 19.51 24.12
N ASN H 81 -44.53 18.25 24.47
CA ASN H 81 -45.43 17.37 25.26
C ASN H 81 -45.62 17.93 26.68
N ASP H 82 -44.73 18.83 27.12
CA ASP H 82 -44.81 19.56 28.42
C ASP H 82 -45.60 20.84 28.22
N PRO H 83 -46.81 20.98 28.83
CA PRO H 83 -47.62 22.18 28.68
C PRO H 83 -46.86 23.49 28.99
N ASP H 84 -46.05 23.49 30.06
CA ASP H 84 -45.29 24.68 30.54
C ASP H 84 -44.44 25.25 29.39
N ASN H 85 -43.79 24.38 28.62
CA ASN H 85 -42.93 24.74 27.46
C ASN H 85 -43.82 25.22 26.30
N ARG H 86 -44.82 24.41 25.94
CA ARG H 86 -45.77 24.63 24.81
C ARG H 86 -46.27 26.09 24.80
N LYS H 87 -46.67 26.62 25.96
CA LYS H 87 -47.43 27.90 26.10
C LYS H 87 -46.59 29.10 25.65
N HIS H 88 -45.26 28.97 25.62
CA HIS H 88 -44.30 30.10 25.42
C HIS H 88 -43.84 30.21 23.96
N CYS H 89 -44.36 29.38 23.05
CA CYS H 89 -43.97 29.37 21.62
C CYS H 89 -44.66 30.51 20.85
N LEU H 90 -43.89 31.49 20.37
CA LEU H 90 -44.37 32.65 19.56
C LEU H 90 -44.32 32.31 18.06
N GLY H 91 -43.76 31.15 17.68
CA GLY H 91 -43.65 30.73 16.27
C GLY H 91 -42.77 29.50 16.10
N VAL H 92 -42.79 28.91 14.91
CA VAL H 92 -41.91 27.77 14.50
C VAL H 92 -41.25 28.11 13.17
N ILE H 93 -39.94 27.89 13.07
CA ILE H 93 -39.12 27.93 11.82
C ILE H 93 -38.55 26.52 11.62
N SER H 94 -38.78 25.90 10.46
CA SER H 94 -38.33 24.53 10.14
C SER H 94 -37.22 24.57 9.10
N SER H 95 -36.37 23.53 9.11
CA SER H 95 -35.27 23.34 8.14
C SER H 95 -35.29 21.91 7.60
N GLY H 96 -34.49 21.67 6.57
CA GLY H 96 -34.33 20.35 5.94
C GLY H 96 -33.60 20.49 4.62
N ASN H 97 -34.12 19.85 3.58
CA ASN H 97 -33.48 19.81 2.23
C ASN H 97 -34.58 19.60 1.19
N THR H 98 -34.57 20.40 0.13
CA THR H 98 -35.60 20.40 -0.95
C THR H 98 -35.57 19.05 -1.69
N ASN H 99 -34.49 18.28 -1.58
CA ASN H 99 -34.36 16.95 -2.23
C ASN H 99 -35.37 15.95 -1.63
N PHE H 100 -35.97 16.26 -0.47
CA PHE H 100 -37.01 15.42 0.18
C PHE H 100 -38.39 15.73 -0.40
N GLY H 101 -38.47 16.68 -1.33
CA GLY H 101 -39.68 16.98 -2.14
C GLY H 101 -40.86 17.40 -1.27
N ASP H 102 -41.88 16.56 -1.20
CA ASP H 102 -43.14 16.82 -0.45
C ASP H 102 -42.83 16.93 1.05
N SER H 103 -41.78 16.23 1.51
CA SER H 103 -41.36 16.16 2.94
C SER H 103 -40.43 17.32 3.31
N PHE H 104 -40.09 18.22 2.38
CA PHE H 104 -39.13 19.34 2.63
C PHE H 104 -39.60 20.21 3.81
N ALA H 105 -38.81 20.24 4.88
CA ALA H 105 -38.95 21.16 6.05
C ALA H 105 -40.37 21.05 6.64
N ILE H 106 -41.02 19.90 6.50
CA ILE H 106 -42.47 19.70 6.80
C ILE H 106 -42.71 19.82 8.31
N ALA H 107 -41.67 19.60 9.13
CA ALA H 107 -41.69 19.79 10.60
C ALA H 107 -42.36 21.14 10.96
N GLY H 108 -42.15 22.17 10.15
CA GLY H 108 -42.69 23.53 10.36
C GLY H 108 -44.21 23.56 10.26
N PRO H 109 -44.79 23.40 9.04
CA PRO H 109 -46.24 23.32 8.88
C PRO H 109 -46.94 22.45 9.94
N VAL H 110 -46.34 21.31 10.28
CA VAL H 110 -46.91 20.27 11.19
C VAL H 110 -46.92 20.80 12.64
N ILE H 111 -46.09 21.81 12.95
CA ILE H 111 -46.04 22.48 14.29
C ILE H 111 -46.83 23.79 14.25
N SER H 112 -46.73 24.55 13.14
CA SER H 112 -47.44 25.84 12.93
C SER H 112 -48.96 25.60 12.85
N TYR H 113 -49.40 24.34 12.96
CA TYR H 113 -50.83 23.92 12.90
C TYR H 113 -51.30 23.44 14.28
N LYS H 114 -50.47 22.71 15.03
CA LYS H 114 -50.83 22.15 16.36
C LYS H 114 -50.80 23.26 17.43
N LEU H 115 -49.72 24.03 17.46
CA LEU H 115 -49.48 25.10 18.48
C LEU H 115 -50.28 26.35 18.10
N LYS H 116 -50.89 26.38 16.90
CA LYS H 116 -51.64 27.55 16.36
C LYS H 116 -50.73 28.78 16.45
N VAL H 117 -49.56 28.69 15.81
CA VAL H 117 -48.47 29.69 15.86
C VAL H 117 -47.94 29.86 14.44
N PRO H 118 -47.45 31.05 14.01
CA PRO H 118 -47.11 31.27 12.60
C PRO H 118 -45.84 30.52 12.15
N LEU H 119 -45.92 29.82 11.01
CA LEU H 119 -44.73 29.30 10.29
C LEU H 119 -43.97 30.50 9.72
N LEU H 120 -42.96 30.97 10.45
CA LEU H 120 -42.28 32.27 10.20
C LEU H 120 -41.30 32.14 9.02
N TYR H 121 -40.74 30.95 8.79
CA TYR H 121 -39.69 30.73 7.77
C TYR H 121 -39.42 29.24 7.55
N GLN H 122 -38.79 28.92 6.42
CA GLN H 122 -38.18 27.61 6.07
C GLN H 122 -36.79 27.88 5.48
N PHE H 123 -35.81 27.02 5.79
CA PHE H 123 -34.42 27.13 5.24
C PHE H 123 -33.80 25.73 5.11
N GLU H 124 -32.62 25.67 4.49
CA GLU H 124 -31.87 24.42 4.23
C GLU H 124 -30.55 24.46 5.00
N LEU H 125 -30.18 23.33 5.63
CA LEU H 125 -28.80 23.05 6.12
C LEU H 125 -28.38 24.12 7.15
N ILE H 126 -27.27 24.83 6.92
CA ILE H 126 -26.70 25.82 7.89
C ILE H 126 -27.22 27.22 7.57
N GLY H 127 -27.94 27.39 6.45
CA GLY H 127 -28.57 28.66 6.05
C GLY H 127 -27.62 29.56 5.27
N THR H 128 -28.17 30.46 4.46
CA THR H 128 -27.44 31.46 3.63
C THR H 128 -27.43 32.82 4.35
N LYS H 129 -26.65 33.77 3.81
CA LYS H 129 -26.64 35.20 4.20
C LYS H 129 -28.09 35.69 4.36
N GLU H 130 -28.90 35.51 3.30
CA GLU H 130 -30.32 35.96 3.21
C GLU H 130 -31.15 35.35 4.35
N ASP H 131 -30.97 34.06 4.63
CA ASP H 131 -31.71 33.31 5.67
C ASP H 131 -31.43 33.92 7.05
N VAL H 132 -30.16 34.22 7.34
CA VAL H 132 -29.70 34.87 8.61
C VAL H 132 -30.23 36.30 8.65
N GLU H 133 -30.06 37.05 7.56
CA GLU H 133 -30.50 38.47 7.40
C GLU H 133 -32.00 38.56 7.68
N GLU H 134 -32.80 37.69 7.04
CA GLU H 134 -34.27 37.64 7.17
C GLU H 134 -34.66 37.26 8.61
N VAL H 135 -34.43 36.00 9.01
CA VAL H 135 -34.84 35.45 10.34
C VAL H 135 -34.55 36.48 11.44
N ASN H 136 -33.41 37.19 11.36
CA ASN H 136 -33.02 38.25 12.33
C ASN H 136 -34.06 39.39 12.30
N ARG H 137 -34.45 39.85 11.10
CA ARG H 137 -35.55 40.84 10.90
C ARG H 137 -36.84 40.27 11.49
N ILE H 138 -37.17 39.02 11.16
CA ILE H 138 -38.46 38.35 11.53
C ILE H 138 -38.57 38.22 13.05
N ILE H 139 -37.53 37.73 13.75
CA ILE H 139 -37.60 37.47 15.22
C ILE H 139 -37.90 38.78 15.95
N SER H 140 -37.33 39.90 15.49
CA SER H 140 -37.60 41.27 15.99
C SER H 140 -39.01 41.69 15.57
N GLU H 141 -40.02 40.95 16.06
CA GLU H 141 -41.44 40.98 15.64
C GLU H 141 -42.16 39.92 16.48
N THR H 142 -42.88 38.99 15.86
CA THR H 142 -43.32 37.70 16.46
C THR H 142 -43.59 37.87 17.95
#